data_4M44
#
_entry.id   4M44
#
_cell.length_a   176.130
_cell.length_b   101.520
_cell.length_c   137.370
_cell.angle_alpha   90.00
_cell.angle_beta   115.22
_cell.angle_gamma   90.00
#
_symmetry.space_group_name_H-M   'C 1 2 1'
#
loop_
_entity.id
_entity.type
_entity.pdbx_description
1 polymer 'Hemagglutinin HA1'
2 polymer 'Hemagglutinin HA2'
3 branched 2-acetamido-2-deoxy-beta-D-glucopyranose-(1-4)-2-acetamido-2-deoxy-beta-D-glucopyranose
4 branched 'N-acetyl-alpha-neuraminic acid-(2-3)-beta-D-galactopyranose-(1-3)-2-acetamido-2-deoxy-beta-D-glucopyranose-(1-3)-beta-D-galactopyranose'
5 non-polymer 2-acetamido-2-deoxy-beta-D-glucopyranose
6 water water
#
loop_
_entity_poly.entity_id
_entity_poly.type
_entity_poly.pdbx_seq_one_letter_code
_entity_poly.pdbx_strand_id
1 'polypeptide(L)'
;DRICTGITSSNSPHVVKTATQGEVNVTGVIPLTTTPTKSHFANLKGTKTRGKLCPTCLNCTDLDVALGRPMCVGVTPSAK
ASILHEVRPVTSGCFPIMHDRTKIRQLPNLLRGYEKIRLSTQNVINAEKAPGGPYRLGTSGSCPNATSRSGFFATMAWAV
PKDNNKTATNPLTVEVPHICTKEEDQITVWGFHSDDKTQMKNLYGDSNPQKFTSSANGVTTHYVSQIGGFPDQTEDGGLP
QSGRIVVDYMVQKPGKTGTIVYQRGILLPQKVWCASGRSKVIKGSLPLIGEADCLHEKYGGLNKSKPYYTGEHAKAIGNC
PIWVKTPLKLANGTKYRPPAKLLKER
;
A,C,E
2 'polypeptide(L)'
;GFFGAIAGFLEGGWEGMIAGWHGYTSHGAHGVAVAADLKSTQEAINKITKNLNSLSELEVKNLQRLSGAMDELHNEILEL
DEKVDDLRADTISSQIELAVLLSNEGIINSEDEHLLALERKLKKMLGPSAVDIGNGCFETKHKCNQTCLDRIAAGTFNAG
EFSLPTFDSLNITAASGALVPR
;
B,D,F
#
# COMPACT_ATOMS: atom_id res chain seq x y z
N ASP A 1 -34.26 53.62 -15.43
CA ASP A 1 -33.94 52.29 -15.94
C ASP A 1 -33.59 51.33 -14.82
N ARG A 2 -33.52 50.05 -15.16
CA ARG A 2 -33.10 49.03 -14.20
C ARG A 2 -31.78 48.40 -14.65
N ILE A 3 -30.82 48.34 -13.73
CA ILE A 3 -29.51 47.78 -14.02
C ILE A 3 -29.23 46.59 -13.11
N CYS A 4 -28.79 45.48 -13.71
CA CYS A 4 -28.66 44.22 -12.98
C CYS A 4 -27.33 43.54 -13.23
N THR A 5 -26.93 42.71 -12.29
CA THR A 5 -25.78 41.82 -12.48
C THR A 5 -26.25 40.59 -13.25
N GLY A 6 -25.38 40.00 -14.07
CA GLY A 6 -25.76 38.84 -14.84
C GLY A 6 -24.61 37.94 -15.26
N ILE A 7 -24.97 36.73 -15.71
CA ILE A 7 -23.99 35.77 -16.16
C ILE A 7 -24.31 35.36 -17.60
N THR A 8 -23.27 35.15 -18.41
CA THR A 8 -23.44 34.80 -19.81
C THR A 8 -24.16 33.48 -20.04
N SER A 9 -24.61 33.29 -21.27
CA SER A 9 -25.19 32.02 -21.70
C SER A 9 -24.54 31.60 -23.02
N SER A 10 -24.04 30.38 -23.06
CA SER A 10 -23.36 29.85 -24.25
C SER A 10 -23.53 28.35 -24.30
N ASN A 11 -23.15 27.75 -25.42
CA ASN A 11 -23.18 26.31 -25.57
C ASN A 11 -22.37 25.65 -24.47
N SER A 12 -22.97 24.68 -23.78
CA SER A 12 -22.34 24.05 -22.63
C SER A 12 -22.36 22.52 -22.71
N PRO A 13 -21.59 21.94 -23.64
CA PRO A 13 -21.62 20.49 -23.86
C PRO A 13 -20.77 19.73 -22.85
N HIS A 14 -19.92 20.43 -22.11
CA HIS A 14 -18.97 19.80 -21.21
C HIS A 14 -19.57 19.54 -19.82
N VAL A 15 -19.19 18.42 -19.21
CA VAL A 15 -19.73 18.02 -17.92
C VAL A 15 -18.64 17.83 -16.87
N VAL A 16 -18.85 18.39 -15.67
CA VAL A 16 -17.99 18.12 -14.52
C VAL A 16 -18.82 17.71 -13.31
N LYS A 17 -18.19 16.97 -12.40
CA LYS A 17 -18.84 16.54 -11.16
C LYS A 17 -18.65 17.57 -10.05
N THR A 18 -19.71 17.82 -9.29
CA THR A 18 -19.61 18.63 -8.08
C THR A 18 -20.13 17.83 -6.89
N ALA A 19 -19.81 18.29 -5.69
CA ALA A 19 -20.26 17.62 -4.48
C ALA A 19 -21.72 17.94 -4.13
N THR A 20 -22.14 19.18 -4.39
CA THR A 20 -23.45 19.64 -3.95
C THR A 20 -24.49 19.83 -5.07
N GLN A 21 -24.06 19.77 -6.32
CA GLN A 21 -24.99 19.94 -7.43
C GLN A 21 -24.97 18.77 -8.41
N GLY A 22 -24.27 17.70 -8.08
CA GLY A 22 -24.14 16.57 -8.96
C GLY A 22 -23.36 16.93 -10.21
N GLU A 23 -23.64 16.23 -11.32
CA GLU A 23 -23.03 16.59 -12.61
C GLU A 23 -23.68 17.84 -13.17
N VAL A 24 -22.82 18.75 -13.66
CA VAL A 24 -23.34 19.99 -14.22
C VAL A 24 -22.73 20.30 -15.58
N ASN A 25 -23.48 20.99 -16.44
CA ASN A 25 -22.93 21.42 -17.73
C ASN A 25 -22.26 22.77 -17.60
N VAL A 26 -21.12 22.94 -18.26
CA VAL A 26 -20.36 24.19 -18.21
C VAL A 26 -19.94 24.61 -19.61
N THR A 27 -19.62 25.89 -19.76
CA THR A 27 -19.27 26.45 -21.06
C THR A 27 -17.88 26.04 -21.53
N GLY A 28 -16.99 25.75 -20.59
CA GLY A 28 -15.63 25.38 -20.92
C GLY A 28 -14.91 24.56 -19.86
N VAL A 29 -13.97 23.73 -20.29
CA VAL A 29 -13.17 22.92 -19.38
C VAL A 29 -11.71 22.87 -19.79
N ILE A 30 -10.86 22.49 -18.84
CA ILE A 30 -9.47 22.16 -19.09
C ILE A 30 -9.30 20.67 -18.86
N PRO A 31 -9.04 19.90 -19.93
CA PRO A 31 -8.83 18.47 -19.76
C PRO A 31 -7.57 18.20 -18.95
N LEU A 32 -7.65 17.25 -18.01
CA LEU A 32 -6.52 16.93 -17.15
C LEU A 32 -5.87 15.60 -17.54
N THR A 33 -6.52 14.87 -18.46
CA THR A 33 -6.07 13.54 -18.82
C THR A 33 -5.99 13.33 -20.33
N THR A 34 -5.10 12.44 -20.74
CA THR A 34 -5.09 11.92 -22.10
C THR A 34 -4.97 10.40 -22.04
N THR A 35 -5.29 9.74 -23.14
CA THR A 35 -4.98 8.33 -23.28
C THR A 35 -3.80 8.18 -24.22
N PRO A 36 -2.66 7.71 -23.69
CA PRO A 36 -1.44 7.58 -24.49
C PRO A 36 -1.58 6.56 -25.59
N THR A 37 -0.74 6.65 -26.61
CA THR A 37 -0.72 5.65 -27.67
C THR A 37 0.55 4.81 -27.57
N LYS A 38 0.48 3.58 -28.05
CA LYS A 38 1.59 2.65 -27.94
C LYS A 38 2.74 3.03 -28.88
N SER A 39 3.89 3.31 -28.29
CA SER A 39 5.07 3.69 -29.06
C SER A 39 6.25 2.80 -28.72
N HIS A 40 7.35 2.94 -29.45
CA HIS A 40 8.57 2.19 -29.17
C HIS A 40 9.17 2.69 -27.87
N PHE A 41 10.01 1.87 -27.24
CA PHE A 41 10.69 2.30 -26.02
C PHE A 41 11.86 3.21 -26.38
N ALA A 42 12.47 3.82 -25.37
CA ALA A 42 13.47 4.84 -25.60
C ALA A 42 14.34 5.06 -24.39
N ASN A 43 15.29 5.98 -24.50
CA ASN A 43 16.13 6.34 -23.37
C ASN A 43 15.38 7.23 -22.39
N LEU A 44 15.63 7.04 -21.11
CA LEU A 44 15.00 7.84 -20.08
C LEU A 44 15.75 9.15 -19.95
N LYS A 45 15.08 10.25 -20.26
CA LYS A 45 15.68 11.58 -20.16
C LYS A 45 16.28 11.84 -18.79
N GLY A 46 17.58 12.12 -18.75
CA GLY A 46 18.26 12.41 -17.50
C GLY A 46 18.82 11.17 -16.82
N THR A 47 18.64 10.02 -17.44
CA THR A 47 19.09 8.76 -16.85
C THR A 47 19.59 7.77 -17.90
N LYS A 48 20.86 7.38 -17.77
CA LYS A 48 21.46 6.35 -18.61
C LYS A 48 20.60 5.08 -18.56
N THR A 49 20.20 4.58 -19.72
CA THR A 49 19.24 3.47 -19.79
C THR A 49 19.82 2.19 -20.41
N ARG A 50 19.86 1.14 -19.60
CA ARG A 50 20.47 -0.14 -19.99
C ARG A 50 19.53 -1.03 -20.82
N GLY A 51 20.06 -1.58 -21.91
CA GLY A 51 19.34 -2.55 -22.71
C GLY A 51 20.04 -3.89 -22.63
N LYS A 52 21.04 -4.08 -23.49
CA LYS A 52 21.91 -5.24 -23.38
C LYS A 52 22.94 -4.98 -22.28
N LEU A 53 23.34 -6.03 -21.56
CA LEU A 53 24.31 -5.90 -20.49
C LEU A 53 25.64 -5.36 -21.01
N CYS A 54 26.11 -5.94 -22.12
CA CYS A 54 27.34 -5.52 -22.76
C CYS A 54 27.05 -5.19 -24.22
N PRO A 55 26.73 -3.92 -24.51
CA PRO A 55 26.33 -3.50 -25.85
C PRO A 55 27.45 -3.63 -26.89
N THR A 56 28.70 -3.51 -26.47
CA THR A 56 29.83 -3.68 -27.39
C THR A 56 30.02 -5.14 -27.83
N CYS A 57 29.52 -6.09 -27.03
CA CYS A 57 29.65 -7.50 -27.36
C CYS A 57 28.60 -7.93 -28.38
N LEU A 58 29.01 -8.04 -29.65
CA LEU A 58 28.07 -8.38 -30.71
C LEU A 58 27.88 -9.91 -30.81
N ASN A 59 26.71 -10.31 -31.30
CA ASN A 59 26.28 -11.71 -31.38
C ASN A 59 26.34 -12.41 -30.04
N CYS A 60 26.10 -11.64 -28.99
CA CYS A 60 26.08 -12.19 -27.65
C CYS A 60 24.70 -11.93 -27.09
N THR A 61 24.16 -12.87 -26.40
CA THR A 61 22.94 -12.62 -25.63
C THR A 61 23.37 -12.20 -24.23
N ASP A 62 22.48 -11.55 -23.49
CA ASP A 62 22.72 -11.19 -22.10
C ASP A 62 23.11 -12.39 -21.23
N LEU A 63 22.48 -13.54 -21.48
CA LEU A 63 22.84 -14.78 -20.79
C LEU A 63 24.25 -15.25 -21.18
N ASP A 64 24.59 -15.14 -22.47
CA ASP A 64 25.93 -15.46 -22.94
C ASP A 64 26.97 -14.64 -22.17
N VAL A 65 26.71 -13.34 -22.05
CA VAL A 65 27.60 -12.42 -21.34
C VAL A 65 27.71 -12.78 -19.85
N ALA A 66 26.56 -13.06 -19.24
CA ALA A 66 26.50 -13.34 -17.80
C ALA A 66 27.25 -14.62 -17.44
N LEU A 67 27.26 -15.59 -18.35
CA LEU A 67 27.96 -16.85 -18.13
C LEU A 67 29.45 -16.75 -18.46
N GLY A 68 29.84 -15.65 -19.09
CA GLY A 68 31.23 -15.45 -19.47
C GLY A 68 31.65 -16.27 -20.66
N ARG A 69 30.77 -16.34 -21.66
CA ARG A 69 31.06 -17.03 -22.91
C ARG A 69 32.20 -16.33 -23.63
N PRO A 70 33.12 -17.12 -24.24
CA PRO A 70 34.16 -16.57 -25.10
C PRO A 70 33.57 -15.68 -26.19
N MET A 71 34.20 -14.53 -26.43
CA MET A 71 33.71 -13.47 -27.33
C MET A 71 32.69 -12.54 -26.66
N CYS A 72 32.16 -12.99 -25.52
CA CYS A 72 31.10 -12.25 -24.85
C CYS A 72 31.56 -11.70 -23.51
N VAL A 73 32.85 -11.38 -23.41
CA VAL A 73 33.39 -10.76 -22.21
C VAL A 73 33.82 -9.33 -22.56
N GLY A 74 33.15 -8.36 -21.96
CA GLY A 74 33.42 -6.97 -22.28
C GLY A 74 32.92 -6.03 -21.20
N VAL A 75 32.69 -4.78 -21.59
CA VAL A 75 32.31 -3.76 -20.64
C VAL A 75 30.81 -3.79 -20.39
N THR A 76 30.43 -3.78 -19.11
CA THR A 76 29.03 -3.72 -18.74
C THR A 76 28.76 -2.40 -18.02
N PRO A 77 28.35 -1.38 -18.78
CA PRO A 77 28.17 -0.01 -18.27
C PRO A 77 27.17 0.06 -17.13
N SER A 78 27.35 1.04 -16.24
CA SER A 78 26.40 1.30 -15.17
C SER A 78 25.16 2.01 -15.70
N ALA A 79 24.04 1.83 -15.00
CA ALA A 79 22.78 2.43 -15.40
C ALA A 79 21.80 2.47 -14.24
N LYS A 80 21.07 3.57 -14.13
CA LYS A 80 20.08 3.71 -13.06
C LYS A 80 18.69 3.31 -13.54
N ALA A 81 18.59 2.99 -14.83
CA ALA A 81 17.36 2.46 -15.40
C ALA A 81 17.69 1.35 -16.38
N SER A 82 16.90 0.29 -16.37
CA SER A 82 17.13 -0.86 -17.25
C SER A 82 15.85 -1.39 -17.87
N ILE A 83 15.98 -1.96 -19.07
CA ILE A 83 14.86 -2.57 -19.76
C ILE A 83 14.98 -4.09 -19.76
N LEU A 84 13.96 -4.77 -19.23
CA LEU A 84 13.93 -6.23 -19.23
C LEU A 84 13.24 -6.71 -20.50
N HIS A 85 14.02 -7.16 -21.48
CA HIS A 85 13.50 -7.51 -22.80
C HIS A 85 13.37 -9.02 -23.01
N GLU A 86 13.97 -9.80 -22.12
CA GLU A 86 13.87 -11.25 -22.19
C GLU A 86 13.35 -11.82 -20.87
N VAL A 87 12.09 -12.24 -20.86
CA VAL A 87 11.54 -12.90 -19.68
C VAL A 87 12.15 -14.29 -19.52
N ARG A 88 12.54 -14.90 -20.63
CA ARG A 88 13.25 -16.17 -20.60
C ARG A 88 14.51 -16.09 -21.48
N PRO A 89 15.59 -15.53 -20.92
CA PRO A 89 16.87 -15.32 -21.62
C PRO A 89 17.47 -16.62 -22.16
N VAL A 90 17.91 -16.59 -23.42
CA VAL A 90 18.51 -17.76 -24.05
C VAL A 90 20.02 -17.59 -24.24
N THR A 91 20.72 -18.70 -24.38
CA THR A 91 22.12 -18.68 -24.81
C THR A 91 22.19 -18.80 -26.32
N SER A 92 23.33 -18.46 -26.89
CA SER A 92 23.51 -18.57 -28.34
C SER A 92 24.89 -19.10 -28.70
N GLY A 93 25.40 -20.04 -27.92
CA GLY A 93 26.71 -20.60 -28.17
C GLY A 93 27.27 -21.43 -27.04
N CYS A 94 28.55 -21.78 -27.17
CA CYS A 94 29.27 -22.57 -26.18
C CYS A 94 28.64 -23.94 -25.89
N PHE A 95 29.03 -24.55 -24.77
CA PHE A 95 28.66 -25.91 -24.44
C PHE A 95 27.16 -26.04 -24.08
N PRO A 96 26.52 -27.11 -24.56
CA PRO A 96 25.08 -27.33 -24.34
C PRO A 96 24.68 -27.36 -22.87
N ILE A 97 23.65 -26.59 -22.54
CA ILE A 97 23.17 -26.45 -21.17
C ILE A 97 21.74 -26.97 -21.07
N MET A 98 21.45 -27.70 -19.99
CA MET A 98 20.07 -28.03 -19.66
C MET A 98 19.49 -26.94 -18.75
N HIS A 99 19.09 -25.83 -19.37
CA HIS A 99 18.74 -24.60 -18.67
C HIS A 99 17.64 -24.73 -17.61
N ASP A 100 16.54 -25.36 -17.98
CA ASP A 100 15.34 -25.38 -17.13
C ASP A 100 15.48 -26.23 -15.87
N ARG A 101 16.63 -26.85 -15.69
CA ARG A 101 16.86 -27.68 -14.50
C ARG A 101 17.33 -26.85 -13.32
N THR A 102 17.57 -25.56 -13.58
CA THR A 102 17.94 -24.61 -12.52
C THR A 102 17.27 -23.26 -12.77
N LYS A 103 17.67 -22.27 -11.98
CA LYS A 103 17.15 -20.91 -12.10
C LYS A 103 18.06 -20.06 -12.98
N ILE A 104 18.99 -20.71 -13.68
CA ILE A 104 20.08 -20.01 -14.36
C ILE A 104 19.66 -18.97 -15.40
N ARG A 105 18.56 -19.22 -16.11
CA ARG A 105 18.11 -18.30 -17.16
C ARG A 105 17.92 -16.88 -16.66
N GLN A 106 17.52 -16.73 -15.40
CA GLN A 106 17.22 -15.42 -14.83
C GLN A 106 18.44 -14.62 -14.39
N LEU A 107 19.61 -15.26 -14.42
CA LEU A 107 20.86 -14.61 -14.03
C LEU A 107 21.11 -13.21 -14.63
N PRO A 108 20.97 -13.05 -15.97
CA PRO A 108 21.19 -11.69 -16.48
C PRO A 108 20.13 -10.68 -16.01
N ASN A 109 18.91 -11.14 -15.79
CA ASN A 109 17.85 -10.27 -15.27
C ASN A 109 18.11 -9.85 -13.82
N LEU A 110 18.79 -10.72 -13.07
CA LEU A 110 19.19 -10.37 -11.71
C LEU A 110 20.27 -9.30 -11.74
N LEU A 111 21.24 -9.44 -12.65
CA LEU A 111 22.33 -8.49 -12.78
C LEU A 111 21.84 -7.09 -13.17
N ARG A 112 20.87 -7.02 -14.07
CA ARG A 112 20.40 -5.74 -14.58
C ARG A 112 19.65 -4.93 -13.53
N GLY A 113 19.28 -5.57 -12.42
CA GLY A 113 18.59 -4.90 -11.34
C GLY A 113 19.56 -4.10 -10.48
N TYR A 114 20.85 -4.34 -10.67
CA TYR A 114 21.88 -3.56 -9.99
C TYR A 114 22.26 -2.37 -10.87
N GLU A 115 22.77 -1.32 -10.25
CA GLU A 115 23.27 -0.17 -11.00
C GLU A 115 24.59 -0.50 -11.67
N LYS A 116 25.56 -0.93 -10.88
CA LYS A 116 26.89 -1.26 -11.38
C LYS A 116 27.10 -2.77 -11.41
N ILE A 117 27.55 -3.30 -12.54
CA ILE A 117 27.91 -4.71 -12.64
C ILE A 117 29.30 -4.87 -13.26
N ARG A 118 30.14 -5.68 -12.63
CA ARG A 118 31.46 -5.98 -13.16
C ARG A 118 31.87 -7.43 -12.93
N LEU A 119 32.61 -7.98 -13.88
CA LEU A 119 33.17 -9.32 -13.73
C LEU A 119 34.53 -9.21 -13.05
N SER A 120 34.75 -10.03 -12.02
CA SER A 120 36.01 -10.01 -11.28
C SER A 120 37.19 -10.32 -12.21
N THR A 121 38.33 -9.71 -11.92
CA THR A 121 39.52 -9.94 -12.74
C THR A 121 40.33 -11.13 -12.26
N GLN A 122 40.16 -11.48 -10.98
CA GLN A 122 40.83 -12.63 -10.42
C GLN A 122 39.86 -13.80 -10.17
N ASN A 123 40.40 -15.02 -10.15
CA ASN A 123 39.60 -16.20 -9.86
C ASN A 123 39.33 -16.31 -8.37
N VAL A 124 38.12 -16.72 -8.02
CA VAL A 124 37.72 -16.79 -6.61
C VAL A 124 38.25 -18.07 -5.97
N ILE A 125 38.51 -19.07 -6.82
CA ILE A 125 39.02 -20.36 -6.37
C ILE A 125 40.09 -20.84 -7.35
N ASN A 126 41.16 -21.44 -6.83
CA ASN A 126 42.18 -22.07 -7.67
C ASN A 126 41.70 -23.48 -8.02
N ALA A 127 41.18 -23.63 -9.24
CA ALA A 127 40.53 -24.86 -9.65
C ALA A 127 41.49 -26.04 -9.73
N GLU A 128 42.70 -25.79 -10.21
CA GLU A 128 43.71 -26.83 -10.37
C GLU A 128 44.08 -27.49 -9.04
N LYS A 129 44.09 -26.69 -7.97
CA LYS A 129 44.50 -27.16 -6.65
C LYS A 129 43.32 -27.52 -5.75
N ALA A 130 42.11 -27.38 -6.27
CA ALA A 130 40.89 -27.64 -5.49
C ALA A 130 40.80 -29.10 -5.04
N PRO A 131 40.08 -29.34 -3.93
CA PRO A 131 39.90 -30.69 -3.36
C PRO A 131 39.45 -31.75 -4.36
N GLY A 132 40.06 -32.92 -4.29
CA GLY A 132 39.69 -34.05 -5.11
C GLY A 132 40.72 -34.37 -6.17
N GLY A 133 41.99 -34.41 -5.77
CA GLY A 133 43.08 -34.63 -6.70
C GLY A 133 43.31 -33.41 -7.56
N PRO A 134 44.52 -33.28 -8.13
CA PRO A 134 44.83 -32.17 -9.04
C PRO A 134 43.98 -32.25 -10.31
N TYR A 135 43.50 -31.11 -10.78
CA TYR A 135 42.66 -31.08 -11.97
C TYR A 135 43.34 -30.34 -13.12
N ARG A 136 43.10 -30.79 -14.34
CA ARG A 136 43.39 -29.99 -15.51
C ARG A 136 42.12 -29.23 -15.86
N LEU A 137 42.29 -28.02 -16.37
CA LEU A 137 41.13 -27.17 -16.68
C LEU A 137 40.61 -27.42 -18.09
N GLY A 138 39.50 -28.15 -18.17
CA GLY A 138 38.93 -28.57 -19.44
C GLY A 138 38.47 -27.46 -20.36
N THR A 139 38.36 -27.79 -21.64
CA THR A 139 37.96 -26.84 -22.68
C THR A 139 37.15 -27.60 -23.71
N SER A 140 36.50 -26.87 -24.61
CA SER A 140 35.67 -27.50 -25.63
C SER A 140 35.61 -26.71 -26.93
N GLY A 141 35.53 -27.42 -28.04
CA GLY A 141 35.41 -26.80 -29.35
C GLY A 141 34.08 -26.10 -29.53
N SER A 142 33.12 -26.43 -28.66
CA SER A 142 31.80 -25.79 -28.67
C SER A 142 31.90 -24.31 -28.29
N CYS A 143 32.98 -23.94 -27.62
CA CYS A 143 33.17 -22.57 -27.15
C CYS A 143 34.36 -21.89 -27.83
N PRO A 144 34.26 -21.58 -29.13
CA PRO A 144 35.40 -21.03 -29.84
C PRO A 144 35.63 -19.56 -29.55
N ASN A 145 36.76 -19.10 -30.05
CA ASN A 145 37.23 -17.77 -29.78
C ASN A 145 37.69 -17.22 -31.12
N ALA A 146 37.82 -15.90 -31.21
CA ALA A 146 38.34 -15.29 -32.43
C ALA A 146 39.77 -15.75 -32.69
N THR A 147 40.52 -16.12 -31.62
CA THR A 147 41.89 -16.57 -31.74
C THR A 147 42.10 -18.00 -31.23
N SER A 148 41.01 -18.76 -31.12
CA SER A 148 41.10 -20.15 -30.68
C SER A 148 39.88 -20.97 -31.11
N ARG A 149 40.10 -22.27 -31.31
CA ARG A 149 39.01 -23.18 -31.69
C ARG A 149 38.28 -23.71 -30.47
N SER A 150 38.93 -23.62 -29.31
CA SER A 150 38.40 -24.23 -28.09
C SER A 150 38.56 -23.34 -26.87
N GLY A 151 37.70 -23.54 -25.89
CA GLY A 151 37.70 -22.75 -24.67
C GLY A 151 36.57 -23.17 -23.75
N PHE A 152 36.13 -22.24 -22.90
CA PHE A 152 35.07 -22.52 -21.93
C PHE A 152 34.61 -21.22 -21.26
N PHE A 153 33.48 -21.29 -20.56
CA PHE A 153 32.93 -20.14 -19.85
C PHE A 153 33.94 -19.55 -18.88
N ALA A 154 34.09 -18.23 -18.91
CA ALA A 154 35.06 -17.56 -18.06
C ALA A 154 34.70 -17.69 -16.59
N THR A 155 33.42 -17.89 -16.31
CA THR A 155 32.92 -17.93 -14.95
C THR A 155 33.14 -19.28 -14.28
N MET A 156 33.47 -20.30 -15.07
CA MET A 156 33.65 -21.64 -14.52
C MET A 156 34.92 -22.36 -15.00
N ALA A 157 35.30 -23.41 -14.28
CA ALA A 157 36.43 -24.23 -14.67
C ALA A 157 36.03 -25.70 -14.69
N TRP A 158 36.15 -26.32 -15.85
CA TRP A 158 35.82 -27.73 -16.01
C TRP A 158 36.90 -28.58 -15.35
N ALA A 159 36.72 -28.87 -14.07
CA ALA A 159 37.72 -29.62 -13.29
C ALA A 159 37.66 -31.12 -13.54
N VAL A 160 38.64 -31.62 -14.29
CA VAL A 160 38.74 -33.04 -14.58
C VAL A 160 40.07 -33.58 -14.06
N PRO A 161 40.04 -34.72 -13.34
CA PRO A 161 41.24 -35.31 -12.70
C PRO A 161 42.43 -35.50 -13.63
N LYS A 162 43.60 -35.06 -13.17
CA LYS A 162 44.84 -35.15 -13.94
C LYS A 162 45.38 -36.57 -14.04
N ASP A 163 45.40 -37.29 -12.86
CA ASP A 163 46.15 -38.53 -12.77
C ASP A 163 45.43 -39.66 -13.47
N ASN A 164 46.25 -40.56 -14.01
CA ASN A 164 45.73 -41.84 -14.43
C ASN A 164 45.28 -42.55 -13.18
N ASN A 165 44.45 -43.58 -13.35
CA ASN A 165 43.93 -44.29 -12.21
C ASN A 165 43.01 -43.40 -11.38
N LYS A 166 42.36 -42.47 -12.07
CA LYS A 166 41.32 -41.61 -11.52
C LYS A 166 40.15 -42.48 -11.09
N THR A 167 39.40 -42.05 -10.07
CA THR A 167 38.34 -42.89 -9.54
C THR A 167 37.22 -42.08 -8.92
N ALA A 168 36.25 -42.79 -8.35
CA ALA A 168 35.13 -42.14 -7.67
C ALA A 168 35.64 -41.41 -6.43
N THR A 169 34.91 -40.40 -5.99
CA THR A 169 35.29 -39.65 -4.81
C THR A 169 34.11 -39.37 -3.89
N ASN A 170 34.38 -39.30 -2.59
CA ASN A 170 33.42 -38.81 -1.62
C ASN A 170 33.09 -37.34 -1.93
N PRO A 171 31.93 -36.86 -1.44
CA PRO A 171 31.59 -35.44 -1.59
C PRO A 171 32.64 -34.53 -0.94
N LEU A 172 33.23 -33.65 -1.74
CA LEU A 172 34.24 -32.72 -1.22
C LEU A 172 33.64 -31.32 -1.04
N THR A 173 34.22 -30.52 -0.16
CA THR A 173 33.71 -29.18 0.14
C THR A 173 34.71 -28.09 -0.19
N VAL A 174 34.26 -27.08 -0.95
CA VAL A 174 35.04 -25.85 -1.12
C VAL A 174 34.30 -24.66 -0.53
N GLU A 175 35.04 -23.78 0.13
CA GLU A 175 34.49 -22.49 0.52
C GLU A 175 34.68 -21.53 -0.63
N VAL A 176 33.66 -20.73 -0.92
CA VAL A 176 33.79 -19.68 -1.92
C VAL A 176 33.77 -18.33 -1.21
N PRO A 177 34.95 -17.72 -1.07
CA PRO A 177 35.07 -16.47 -0.32
C PRO A 177 34.45 -15.29 -1.06
N HIS A 178 34.05 -14.27 -0.31
CA HIS A 178 33.57 -13.04 -0.92
C HIS A 178 34.77 -12.16 -1.23
N ILE A 179 34.99 -11.87 -2.51
CA ILE A 179 36.17 -11.14 -2.93
C ILE A 179 35.85 -9.76 -3.51
N CYS A 180 34.58 -9.38 -3.44
CA CYS A 180 34.17 -8.04 -3.86
C CYS A 180 34.34 -7.05 -2.71
N THR A 181 33.97 -5.80 -2.92
CA THR A 181 34.06 -4.79 -1.86
C THR A 181 32.95 -4.99 -0.84
N LYS A 182 32.99 -4.21 0.24
CA LYS A 182 31.96 -4.25 1.27
C LYS A 182 30.62 -3.69 0.76
N GLU A 183 30.66 -3.03 -0.38
CA GLU A 183 29.48 -2.38 -0.95
C GLU A 183 28.84 -3.25 -2.05
N GLU A 184 29.46 -4.38 -2.35
CA GLU A 184 29.04 -5.19 -3.50
C GLU A 184 28.50 -6.56 -3.12
N ASP A 185 27.48 -7.00 -3.84
CA ASP A 185 27.05 -8.39 -3.78
C ASP A 185 27.90 -9.21 -4.74
N GLN A 186 28.14 -10.46 -4.38
CA GLN A 186 28.85 -11.37 -5.27
C GLN A 186 27.91 -12.45 -5.79
N ILE A 187 27.79 -12.55 -7.10
CA ILE A 187 27.00 -13.61 -7.72
C ILE A 187 27.92 -14.67 -8.30
N THR A 188 27.96 -15.83 -7.64
CA THR A 188 28.90 -16.89 -7.98
C THR A 188 28.27 -17.92 -8.90
N VAL A 189 28.90 -18.14 -10.06
CA VAL A 189 28.39 -19.12 -11.01
C VAL A 189 29.16 -20.43 -10.94
N TRP A 190 28.43 -21.54 -10.86
CA TRP A 190 29.02 -22.86 -10.76
C TRP A 190 28.07 -23.87 -11.40
N GLY A 191 28.52 -25.11 -11.53
CA GLY A 191 27.71 -26.15 -12.15
C GLY A 191 28.43 -27.47 -12.24
N PHE A 192 27.91 -28.37 -13.07
CA PHE A 192 28.54 -29.68 -13.26
C PHE A 192 28.33 -30.26 -14.65
N HIS A 193 29.32 -30.99 -15.13
CA HIS A 193 29.23 -31.69 -16.41
C HIS A 193 28.87 -33.15 -16.19
N SER A 194 28.04 -33.68 -17.07
CA SER A 194 27.72 -35.11 -17.05
C SER A 194 27.75 -35.68 -18.47
N ASP A 195 27.75 -37.00 -18.57
CA ASP A 195 27.90 -37.65 -19.89
C ASP A 195 27.31 -39.05 -19.86
N ASP A 196 27.65 -39.85 -20.87
CA ASP A 196 27.23 -41.24 -20.90
C ASP A 196 28.24 -42.11 -20.15
N LYS A 197 27.90 -43.37 -19.92
CA LYS A 197 28.68 -44.26 -19.06
C LYS A 197 30.18 -44.31 -19.39
N THR A 198 30.52 -44.59 -20.64
CA THR A 198 31.91 -44.72 -21.05
C THR A 198 32.69 -43.42 -20.90
N GLN A 199 32.15 -42.33 -21.43
CA GLN A 199 32.82 -41.03 -21.35
C GLN A 199 33.04 -40.60 -19.89
N MET A 200 32.08 -40.92 -19.04
CA MET A 200 32.21 -40.65 -17.60
C MET A 200 33.42 -41.38 -17.02
N LYS A 201 33.54 -42.67 -17.33
CA LYS A 201 34.69 -43.47 -16.90
C LYS A 201 36.01 -42.86 -17.35
N ASN A 202 36.08 -42.50 -18.63
CA ASN A 202 37.27 -41.85 -19.18
C ASN A 202 37.64 -40.58 -18.43
N LEU A 203 36.69 -39.66 -18.33
CA LEU A 203 36.93 -38.35 -17.72
C LEU A 203 37.15 -38.40 -16.21
N TYR A 204 36.34 -39.20 -15.51
CA TYR A 204 36.26 -39.09 -14.06
C TYR A 204 36.55 -40.40 -13.31
N GLY A 205 36.49 -41.52 -14.01
CA GLY A 205 36.73 -42.81 -13.38
C GLY A 205 35.51 -43.29 -12.59
N ASP A 206 34.35 -42.83 -12.99
CA ASP A 206 33.10 -43.24 -12.36
C ASP A 206 31.94 -43.00 -13.33
N SER A 207 31.09 -44.00 -13.51
CA SER A 207 29.97 -43.90 -14.43
C SER A 207 28.63 -43.76 -13.70
N ASN A 208 28.69 -43.63 -12.39
CA ASN A 208 27.50 -43.44 -11.58
C ASN A 208 27.08 -41.97 -11.53
N PRO A 209 25.80 -41.71 -11.23
CA PRO A 209 25.34 -40.32 -11.05
C PRO A 209 26.08 -39.62 -9.92
N GLN A 210 26.41 -38.35 -10.12
CA GLN A 210 27.13 -37.58 -9.11
C GLN A 210 26.18 -36.60 -8.40
N LYS A 211 26.51 -36.28 -7.15
CA LYS A 211 25.66 -35.41 -6.33
C LYS A 211 26.33 -34.07 -6.04
N PHE A 212 25.50 -33.01 -5.96
CA PHE A 212 26.02 -31.66 -5.73
C PHE A 212 25.09 -30.85 -4.82
N THR A 213 25.70 -30.08 -3.91
CA THR A 213 24.94 -29.23 -3.01
C THR A 213 25.64 -27.90 -2.79
N SER A 214 24.90 -26.80 -2.90
CA SER A 214 25.44 -25.48 -2.60
C SER A 214 24.72 -24.89 -1.41
N SER A 215 25.44 -24.07 -0.64
CA SER A 215 24.83 -23.38 0.48
C SER A 215 25.34 -21.95 0.56
N ALA A 216 24.42 -20.99 0.47
CA ALA A 216 24.77 -19.58 0.62
C ALA A 216 23.59 -18.80 1.14
N ASN A 217 23.86 -17.88 2.06
CA ASN A 217 22.83 -16.99 2.61
C ASN A 217 21.59 -17.71 3.14
N GLY A 218 21.80 -18.89 3.73
CA GLY A 218 20.69 -19.63 4.29
C GLY A 218 19.95 -20.48 3.28
N VAL A 219 20.36 -20.42 2.03
CA VAL A 219 19.71 -21.22 0.98
C VAL A 219 20.55 -22.45 0.59
N THR A 220 19.91 -23.62 0.61
CA THR A 220 20.56 -24.84 0.17
C THR A 220 19.88 -25.38 -1.09
N THR A 221 20.68 -25.82 -2.05
CA THR A 221 20.16 -26.45 -3.27
C THR A 221 20.84 -27.79 -3.47
N HIS A 222 20.10 -28.79 -3.93
CA HIS A 222 20.65 -30.12 -4.13
C HIS A 222 20.40 -30.65 -5.54
N TYR A 223 21.43 -31.20 -6.16
CA TYR A 223 21.33 -31.72 -7.53
C TYR A 223 21.94 -33.12 -7.66
N VAL A 224 21.29 -33.97 -8.45
CA VAL A 224 21.83 -35.26 -8.80
C VAL A 224 21.90 -35.34 -10.32
N SER A 225 23.02 -35.83 -10.85
CA SER A 225 23.27 -35.78 -12.28
C SER A 225 22.55 -36.88 -13.05
N GLN A 226 22.67 -36.82 -14.37
CA GLN A 226 22.05 -37.80 -15.26
C GLN A 226 23.11 -38.46 -16.15
N ILE A 227 23.06 -39.77 -16.27
CA ILE A 227 24.01 -40.50 -17.11
C ILE A 227 23.36 -40.97 -18.42
N GLY A 228 23.62 -40.25 -19.51
CA GLY A 228 23.05 -40.59 -20.79
C GLY A 228 21.58 -40.21 -20.93
N GLY A 229 21.03 -40.46 -22.11
CA GLY A 229 19.62 -40.20 -22.38
C GLY A 229 19.24 -38.75 -22.20
N PHE A 230 20.11 -37.85 -22.68
CA PHE A 230 19.92 -36.43 -22.49
C PHE A 230 18.92 -35.88 -23.50
N PRO A 231 18.27 -34.75 -23.16
CA PRO A 231 17.44 -34.07 -24.14
C PRO A 231 18.31 -33.44 -25.21
N ASP A 232 17.71 -33.12 -26.36
CA ASP A 232 18.46 -32.60 -27.50
C ASP A 232 19.23 -31.33 -27.17
N GLN A 233 20.39 -31.16 -27.80
CA GLN A 233 21.17 -29.93 -27.62
C GLN A 233 20.39 -28.75 -28.17
N THR A 234 20.52 -27.61 -27.50
CA THR A 234 19.84 -26.40 -27.95
C THR A 234 20.56 -25.16 -27.43
N GLU A 235 20.39 -24.05 -28.13
CA GLU A 235 20.99 -22.78 -27.76
C GLU A 235 22.50 -22.87 -27.54
N ASP A 236 23.16 -23.81 -28.23
CA ASP A 236 24.58 -24.04 -28.02
C ASP A 236 25.45 -23.67 -29.22
N GLY A 237 26.61 -24.30 -29.33
CA GLY A 237 27.59 -23.94 -30.35
C GLY A 237 27.47 -24.68 -31.67
N GLY A 238 26.56 -25.65 -31.74
CA GLY A 238 26.30 -26.35 -32.98
C GLY A 238 26.99 -27.69 -33.13
N LEU A 239 28.04 -27.93 -32.33
CA LEU A 239 28.76 -29.19 -32.37
C LEU A 239 28.05 -30.26 -31.54
N PRO A 240 27.88 -31.46 -32.11
CA PRO A 240 27.29 -32.59 -31.39
C PRO A 240 28.15 -32.99 -30.19
N GLN A 241 27.51 -33.19 -29.05
CA GLN A 241 28.19 -33.66 -27.85
C GLN A 241 27.37 -34.77 -27.22
N SER A 242 28.03 -35.66 -26.48
CA SER A 242 27.36 -36.77 -25.84
C SER A 242 26.91 -36.41 -24.43
N GLY A 243 27.47 -35.33 -23.89
CA GLY A 243 27.15 -34.88 -22.55
C GLY A 243 26.49 -33.52 -22.48
N ARG A 244 26.16 -33.10 -21.26
CA ARG A 244 25.52 -31.80 -21.02
C ARG A 244 26.05 -31.23 -19.72
N ILE A 245 25.95 -29.91 -19.56
CA ILE A 245 26.25 -29.30 -18.28
C ILE A 245 24.97 -28.72 -17.67
N VAL A 246 24.96 -28.67 -16.34
CA VAL A 246 23.92 -27.98 -15.60
C VAL A 246 24.60 -26.84 -14.87
N VAL A 247 24.00 -25.65 -14.94
CA VAL A 247 24.63 -24.46 -14.40
C VAL A 247 23.67 -23.73 -13.45
N ASP A 248 24.23 -23.18 -12.37
CA ASP A 248 23.43 -22.51 -11.36
C ASP A 248 24.19 -21.28 -10.87
N TYR A 249 23.56 -20.47 -10.03
CA TYR A 249 24.27 -19.38 -9.39
C TYR A 249 23.85 -19.25 -7.92
N MET A 250 24.74 -18.69 -7.10
CA MET A 250 24.38 -18.38 -5.72
C MET A 250 24.85 -16.98 -5.37
N VAL A 251 23.98 -16.25 -4.68
CA VAL A 251 24.24 -14.86 -4.31
C VAL A 251 24.88 -14.80 -2.93
N GLN A 252 25.99 -14.06 -2.82
CA GLN A 252 26.66 -13.90 -1.55
C GLN A 252 26.71 -12.44 -1.16
N LYS A 253 26.08 -12.09 -0.04
CA LYS A 253 26.14 -10.73 0.49
C LYS A 253 27.56 -10.46 0.98
N PRO A 254 27.94 -9.18 1.11
CA PRO A 254 29.30 -8.84 1.54
C PRO A 254 29.72 -9.50 2.85
N GLY A 255 30.88 -10.15 2.83
CA GLY A 255 31.41 -10.80 4.00
C GLY A 255 30.82 -12.18 4.26
N LYS A 256 30.10 -12.70 3.27
CA LYS A 256 29.49 -14.02 3.40
C LYS A 256 30.15 -15.05 2.49
N THR A 257 30.74 -16.07 3.10
CA THR A 257 31.34 -17.17 2.35
C THR A 257 30.26 -18.15 1.90
N GLY A 258 30.40 -18.67 0.69
CA GLY A 258 29.48 -19.67 0.18
C GLY A 258 30.13 -21.04 0.19
N THR A 259 29.32 -22.09 0.12
CA THR A 259 29.85 -23.44 0.11
C THR A 259 29.28 -24.25 -1.05
N ILE A 260 30.12 -25.12 -1.62
CA ILE A 260 29.71 -26.07 -2.64
C ILE A 260 30.27 -27.44 -2.30
N VAL A 261 29.39 -28.43 -2.24
CA VAL A 261 29.83 -29.80 -2.00
C VAL A 261 29.64 -30.59 -3.29
N TYR A 262 30.71 -31.23 -3.75
CA TYR A 262 30.70 -31.78 -5.10
C TYR A 262 31.40 -33.13 -5.22
N GLN A 263 31.16 -33.79 -6.34
CA GLN A 263 31.89 -35.00 -6.70
C GLN A 263 32.55 -34.79 -8.06
N ARG A 264 32.44 -35.78 -8.94
CA ARG A 264 33.08 -35.69 -10.25
C ARG A 264 32.24 -34.89 -11.25
N GLY A 265 32.92 -34.12 -12.11
CA GLY A 265 32.26 -33.35 -13.14
C GLY A 265 32.00 -31.90 -12.74
N ILE A 266 32.53 -31.51 -11.58
CA ILE A 266 32.30 -30.18 -11.04
C ILE A 266 32.84 -29.08 -11.95
N LEU A 267 32.04 -28.02 -12.13
CA LEU A 267 32.50 -26.82 -12.81
C LEU A 267 32.68 -25.73 -11.77
N LEU A 268 33.90 -25.62 -11.26
CA LEU A 268 34.21 -24.69 -10.17
C LEU A 268 34.16 -23.24 -10.61
N PRO A 269 33.63 -22.37 -9.74
CA PRO A 269 33.56 -20.93 -10.03
C PRO A 269 34.94 -20.31 -10.22
N GLN A 270 35.04 -19.35 -11.14
CA GLN A 270 36.31 -18.69 -11.41
C GLN A 270 36.12 -17.19 -11.31
N LYS A 271 35.81 -16.55 -12.43
CA LYS A 271 35.47 -15.14 -12.41
C LYS A 271 34.04 -15.00 -11.89
N VAL A 272 33.85 -14.11 -10.92
CA VAL A 272 32.53 -13.89 -10.34
C VAL A 272 32.01 -12.49 -10.64
N TRP A 273 30.71 -12.30 -10.49
CA TRP A 273 30.11 -10.98 -10.69
C TRP A 273 30.13 -10.18 -9.41
N CYS A 274 30.51 -8.91 -9.53
CA CYS A 274 30.45 -7.98 -8.41
C CYS A 274 29.48 -6.87 -8.76
N ALA A 275 28.46 -6.68 -7.94
CA ALA A 275 27.35 -5.80 -8.28
C ALA A 275 26.90 -4.97 -7.09
N SER A 276 26.63 -3.69 -7.34
CA SER A 276 26.20 -2.77 -6.29
C SER A 276 25.11 -1.81 -6.79
N GLY A 277 24.37 -1.25 -5.84
CA GLY A 277 23.36 -0.25 -6.16
C GLY A 277 22.06 -0.85 -6.67
N ARG A 278 21.19 0.01 -7.19
CA ARG A 278 19.93 -0.41 -7.75
C ARG A 278 19.62 0.30 -9.05
N SER A 279 19.11 -0.45 -10.02
CA SER A 279 18.65 0.12 -11.27
C SER A 279 17.13 0.00 -11.32
N LYS A 280 16.46 1.01 -11.88
CA LYS A 280 15.02 0.95 -12.07
C LYS A 280 14.69 0.07 -13.27
N VAL A 281 13.99 -1.04 -13.00
CA VAL A 281 13.72 -2.03 -14.03
C VAL A 281 12.24 -2.09 -14.40
N ILE A 282 11.96 -2.05 -15.70
CA ILE A 282 10.62 -2.31 -16.21
C ILE A 282 10.71 -3.20 -17.44
N LYS A 283 9.63 -3.89 -17.75
CA LYS A 283 9.55 -4.68 -18.98
C LYS A 283 9.47 -3.75 -20.18
N GLY A 284 10.15 -4.13 -21.25
CA GLY A 284 10.12 -3.35 -22.48
C GLY A 284 10.73 -4.11 -23.63
N SER A 285 10.88 -3.43 -24.76
CA SER A 285 11.47 -4.04 -25.94
C SER A 285 12.62 -3.23 -26.53
N LEU A 286 13.43 -3.90 -27.33
CA LEU A 286 14.58 -3.31 -27.99
C LEU A 286 14.23 -3.19 -29.47
N PRO A 287 14.66 -2.08 -30.11
CA PRO A 287 15.69 -1.13 -29.68
C PRO A 287 15.14 0.13 -29.05
N LEU A 288 16.00 0.79 -28.28
CA LEU A 288 15.66 2.07 -27.69
C LEU A 288 15.85 3.20 -28.69
N ILE A 289 14.76 3.88 -29.00
CA ILE A 289 14.77 4.94 -30.03
C ILE A 289 14.34 6.30 -29.48
N GLY A 290 15.32 7.17 -29.30
CA GLY A 290 15.05 8.54 -28.90
C GLY A 290 14.99 8.75 -27.39
N GLU A 291 14.49 9.92 -26.99
CA GLU A 291 14.31 10.23 -25.58
C GLU A 291 12.84 10.34 -25.21
N ALA A 292 12.52 10.03 -23.95
CA ALA A 292 11.18 10.26 -23.43
C ALA A 292 11.24 10.66 -21.97
N ASP A 293 10.19 11.33 -21.50
CA ASP A 293 10.10 11.75 -20.11
C ASP A 293 9.85 10.54 -19.25
N CYS A 294 9.14 9.58 -19.83
CA CYS A 294 8.58 8.46 -19.09
C CYS A 294 8.65 7.18 -19.92
N LEU A 295 9.03 6.09 -19.28
CA LEU A 295 8.95 4.78 -19.92
C LEU A 295 7.84 4.00 -19.24
N HIS A 296 6.94 3.46 -20.06
CA HIS A 296 5.73 2.84 -19.56
C HIS A 296 5.59 1.45 -20.21
N GLU A 297 5.36 0.43 -19.39
CA GLU A 297 5.37 -0.95 -19.87
C GLU A 297 4.38 -1.25 -20.99
N LYS A 298 3.26 -0.53 -21.02
CA LYS A 298 2.23 -0.79 -22.02
C LYS A 298 2.24 0.18 -23.19
N TYR A 299 2.85 1.35 -23.00
CA TYR A 299 2.81 2.37 -24.04
C TYR A 299 4.20 2.72 -24.56
N GLY A 300 5.23 2.23 -23.89
CA GLY A 300 6.59 2.53 -24.28
C GLY A 300 6.97 3.93 -23.86
N GLY A 301 7.84 4.59 -24.64
CA GLY A 301 8.23 5.94 -24.35
C GLY A 301 7.12 6.94 -24.59
N LEU A 302 6.98 7.92 -23.66
CA LEU A 302 5.99 8.97 -23.85
C LEU A 302 6.43 10.22 -23.10
N ASN A 303 5.97 11.39 -23.56
CA ASN A 303 6.33 12.66 -22.94
C ASN A 303 5.17 13.20 -22.14
N LYS A 304 5.47 13.88 -21.04
CA LYS A 304 4.44 14.32 -20.12
C LYS A 304 3.86 15.68 -20.50
N SER A 305 2.61 15.69 -20.92
CA SER A 305 1.86 16.92 -21.14
C SER A 305 0.87 17.15 -19.98
N LYS A 306 -0.26 16.47 -20.04
CA LYS A 306 -1.26 16.53 -18.97
C LYS A 306 -0.72 15.88 -17.69
N PRO A 307 -1.23 16.30 -16.53
CA PRO A 307 -0.76 15.74 -15.25
C PRO A 307 -1.20 14.30 -15.01
N TYR A 308 -2.36 13.92 -15.55
CA TYR A 308 -2.88 12.58 -15.34
C TYR A 308 -3.05 11.85 -16.68
N TYR A 309 -3.33 10.56 -16.62
CA TYR A 309 -3.61 9.80 -17.83
C TYR A 309 -4.62 8.69 -17.60
N THR A 310 -5.35 8.35 -18.66
CA THR A 310 -6.29 7.22 -18.60
C THR A 310 -5.81 6.10 -19.51
N GLY A 311 -6.37 4.91 -19.31
CA GLY A 311 -5.96 3.75 -20.08
C GLY A 311 -5.55 2.60 -19.18
N GLU A 312 -4.55 1.84 -19.60
CA GLU A 312 -4.10 0.70 -18.82
C GLU A 312 -2.93 1.06 -17.91
N HIS A 313 -3.14 0.89 -16.60
CA HIS A 313 -2.10 1.14 -15.63
C HIS A 313 -1.08 0.01 -15.66
N ALA A 314 0.19 0.37 -15.49
CA ALA A 314 1.27 -0.60 -15.47
C ALA A 314 2.48 0.07 -14.83
N LYS A 315 3.54 -0.69 -14.63
CA LYS A 315 4.78 -0.13 -14.12
C LYS A 315 5.34 0.93 -15.07
N ALA A 316 5.88 2.00 -14.51
CA ALA A 316 6.37 3.12 -15.31
C ALA A 316 7.39 3.93 -14.54
N ILE A 317 8.48 4.30 -15.22
CA ILE A 317 9.55 5.05 -14.58
C ILE A 317 9.85 6.40 -15.25
N GLY A 318 10.29 7.36 -14.45
CA GLY A 318 10.67 8.67 -14.96
C GLY A 318 9.70 9.78 -14.58
N ASN A 319 9.65 10.83 -15.40
CA ASN A 319 8.72 11.95 -15.20
C ASN A 319 7.38 11.63 -15.84
N CYS A 320 6.51 10.97 -15.08
CA CYS A 320 5.32 10.36 -15.64
C CYS A 320 4.02 11.03 -15.19
N PRO A 321 2.98 10.93 -16.03
CA PRO A 321 1.64 11.34 -15.60
C PRO A 321 1.08 10.30 -14.65
N ILE A 322 0.16 10.71 -13.78
CA ILE A 322 -0.40 9.80 -12.78
C ILE A 322 -1.69 9.17 -13.29
N TRP A 323 -1.82 7.86 -13.12
CA TRP A 323 -2.99 7.14 -13.61
C TRP A 323 -4.24 7.47 -12.82
N VAL A 324 -5.35 7.64 -13.53
CA VAL A 324 -6.65 7.85 -12.91
C VAL A 324 -7.73 7.00 -13.58
N LYS A 325 -8.83 6.77 -12.86
CA LYS A 325 -9.90 5.89 -13.32
C LYS A 325 -10.74 6.48 -14.46
N THR A 326 -10.93 7.80 -14.44
CA THR A 326 -11.80 8.46 -15.40
C THR A 326 -11.12 9.71 -15.98
N PRO A 327 -11.54 10.12 -17.19
CA PRO A 327 -10.96 11.33 -17.79
C PRO A 327 -11.44 12.61 -17.10
N LEU A 328 -10.74 13.01 -16.04
CA LEU A 328 -11.14 14.16 -15.25
C LEU A 328 -10.97 15.48 -16.00
N LYS A 329 -11.82 16.45 -15.65
CA LYS A 329 -11.75 17.78 -16.25
C LYS A 329 -11.86 18.86 -15.18
N LEU A 330 -11.17 19.97 -15.39
CA LEU A 330 -11.30 21.13 -14.53
C LEU A 330 -12.20 22.15 -15.20
N ALA A 331 -13.24 22.66 -14.46
CA ALA A 331 -14.14 23.67 -14.99
C ALA A 331 -13.35 24.92 -15.37
N ASN A 332 -13.57 25.42 -16.57
CA ASN A 332 -12.99 26.68 -17.02
C ASN A 332 -14.10 27.47 -17.71
N GLY A 333 -15.19 27.67 -16.99
CA GLY A 333 -16.31 28.40 -17.54
C GLY A 333 -17.37 28.53 -16.49
N THR A 334 -18.60 28.81 -16.96
CA THR A 334 -19.73 28.95 -16.06
C THR A 334 -20.74 27.83 -16.26
N LYS A 335 -21.50 27.53 -15.21
CA LYS A 335 -22.56 26.53 -15.28
C LYS A 335 -23.58 26.96 -16.33
N TYR A 336 -24.19 25.98 -16.99
CA TYR A 336 -25.14 26.26 -18.06
C TYR A 336 -26.33 27.11 -17.62
N ARG A 337 -26.72 28.06 -18.45
CA ARG A 337 -27.89 28.89 -18.22
C ARG A 337 -28.74 29.00 -19.48
N PRO A 338 -30.06 28.83 -19.34
CA PRO A 338 -30.96 29.02 -20.49
C PRO A 338 -30.91 30.48 -20.91
N PRO A 339 -30.87 30.73 -22.24
CA PRO A 339 -30.91 32.11 -22.73
C PRO A 339 -32.14 32.83 -22.21
N ALA A 340 -31.95 34.04 -21.69
CA ALA A 340 -33.06 34.81 -21.15
C ALA A 340 -33.60 35.77 -22.20
N LYS A 341 -34.92 35.88 -22.27
CA LYS A 341 -35.53 36.78 -23.24
C LYS A 341 -36.60 37.68 -22.60
N LEU A 342 -36.94 38.75 -23.31
CA LEU A 342 -37.85 39.78 -22.82
C LEU A 342 -39.32 39.36 -22.81
N LEU A 343 -39.88 39.11 -24.00
CA LEU A 343 -41.31 38.78 -24.11
C LEU A 343 -41.52 37.39 -24.68
N PHE B 2 -27.51 27.99 -5.33
CA PHE B 2 -28.54 27.94 -4.30
C PHE B 2 -28.83 29.33 -3.75
N PHE B 3 -27.80 30.16 -3.68
CA PHE B 3 -27.94 31.53 -3.18
C PHE B 3 -28.88 32.32 -4.08
N GLY B 4 -28.54 32.38 -5.36
CA GLY B 4 -29.36 33.06 -6.37
C GLY B 4 -30.78 32.53 -6.46
N ALA B 5 -30.94 31.22 -6.36
CA ALA B 5 -32.25 30.60 -6.38
C ALA B 5 -33.14 31.12 -5.25
N ILE B 6 -32.58 31.19 -4.05
CA ILE B 6 -33.31 31.65 -2.88
C ILE B 6 -33.49 33.16 -2.92
N ALA B 7 -32.47 33.86 -3.40
CA ALA B 7 -32.45 35.32 -3.37
C ALA B 7 -33.23 35.92 -4.53
N GLY B 8 -33.71 35.07 -5.43
CA GLY B 8 -34.49 35.52 -6.56
C GLY B 8 -33.65 36.14 -7.67
N PHE B 9 -32.37 35.78 -7.71
CA PHE B 9 -31.50 36.23 -8.80
C PHE B 9 -31.98 35.59 -10.10
N LEU B 10 -31.76 36.27 -11.21
CA LEU B 10 -32.14 35.74 -12.52
C LEU B 10 -31.45 34.40 -12.77
N GLU B 11 -32.26 33.38 -13.02
CA GLU B 11 -31.74 32.03 -13.24
C GLU B 11 -31.29 31.80 -14.68
N GLY B 12 -31.66 32.73 -15.56
CA GLY B 12 -31.26 32.64 -16.95
C GLY B 12 -29.96 33.38 -17.21
N GLY B 13 -29.47 33.29 -18.44
CA GLY B 13 -28.24 33.96 -18.82
C GLY B 13 -28.39 34.74 -20.12
N TRP B 14 -27.37 35.53 -20.45
CA TRP B 14 -27.45 36.42 -21.61
C TRP B 14 -26.43 36.05 -22.69
N GLU B 15 -26.94 35.54 -23.82
CA GLU B 15 -26.10 35.18 -24.96
C GLU B 15 -25.28 36.35 -25.48
N GLY B 16 -25.80 37.57 -25.28
CA GLY B 16 -25.08 38.77 -25.70
C GLY B 16 -23.75 38.95 -24.99
N MET B 17 -23.65 38.42 -23.77
CA MET B 17 -22.43 38.53 -22.99
C MET B 17 -21.35 37.63 -23.58
N ILE B 18 -20.53 38.19 -24.47
CA ILE B 18 -19.58 37.41 -25.25
C ILE B 18 -18.14 37.62 -24.78
N ALA B 19 -17.81 38.84 -24.40
CA ALA B 19 -16.45 39.20 -24.04
C ALA B 19 -16.05 38.79 -22.63
N GLY B 20 -16.92 38.04 -21.95
CA GLY B 20 -16.65 37.64 -20.57
C GLY B 20 -17.70 36.71 -19.99
N TRP B 21 -17.55 36.38 -18.72
CA TRP B 21 -18.39 35.37 -18.07
C TRP B 21 -19.53 35.98 -17.26
N HIS B 22 -19.25 37.09 -16.59
CA HIS B 22 -20.27 37.80 -15.83
C HIS B 22 -20.17 39.29 -16.09
N GLY B 23 -21.27 39.99 -15.84
CA GLY B 23 -21.32 41.43 -16.08
C GLY B 23 -22.67 42.04 -15.77
N TYR B 24 -23.10 42.96 -16.63
CA TYR B 24 -24.29 43.73 -16.33
C TYR B 24 -25.29 43.76 -17.49
N THR B 25 -26.56 43.93 -17.16
CA THR B 25 -27.59 44.24 -18.14
C THR B 25 -28.34 45.51 -17.73
N SER B 26 -28.81 46.27 -18.72
CA SER B 26 -29.63 47.45 -18.44
C SER B 26 -30.98 47.33 -19.13
N HIS B 27 -32.03 47.74 -18.44
CA HIS B 27 -33.39 47.54 -18.93
C HIS B 27 -34.17 48.86 -18.94
N GLY B 28 -34.50 49.32 -20.14
CA GLY B 28 -35.24 50.56 -20.29
C GLY B 28 -35.85 50.72 -21.67
N ALA B 29 -35.95 51.97 -22.13
CA ALA B 29 -36.59 52.25 -23.41
C ALA B 29 -35.73 51.82 -24.59
N HIS B 30 -34.46 51.55 -24.31
CA HIS B 30 -33.54 51.07 -25.33
C HIS B 30 -33.76 49.59 -25.58
N GLY B 31 -34.53 48.97 -24.70
CA GLY B 31 -34.72 47.52 -24.74
C GLY B 31 -33.89 46.83 -23.68
N VAL B 32 -32.77 46.26 -24.10
CA VAL B 32 -31.88 45.55 -23.18
C VAL B 32 -30.43 45.53 -23.67
N ALA B 33 -29.54 46.16 -22.90
CA ALA B 33 -28.12 46.15 -23.22
C ALA B 33 -27.36 45.17 -22.34
N VAL B 34 -26.26 44.63 -22.85
CA VAL B 34 -25.46 43.65 -22.12
C VAL B 34 -23.97 43.99 -22.19
N ALA B 35 -23.31 44.02 -21.05
CA ALA B 35 -21.87 44.27 -21.01
C ALA B 35 -21.15 43.34 -20.03
N ALA B 36 -20.11 42.67 -20.52
CA ALA B 36 -19.31 41.80 -19.67
C ALA B 36 -18.32 42.62 -18.86
N ASP B 37 -18.14 42.22 -17.60
CA ASP B 37 -17.15 42.85 -16.75
C ASP B 37 -15.86 42.03 -16.84
N LEU B 38 -14.78 42.67 -17.30
CA LEU B 38 -13.54 41.97 -17.57
C LEU B 38 -12.73 41.67 -16.32
N LYS B 39 -12.89 42.51 -15.30
CA LYS B 39 -12.19 42.33 -14.03
C LYS B 39 -12.63 41.04 -13.36
N SER B 40 -13.95 40.88 -13.24
CA SER B 40 -14.54 39.70 -12.61
C SER B 40 -14.20 38.43 -13.38
N THR B 41 -14.23 38.51 -14.70
CA THR B 41 -13.92 37.36 -15.55
C THR B 41 -12.47 36.93 -15.39
N GLN B 42 -11.57 37.91 -15.34
CA GLN B 42 -10.14 37.63 -15.17
C GLN B 42 -9.86 36.99 -13.82
N GLU B 43 -10.51 37.52 -12.77
CA GLU B 43 -10.40 36.95 -11.44
C GLU B 43 -10.74 35.46 -11.41
N ALA B 44 -11.87 35.10 -12.02
CA ALA B 44 -12.29 33.71 -12.12
C ALA B 44 -11.27 32.88 -12.89
N ILE B 45 -10.79 33.43 -13.99
CA ILE B 45 -9.84 32.73 -14.85
C ILE B 45 -8.52 32.48 -14.12
N ASN B 46 -8.08 33.45 -13.32
CA ASN B 46 -6.85 33.32 -12.56
C ASN B 46 -6.95 32.30 -11.44
N LYS B 47 -8.10 32.27 -10.78
CA LYS B 47 -8.35 31.28 -9.73
C LYS B 47 -8.24 29.87 -10.30
N ILE B 48 -8.90 29.66 -11.42
CA ILE B 48 -8.89 28.38 -12.11
C ILE B 48 -7.46 28.01 -12.55
N THR B 49 -6.72 29.00 -13.02
CA THR B 49 -5.35 28.77 -13.47
C THR B 49 -4.45 28.34 -12.33
N LYS B 50 -4.57 29.03 -11.19
CA LYS B 50 -3.83 28.67 -9.99
C LYS B 50 -4.24 27.27 -9.53
N ASN B 51 -5.53 27.00 -9.63
CA ASN B 51 -6.09 25.72 -9.24
C ASN B 51 -5.49 24.60 -10.08
N LEU B 52 -5.36 24.86 -11.39
CA LEU B 52 -4.71 23.94 -12.31
C LEU B 52 -3.25 23.67 -11.91
N ASN B 53 -2.52 24.72 -11.58
CA ASN B 53 -1.13 24.58 -11.12
C ASN B 53 -1.02 23.70 -9.88
N SER B 54 -1.89 23.96 -8.91
CA SER B 54 -1.89 23.20 -7.66
C SER B 54 -2.10 21.70 -7.90
N LEU B 55 -3.04 21.36 -8.76
CA LEU B 55 -3.31 19.97 -9.10
C LEU B 55 -2.15 19.32 -9.84
N SER B 56 -1.36 20.12 -10.55
CA SER B 56 -0.27 19.58 -11.36
C SER B 56 1.03 19.44 -10.56
N GLU B 57 1.03 19.92 -9.33
CA GLU B 57 2.23 19.88 -8.50
C GLU B 57 2.41 18.56 -7.76
N LEU B 58 1.33 17.78 -7.68
CA LEU B 58 1.37 16.51 -7.00
C LEU B 58 2.37 15.54 -7.63
N GLU B 59 3.25 14.97 -6.80
CA GLU B 59 4.21 13.98 -7.27
C GLU B 59 4.06 12.68 -6.50
N VAL B 60 4.04 11.56 -7.23
CA VAL B 60 4.02 10.24 -6.60
C VAL B 60 5.19 9.39 -7.09
N LYS B 61 5.61 8.45 -6.25
CA LYS B 61 6.72 7.57 -6.55
C LYS B 61 6.43 6.72 -7.78
N ASN B 62 7.45 6.43 -8.58
CA ASN B 62 7.31 5.47 -9.66
C ASN B 62 7.01 4.09 -9.10
N LEU B 63 6.27 3.29 -9.85
CA LEU B 63 6.13 1.87 -9.56
C LEU B 63 6.94 1.10 -10.58
N GLN B 64 8.02 0.46 -10.14
CA GLN B 64 8.84 -0.35 -11.03
C GLN B 64 8.95 -1.77 -10.49
N ARG B 65 9.67 -2.61 -11.20
CA ARG B 65 9.87 -3.99 -10.78
C ARG B 65 10.71 -4.08 -9.51
N LEU B 66 10.55 -5.18 -8.78
CA LEU B 66 11.48 -5.53 -7.72
C LEU B 66 12.79 -5.93 -8.38
N SER B 67 13.91 -5.49 -7.81
CA SER B 67 15.20 -5.81 -8.38
C SER B 67 15.65 -7.23 -8.07
N GLY B 68 15.14 -7.79 -6.97
CA GLY B 68 15.58 -9.10 -6.52
C GLY B 68 14.67 -10.26 -6.84
N ALA B 69 13.40 -9.99 -7.09
CA ALA B 69 12.43 -11.06 -7.35
C ALA B 69 12.42 -11.46 -8.82
N MET B 70 12.84 -12.69 -9.10
CA MET B 70 12.91 -13.19 -10.47
C MET B 70 11.63 -13.95 -10.83
N ASP B 71 11.25 -13.88 -12.11
CA ASP B 71 10.14 -14.67 -12.61
C ASP B 71 10.36 -16.15 -12.33
N GLU B 72 9.25 -16.88 -12.17
CA GLU B 72 9.28 -18.33 -11.90
C GLU B 72 9.79 -18.67 -10.51
N LEU B 73 11.01 -18.23 -10.19
CA LEU B 73 11.59 -18.49 -8.88
C LEU B 73 10.77 -17.87 -7.74
N HIS B 74 10.25 -16.67 -7.96
CA HIS B 74 9.53 -15.94 -6.92
C HIS B 74 8.15 -15.47 -7.36
N ASN B 75 7.36 -16.36 -7.96
CA ASN B 75 6.04 -15.99 -8.44
C ASN B 75 5.11 -15.47 -7.35
N GLU B 76 5.13 -16.13 -6.20
CA GLU B 76 4.31 -15.73 -5.06
C GLU B 76 4.57 -14.28 -4.64
N ILE B 77 5.85 -13.94 -4.45
CA ILE B 77 6.24 -12.56 -4.17
C ILE B 77 5.77 -11.59 -5.26
N LEU B 78 5.94 -11.99 -6.51
CA LEU B 78 5.55 -11.14 -7.64
C LEU B 78 4.04 -10.91 -7.71
N GLU B 79 3.28 -11.87 -7.20
CA GLU B 79 1.83 -11.69 -7.12
C GLU B 79 1.47 -10.59 -6.12
N LEU B 80 2.14 -10.62 -4.96
CA LEU B 80 1.92 -9.61 -3.94
C LEU B 80 2.36 -8.23 -4.43
N ASP B 81 3.49 -8.19 -5.14
CA ASP B 81 4.00 -6.97 -5.72
C ASP B 81 3.00 -6.36 -6.69
N GLU B 82 2.40 -7.20 -7.52
CA GLU B 82 1.34 -6.79 -8.44
C GLU B 82 0.14 -6.23 -7.68
N LYS B 83 -0.17 -6.85 -6.54
CA LYS B 83 -1.25 -6.37 -5.68
C LYS B 83 -0.95 -4.97 -5.11
N VAL B 84 0.29 -4.75 -4.68
CA VAL B 84 0.70 -3.44 -4.17
C VAL B 84 0.58 -2.33 -5.19
N ASP B 85 1.05 -2.59 -6.41
CA ASP B 85 0.92 -1.65 -7.52
C ASP B 85 -0.54 -1.28 -7.78
N ASP B 86 -1.39 -2.30 -7.82
CA ASP B 86 -2.81 -2.12 -8.10
C ASP B 86 -3.52 -1.27 -7.05
N LEU B 87 -3.23 -1.54 -5.78
CA LEU B 87 -3.86 -0.81 -4.69
C LEU B 87 -3.36 0.63 -4.62
N ARG B 88 -2.10 0.83 -4.98
CA ARG B 88 -1.53 2.17 -5.04
C ARG B 88 -2.24 2.99 -6.11
N ALA B 89 -2.34 2.43 -7.32
CA ALA B 89 -3.00 3.11 -8.42
C ALA B 89 -4.43 3.48 -8.05
N ASP B 90 -5.08 2.56 -7.34
CA ASP B 90 -6.47 2.74 -6.93
C ASP B 90 -6.63 3.87 -5.93
N THR B 91 -5.80 3.85 -4.88
CA THR B 91 -5.90 4.82 -3.80
C THR B 91 -5.58 6.25 -4.25
N ILE B 92 -4.48 6.43 -4.97
CA ILE B 92 -4.09 7.74 -5.46
C ILE B 92 -5.11 8.30 -6.45
N SER B 93 -5.65 7.42 -7.29
CA SER B 93 -6.75 7.79 -8.18
C SER B 93 -7.92 8.40 -7.42
N SER B 94 -8.34 7.74 -6.35
CA SER B 94 -9.44 8.23 -5.51
C SER B 94 -9.11 9.59 -4.91
N GLN B 95 -7.87 9.73 -4.44
CA GLN B 95 -7.44 10.96 -3.81
C GLN B 95 -7.43 12.11 -4.81
N ILE B 96 -7.00 11.82 -6.04
CA ILE B 96 -6.98 12.81 -7.11
C ILE B 96 -8.40 13.23 -7.50
N GLU B 97 -9.30 12.25 -7.63
CA GLU B 97 -10.70 12.54 -7.93
C GLU B 97 -11.32 13.43 -6.87
N LEU B 98 -10.91 13.24 -5.61
CA LEU B 98 -11.39 14.06 -4.51
C LEU B 98 -10.89 15.48 -4.64
N ALA B 99 -9.60 15.62 -4.95
CA ALA B 99 -8.98 16.92 -5.16
C ALA B 99 -9.67 17.69 -6.29
N VAL B 100 -9.93 16.99 -7.39
CA VAL B 100 -10.58 17.59 -8.55
C VAL B 100 -12.04 17.95 -8.25
N LEU B 101 -12.73 17.07 -7.53
CA LEU B 101 -14.12 17.30 -7.14
C LEU B 101 -14.26 18.60 -6.34
N LEU B 102 -13.41 18.77 -5.34
CA LEU B 102 -13.45 19.95 -4.48
C LEU B 102 -13.10 21.22 -5.25
N SER B 103 -12.14 21.11 -6.17
CA SER B 103 -11.80 22.22 -7.06
C SER B 103 -13.03 22.68 -7.86
N ASN B 104 -13.67 21.75 -8.55
CA ASN B 104 -14.85 22.05 -9.34
C ASN B 104 -16.02 22.58 -8.51
N GLU B 105 -16.22 21.98 -7.34
CA GLU B 105 -17.23 22.46 -6.41
C GLU B 105 -16.99 23.94 -6.08
N GLY B 106 -15.73 24.28 -5.81
CA GLY B 106 -15.34 25.65 -5.54
C GLY B 106 -15.65 26.62 -6.67
N ILE B 107 -15.25 26.24 -7.88
CA ILE B 107 -15.42 27.09 -9.05
C ILE B 107 -16.89 27.41 -9.34
N ILE B 108 -17.73 26.38 -9.35
CA ILE B 108 -19.15 26.55 -9.62
C ILE B 108 -19.84 27.36 -8.52
N ASN B 109 -19.47 27.11 -7.27
CA ASN B 109 -20.06 27.81 -6.14
C ASN B 109 -19.78 29.31 -6.10
N SER B 110 -18.61 29.70 -6.61
CA SER B 110 -18.18 31.09 -6.51
C SER B 110 -18.91 32.01 -7.49
N GLU B 111 -19.67 31.43 -8.41
CA GLU B 111 -20.39 32.21 -9.41
C GLU B 111 -21.28 33.29 -8.80
N ASP B 112 -22.15 32.89 -7.87
CA ASP B 112 -23.03 33.84 -7.19
C ASP B 112 -22.24 34.86 -6.38
N GLU B 113 -21.04 34.48 -5.96
CA GLU B 113 -20.19 35.40 -5.20
C GLU B 113 -19.62 36.50 -6.10
N HIS B 114 -19.33 36.15 -7.35
CA HIS B 114 -18.92 37.13 -8.34
C HIS B 114 -20.03 38.14 -8.59
N LEU B 115 -21.27 37.66 -8.65
CA LEU B 115 -22.42 38.54 -8.82
C LEU B 115 -22.54 39.48 -7.64
N LEU B 116 -22.46 38.92 -6.43
CA LEU B 116 -22.51 39.70 -5.20
C LEU B 116 -21.44 40.79 -5.18
N ALA B 117 -20.25 40.46 -5.67
CA ALA B 117 -19.16 41.43 -5.76
C ALA B 117 -19.45 42.49 -6.83
N LEU B 118 -19.96 42.06 -7.97
CA LEU B 118 -20.29 42.98 -9.07
C LEU B 118 -21.39 43.96 -8.67
N GLU B 119 -22.22 43.53 -7.72
CA GLU B 119 -23.33 44.33 -7.23
C GLU B 119 -22.82 45.48 -6.36
N ARG B 120 -21.78 45.19 -5.58
CA ARG B 120 -21.13 46.20 -4.76
C ARG B 120 -20.47 47.27 -5.63
N LYS B 121 -19.83 46.83 -6.70
CA LYS B 121 -19.15 47.73 -7.62
C LYS B 121 -20.17 48.64 -8.30
N LEU B 122 -21.31 48.06 -8.67
CA LEU B 122 -22.37 48.79 -9.34
C LEU B 122 -23.01 49.81 -8.42
N LYS B 123 -23.17 49.44 -7.16
CA LYS B 123 -23.85 50.27 -6.17
C LYS B 123 -23.12 51.60 -5.96
N LYS B 124 -21.80 51.54 -5.89
CA LYS B 124 -20.99 52.74 -5.69
C LYS B 124 -21.02 53.67 -6.90
N MET B 125 -20.96 53.08 -8.09
CA MET B 125 -20.93 53.87 -9.33
C MET B 125 -22.25 54.57 -9.62
N LEU B 126 -23.37 53.91 -9.31
CA LEU B 126 -24.69 54.48 -9.57
C LEU B 126 -24.99 55.68 -8.67
N GLY B 127 -24.34 55.74 -7.51
CA GLY B 127 -24.55 56.82 -6.57
C GLY B 127 -25.75 56.60 -5.67
N PRO B 128 -25.93 57.50 -4.69
CA PRO B 128 -26.96 57.37 -3.65
C PRO B 128 -28.38 57.66 -4.13
N SER B 129 -28.57 58.00 -5.40
CA SER B 129 -29.90 58.26 -5.91
C SER B 129 -30.58 57.00 -6.46
N ALA B 130 -29.79 55.95 -6.68
CA ALA B 130 -30.32 54.67 -7.13
C ALA B 130 -30.82 53.87 -5.94
N VAL B 131 -31.82 53.02 -6.15
CA VAL B 131 -32.36 52.19 -5.07
C VAL B 131 -32.05 50.71 -5.27
N ASP B 132 -31.66 50.05 -4.17
CA ASP B 132 -31.28 48.65 -4.19
C ASP B 132 -32.52 47.78 -4.02
N ILE B 133 -32.79 46.93 -5.00
CA ILE B 133 -33.96 46.06 -4.97
C ILE B 133 -33.67 44.78 -4.16
N GLY B 134 -32.44 44.29 -4.26
CA GLY B 134 -32.03 43.13 -3.48
C GLY B 134 -31.83 41.87 -4.29
N ASN B 135 -32.32 41.87 -5.53
CA ASN B 135 -32.19 40.71 -6.40
C ASN B 135 -31.06 40.89 -7.40
N GLY B 136 -30.11 41.74 -7.06
CA GLY B 136 -28.98 42.02 -7.93
C GLY B 136 -29.28 43.15 -8.89
N CYS B 137 -30.41 43.83 -8.68
CA CYS B 137 -30.86 44.89 -9.57
C CYS B 137 -31.00 46.23 -8.85
N PHE B 138 -30.68 47.31 -9.57
CA PHE B 138 -30.84 48.64 -9.04
C PHE B 138 -31.77 49.48 -9.93
N GLU B 139 -32.62 50.29 -9.30
CA GLU B 139 -33.49 51.19 -10.04
C GLU B 139 -32.84 52.58 -10.13
N THR B 140 -32.74 53.10 -11.36
CA THR B 140 -32.05 54.37 -11.57
C THR B 140 -32.99 55.50 -12.04
N LYS B 141 -32.55 56.73 -11.83
CA LYS B 141 -33.31 57.91 -12.23
C LYS B 141 -33.11 58.23 -13.71
N HIS B 142 -32.05 57.66 -14.27
CA HIS B 142 -31.63 58.00 -15.63
C HIS B 142 -31.74 56.80 -16.57
N LYS B 143 -31.66 57.09 -17.87
CA LYS B 143 -31.63 56.04 -18.88
C LYS B 143 -30.21 55.51 -19.01
N CYS B 144 -30.08 54.21 -19.23
CA CYS B 144 -28.77 53.60 -19.47
C CYS B 144 -28.80 52.69 -20.68
N ASN B 145 -28.41 53.22 -21.84
CA ASN B 145 -28.34 52.39 -23.05
C ASN B 145 -27.00 51.65 -23.09
N GLN B 146 -26.73 50.99 -24.21
CA GLN B 146 -25.49 50.21 -24.35
C GLN B 146 -24.23 51.05 -24.06
N THR B 147 -24.23 52.32 -24.50
CA THR B 147 -23.11 53.23 -24.30
C THR B 147 -22.87 53.49 -22.81
N CYS B 148 -23.97 53.66 -22.08
CA CYS B 148 -23.91 53.88 -20.64
C CYS B 148 -23.40 52.64 -19.91
N LEU B 149 -23.95 51.48 -20.27
CA LEU B 149 -23.54 50.21 -19.66
C LEU B 149 -22.06 49.91 -19.88
N ASP B 150 -21.56 50.23 -21.07
CA ASP B 150 -20.16 49.96 -21.40
C ASP B 150 -19.21 50.71 -20.48
N ARG B 151 -19.62 51.91 -20.07
CA ARG B 151 -18.83 52.72 -19.15
C ARG B 151 -18.95 52.21 -17.72
N ILE B 152 -20.07 51.57 -17.41
CA ILE B 152 -20.25 50.93 -16.12
C ILE B 152 -19.32 49.73 -16.01
N ALA B 153 -19.32 48.89 -17.05
CA ALA B 153 -18.44 47.73 -17.12
C ALA B 153 -16.96 48.13 -17.08
N ALA B 154 -16.68 49.37 -17.47
CA ALA B 154 -15.30 49.84 -17.52
C ALA B 154 -14.94 50.60 -16.24
N GLY B 155 -15.94 50.85 -15.40
CA GLY B 155 -15.72 51.53 -14.14
C GLY B 155 -15.53 53.03 -14.30
N THR B 156 -15.87 53.55 -15.49
CA THR B 156 -15.69 54.96 -15.79
C THR B 156 -16.98 55.78 -15.61
N PHE B 157 -18.09 55.08 -15.40
CA PHE B 157 -19.40 55.72 -15.26
C PHE B 157 -19.43 56.79 -14.18
N ASN B 158 -19.96 57.96 -14.53
CA ASN B 158 -20.12 59.05 -13.59
C ASN B 158 -21.57 59.53 -13.54
N ALA B 159 -22.17 59.50 -12.36
CA ALA B 159 -23.56 59.90 -12.20
C ALA B 159 -23.75 61.41 -12.33
N GLY B 160 -22.64 62.15 -12.22
CA GLY B 160 -22.67 63.60 -12.33
C GLY B 160 -23.07 64.05 -13.72
N GLU B 161 -22.81 63.20 -14.71
CA GLU B 161 -23.16 63.51 -16.09
C GLU B 161 -24.68 63.55 -16.31
N PHE B 162 -25.42 62.95 -15.37
CA PHE B 162 -26.88 62.99 -15.42
C PHE B 162 -27.41 63.93 -14.34
N SER B 163 -26.53 64.79 -13.85
CA SER B 163 -26.87 65.73 -12.77
C SER B 163 -27.36 65.01 -11.53
N LEU B 164 -26.74 63.88 -11.23
CA LEU B 164 -27.10 63.08 -10.06
C LEU B 164 -25.92 63.02 -9.09
N PRO B 165 -26.22 62.88 -7.79
CA PRO B 165 -25.17 62.82 -6.76
C PRO B 165 -24.25 61.61 -6.94
N THR B 166 -23.00 61.76 -6.52
CA THR B 166 -22.02 60.69 -6.62
C THR B 166 -21.29 60.47 -5.30
N PHE B 167 -20.73 59.28 -5.15
CA PHE B 167 -19.79 59.01 -4.05
C PHE B 167 -18.40 59.34 -4.52
N ASP B 168 -17.65 60.08 -3.72
CA ASP B 168 -16.25 60.35 -4.01
C ASP B 168 -15.39 59.22 -3.45
N SER B 169 -14.24 58.98 -4.07
CA SER B 169 -13.34 57.94 -3.60
C SER B 169 -12.27 58.50 -2.68
N LEU B 170 -11.92 57.75 -1.64
CA LEU B 170 -10.86 58.17 -0.73
C LEU B 170 -9.53 58.19 -1.46
N ASN B 171 -8.70 59.17 -1.14
CA ASN B 171 -7.37 59.25 -1.73
C ASN B 171 -6.42 58.33 -0.96
N ILE B 172 -6.12 57.17 -1.53
CA ILE B 172 -5.25 56.19 -0.89
C ILE B 172 -4.16 55.70 -1.83
N ASP C 1 -43.68 47.26 12.04
CA ASP C 1 -43.19 46.00 12.61
C ASP C 1 -41.76 45.70 12.16
N ARG C 2 -41.14 44.72 12.80
CA ARG C 2 -39.81 44.27 12.42
C ARG C 2 -39.85 42.84 11.91
N ILE C 3 -39.25 42.62 10.73
CA ILE C 3 -39.22 41.30 10.11
C ILE C 3 -37.79 40.83 9.93
N CYS C 4 -37.51 39.60 10.35
CA CYS C 4 -36.14 39.09 10.40
C CYS C 4 -36.04 37.69 9.80
N THR C 5 -34.83 37.35 9.34
CA THR C 5 -34.52 35.98 8.96
C THR C 5 -34.16 35.19 10.22
N GLY C 6 -34.47 33.91 10.23
CA GLY C 6 -34.19 33.08 11.39
C GLY C 6 -34.01 31.61 11.09
N ILE C 7 -33.49 30.86 12.05
CA ILE C 7 -33.28 29.43 11.90
C ILE C 7 -34.01 28.69 13.01
N THR C 8 -34.56 27.52 12.68
CA THR C 8 -35.32 26.72 13.64
C THR C 8 -34.50 26.26 14.84
N SER C 9 -35.20 25.85 15.89
CA SER C 9 -34.59 25.26 17.06
C SER C 9 -35.34 23.98 17.41
N SER C 10 -34.60 22.88 17.54
CA SER C 10 -35.19 21.58 17.82
C SER C 10 -34.19 20.74 18.57
N ASN C 11 -34.65 19.59 19.08
CA ASN C 11 -33.77 18.66 19.76
C ASN C 11 -32.63 18.25 18.84
N SER C 12 -31.40 18.36 19.35
CA SER C 12 -30.22 18.11 18.54
C SER C 12 -29.23 17.16 19.22
N PRO C 13 -29.60 15.87 19.34
CA PRO C 13 -28.78 14.90 20.06
C PRO C 13 -27.61 14.37 19.23
N HIS C 14 -27.63 14.61 17.92
CA HIS C 14 -26.63 14.07 17.01
C HIS C 14 -25.40 14.96 16.88
N VAL C 15 -24.23 14.33 16.76
CA VAL C 15 -22.97 15.06 16.69
C VAL C 15 -22.19 14.75 15.41
N VAL C 16 -21.70 15.78 14.74
CA VAL C 16 -20.77 15.61 13.63
C VAL C 16 -19.53 16.48 13.78
N LYS C 17 -18.43 16.06 13.16
CA LYS C 17 -17.17 16.80 13.21
C LYS C 17 -17.07 17.81 12.08
N THR C 18 -16.58 19.00 12.40
CA THR C 18 -16.24 20.00 11.39
C THR C 18 -14.78 20.42 11.54
N ALA C 19 -14.25 21.07 10.51
CA ALA C 19 -12.87 21.53 10.54
C ALA C 19 -12.67 22.80 11.37
N THR C 20 -13.64 23.71 11.30
CA THR C 20 -13.48 25.03 11.91
C THR C 20 -14.31 25.28 13.17
N GLN C 21 -15.24 24.37 13.47
CA GLN C 21 -16.09 24.53 14.65
C GLN C 21 -16.01 23.34 15.61
N GLY C 22 -15.10 22.41 15.35
CA GLY C 22 -14.99 21.21 16.15
C GLY C 22 -16.23 20.34 16.02
N GLU C 23 -16.53 19.57 17.07
CA GLU C 23 -17.76 18.79 17.10
C GLU C 23 -18.96 19.69 17.37
N VAL C 24 -20.04 19.49 16.58
CA VAL C 24 -21.23 20.28 16.80
C VAL C 24 -22.48 19.42 16.86
N ASN C 25 -23.49 19.88 17.61
CA ASN C 25 -24.77 19.17 17.69
C ASN C 25 -25.66 19.65 16.54
N VAL C 26 -26.40 18.71 15.94
CA VAL C 26 -27.29 19.03 14.84
C VAL C 26 -28.65 18.38 15.03
N THR C 27 -29.68 18.89 14.32
CA THR C 27 -31.05 18.42 14.47
C THR C 27 -31.28 17.07 13.82
N GLY C 28 -30.50 16.76 12.78
CA GLY C 28 -30.65 15.51 12.06
C GLY C 28 -29.41 15.07 11.31
N VAL C 29 -29.26 13.76 11.14
CA VAL C 29 -28.13 13.21 10.40
C VAL C 29 -28.56 12.05 9.50
N ILE C 30 -27.70 11.75 8.52
CA ILE C 30 -27.83 10.55 7.72
C ILE C 30 -26.66 9.64 8.06
N PRO C 31 -26.94 8.50 8.73
CA PRO C 31 -25.86 7.57 9.04
C PRO C 31 -25.24 6.99 7.78
N LEU C 32 -23.91 6.90 7.76
CA LEU C 32 -23.19 6.41 6.59
C LEU C 32 -22.64 5.01 6.83
N THR C 33 -22.74 4.53 8.07
CA THR C 33 -22.16 3.24 8.45
C THR C 33 -23.13 2.36 9.23
N THR C 34 -22.93 1.05 9.12
CA THR C 34 -23.58 0.09 10.00
C THR C 34 -22.51 -0.89 10.48
N THR C 35 -22.82 -1.60 11.55
CA THR C 35 -21.98 -2.74 11.95
C THR C 35 -22.70 -4.02 11.56
N PRO C 36 -22.11 -4.77 10.61
CA PRO C 36 -22.74 -5.99 10.12
C PRO C 36 -22.84 -7.05 11.21
N THR C 37 -23.73 -8.01 11.01
CA THR C 37 -23.85 -9.13 11.93
C THR C 37 -23.34 -10.40 11.27
N LYS C 38 -22.86 -11.34 12.08
CA LYS C 38 -22.28 -12.56 11.57
C LYS C 38 -23.35 -13.50 10.99
N SER C 39 -23.22 -13.81 9.71
CA SER C 39 -24.16 -14.67 9.02
C SER C 39 -23.44 -15.83 8.35
N HIS C 40 -24.21 -16.76 7.80
CA HIS C 40 -23.64 -17.88 7.05
C HIS C 40 -23.08 -17.36 5.74
N PHE C 41 -22.17 -18.10 5.13
CA PHE C 41 -21.65 -17.69 3.83
C PHE C 41 -22.65 -18.05 2.74
N ALA C 42 -22.40 -17.59 1.52
CA ALA C 42 -23.38 -17.73 0.46
C ALA C 42 -22.73 -17.58 -0.91
N ASN C 43 -23.55 -17.64 -1.96
CA ASN C 43 -23.08 -17.41 -3.31
C ASN C 43 -22.89 -15.92 -3.57
N LEU C 44 -21.87 -15.58 -4.34
CA LEU C 44 -21.61 -14.20 -4.68
C LEU C 44 -22.49 -13.82 -5.85
N LYS C 45 -23.38 -12.85 -5.64
CA LYS C 45 -24.28 -12.37 -6.68
C LYS C 45 -23.54 -11.95 -7.94
N GLY C 46 -23.86 -12.58 -9.06
CA GLY C 46 -23.25 -12.26 -10.33
C GLY C 46 -21.99 -13.04 -10.61
N THR C 47 -21.63 -13.94 -9.69
CA THR C 47 -20.40 -14.72 -9.83
C THR C 47 -20.53 -16.15 -9.30
N LYS C 48 -20.31 -17.13 -10.17
CA LYS C 48 -20.27 -18.53 -9.78
C LYS C 48 -19.29 -18.74 -8.63
N THR C 49 -19.75 -19.35 -7.54
CA THR C 49 -18.94 -19.44 -6.33
C THR C 49 -18.58 -20.88 -5.95
N ARG C 50 -17.29 -21.17 -5.95
CA ARG C 50 -16.77 -22.52 -5.72
C ARG C 50 -16.66 -22.85 -4.23
N GLY C 51 -17.13 -24.04 -3.85
CA GLY C 51 -16.97 -24.55 -2.50
C GLY C 51 -16.06 -25.76 -2.52
N LYS C 52 -16.66 -26.92 -2.77
CA LYS C 52 -15.89 -28.14 -3.01
C LYS C 52 -15.40 -28.12 -4.45
N LEU C 53 -14.22 -28.68 -4.68
CA LEU C 53 -13.64 -28.73 -6.03
C LEU C 53 -14.54 -29.49 -6.98
N CYS C 54 -15.01 -30.66 -6.54
CA CYS C 54 -15.92 -31.48 -7.33
C CYS C 54 -17.15 -31.79 -6.50
N PRO C 55 -18.18 -30.94 -6.62
CA PRO C 55 -19.39 -31.06 -5.79
C PRO C 55 -20.19 -32.34 -6.06
N THR C 56 -20.14 -32.85 -7.29
CA THR C 56 -20.82 -34.09 -7.62
C THR C 56 -20.16 -35.32 -6.98
N CYS C 57 -18.88 -35.21 -6.63
CA CYS C 57 -18.17 -36.31 -5.99
C CYS C 57 -18.47 -36.38 -4.49
N LEU C 58 -19.41 -37.27 -4.12
CA LEU C 58 -19.83 -37.42 -2.72
C LEU C 58 -18.88 -38.34 -1.93
N ASN C 59 -18.88 -38.16 -0.62
CA ASN C 59 -17.92 -38.80 0.33
C ASN C 59 -16.47 -38.55 -0.12
N CYS C 60 -16.19 -37.44 -0.78
CA CYS C 60 -14.84 -37.14 -1.20
C CYS C 60 -14.40 -35.81 -0.59
N THR C 61 -13.16 -35.69 -0.17
CA THR C 61 -12.62 -34.40 0.27
C THR C 61 -11.94 -33.73 -0.92
N ASP C 62 -11.75 -32.41 -0.83
CA ASP C 62 -11.03 -31.67 -1.86
C ASP C 62 -9.63 -32.25 -2.12
N LEU C 63 -8.96 -32.67 -1.05
CA LEU C 63 -7.65 -33.31 -1.18
C LEU C 63 -7.75 -34.67 -1.87
N ASP C 64 -8.78 -35.45 -1.54
CA ASP C 64 -9.04 -36.72 -2.22
C ASP C 64 -9.17 -36.51 -3.72
N VAL C 65 -9.95 -35.50 -4.08
CA VAL C 65 -10.17 -35.13 -5.48
C VAL C 65 -8.87 -34.69 -6.15
N ALA C 66 -8.10 -33.87 -5.44
CA ALA C 66 -6.85 -33.32 -5.98
C ALA C 66 -5.82 -34.41 -6.23
N LEU C 67 -5.85 -35.45 -5.39
CA LEU C 67 -4.92 -36.58 -5.54
C LEU C 67 -5.40 -37.61 -6.55
N GLY C 68 -6.66 -37.48 -6.98
CA GLY C 68 -7.23 -38.39 -7.94
C GLY C 68 -7.58 -39.74 -7.33
N ARG C 69 -8.13 -39.71 -6.13
CA ARG C 69 -8.60 -40.92 -5.45
C ARG C 69 -9.73 -41.57 -6.25
N PRO C 70 -9.72 -42.91 -6.32
CA PRO C 70 -10.84 -43.66 -6.91
C PRO C 70 -12.17 -43.27 -6.26
N MET C 71 -13.20 -43.07 -7.10
CA MET C 71 -14.52 -42.54 -6.72
C MET C 71 -14.53 -41.00 -6.65
N CYS C 72 -13.35 -40.40 -6.63
CA CYS C 72 -13.23 -38.96 -6.49
C CYS C 72 -12.69 -38.29 -7.75
N VAL C 73 -13.00 -38.88 -8.90
CA VAL C 73 -12.62 -38.30 -10.18
C VAL C 73 -13.88 -37.86 -10.89
N GLY C 74 -14.02 -36.55 -11.09
CA GLY C 74 -15.22 -35.99 -11.68
C GLY C 74 -15.01 -34.60 -12.24
N VAL C 75 -16.10 -33.87 -12.37
CA VAL C 75 -16.06 -32.55 -12.97
C VAL C 75 -15.67 -31.49 -11.95
N THR C 76 -14.73 -30.63 -12.31
CA THR C 76 -14.33 -29.53 -11.45
C THR C 76 -14.68 -28.21 -12.13
N PRO C 77 -15.88 -27.68 -11.84
CA PRO C 77 -16.43 -26.50 -12.50
C PRO C 77 -15.54 -25.27 -12.33
N SER C 78 -15.58 -24.37 -13.30
CA SER C 78 -14.87 -23.11 -13.22
C SER C 78 -15.60 -22.13 -12.29
N ALA C 79 -14.86 -21.20 -11.72
CA ALA C 79 -15.42 -20.22 -10.79
C ALA C 79 -14.50 -19.03 -10.64
N LYS C 80 -15.09 -17.83 -10.56
CA LYS C 80 -14.30 -16.61 -10.40
C LYS C 80 -14.20 -16.21 -8.93
N ALA C 81 -14.91 -16.94 -8.07
CA ALA C 81 -14.80 -16.76 -6.64
C ALA C 81 -14.80 -18.12 -5.94
N SER C 82 -13.99 -18.24 -4.89
CA SER C 82 -13.88 -19.51 -4.17
C SER C 82 -13.83 -19.33 -2.67
N ILE C 83 -14.32 -20.32 -1.94
CA ILE C 83 -14.29 -20.32 -0.48
C ILE C 83 -13.26 -21.32 0.03
N LEU C 84 -12.32 -20.85 0.85
CA LEU C 84 -11.33 -21.72 1.47
C LEU C 84 -11.86 -22.17 2.83
N HIS C 85 -12.33 -23.42 2.88
CA HIS C 85 -13.02 -23.93 4.06
C HIS C 85 -12.15 -24.87 4.90
N GLU C 86 -11.03 -25.30 4.32
CA GLU C 86 -10.09 -26.17 5.01
C GLU C 86 -8.68 -25.57 5.01
N VAL C 87 -8.24 -25.02 6.14
CA VAL C 87 -6.88 -24.52 6.23
C VAL C 87 -5.86 -25.67 6.25
N ARG C 88 -6.28 -26.82 6.77
CA ARG C 88 -5.46 -28.03 6.71
C ARG C 88 -6.28 -29.19 6.14
N PRO C 89 -6.39 -29.27 4.81
CA PRO C 89 -7.20 -30.28 4.10
C PRO C 89 -6.77 -31.71 4.44
N VAL C 90 -7.75 -32.56 4.69
CA VAL C 90 -7.50 -33.95 5.04
C VAL C 90 -7.92 -34.88 3.90
N THR C 91 -7.35 -36.09 3.89
CA THR C 91 -7.82 -37.16 3.01
C THR C 91 -8.86 -37.99 3.75
N SER C 92 -9.62 -38.78 3.02
CA SER C 92 -10.61 -39.65 3.64
C SER C 92 -10.68 -41.01 2.97
N GLY C 93 -9.52 -41.55 2.59
CA GLY C 93 -9.48 -42.85 1.94
C GLY C 93 -8.14 -43.19 1.30
N CYS C 94 -8.15 -44.27 0.54
CA CYS C 94 -6.96 -44.76 -0.18
C CYS C 94 -5.77 -45.06 0.72
N PHE C 95 -4.58 -45.15 0.12
CA PHE C 95 -3.38 -45.59 0.82
C PHE C 95 -2.88 -44.55 1.82
N PRO C 96 -2.43 -45.02 3.00
CA PRO C 96 -1.97 -44.12 4.08
C PRO C 96 -0.83 -43.21 3.66
N ILE C 97 -0.99 -41.93 3.94
CA ILE C 97 -0.02 -40.91 3.55
C ILE C 97 0.56 -40.25 4.80
N MET C 98 1.87 -40.01 4.79
CA MET C 98 2.51 -39.18 5.82
C MET C 98 2.49 -37.72 5.37
N HIS C 99 1.32 -37.08 5.54
CA HIS C 99 1.03 -35.77 4.94
C HIS C 99 2.01 -34.65 5.31
N ASP C 100 2.29 -34.50 6.60
CA ASP C 100 3.07 -33.36 7.09
C ASP C 100 4.55 -33.39 6.71
N ARG C 101 4.96 -34.42 5.97
CA ARG C 101 6.36 -34.52 5.55
C ARG C 101 6.59 -33.76 4.25
N THR C 102 5.51 -33.24 3.68
CA THR C 102 5.58 -32.39 2.48
C THR C 102 4.56 -31.25 2.57
N LYS C 103 4.42 -30.53 1.47
CA LYS C 103 3.46 -29.43 1.38
C LYS C 103 2.14 -29.88 0.77
N ILE C 104 1.96 -31.21 0.68
CA ILE C 104 0.87 -31.80 -0.09
C ILE C 104 -0.55 -31.38 0.32
N ARG C 105 -0.77 -31.15 1.60
CA ARG C 105 -2.11 -30.79 2.09
C ARG C 105 -2.68 -29.55 1.41
N GLN C 106 -1.80 -28.64 1.01
CA GLN C 106 -2.23 -27.36 0.45
C GLN C 106 -2.58 -27.43 -1.04
N LEU C 107 -2.33 -28.59 -1.67
CA LEU C 107 -2.64 -28.78 -3.09
C LEU C 107 -4.05 -28.36 -3.52
N PRO C 108 -5.10 -28.80 -2.83
CA PRO C 108 -6.43 -28.35 -3.28
C PRO C 108 -6.65 -26.85 -3.09
N ASN C 109 -6.03 -26.26 -2.08
CA ASN C 109 -6.13 -24.81 -1.88
C ASN C 109 -5.41 -24.02 -2.99
N LEU C 110 -4.35 -24.60 -3.54
CA LEU C 110 -3.67 -23.99 -4.67
C LEU C 110 -4.55 -24.04 -5.91
N LEU C 111 -5.18 -25.18 -6.13
CA LEU C 111 -6.06 -25.37 -7.29
C LEU C 111 -7.24 -24.39 -7.29
N ARG C 112 -7.82 -24.16 -6.11
CA ARG C 112 -9.01 -23.32 -6.02
C ARG C 112 -8.72 -21.85 -6.32
N GLY C 113 -7.44 -21.48 -6.33
CA GLY C 113 -7.03 -20.12 -6.63
C GLY C 113 -7.05 -19.83 -8.12
N TYR C 114 -7.16 -20.90 -8.92
CA TYR C 114 -7.33 -20.75 -10.35
C TYR C 114 -8.81 -20.70 -10.70
N GLU C 115 -9.13 -20.07 -11.83
CA GLU C 115 -10.51 -20.05 -12.31
C GLU C 115 -10.92 -21.41 -12.86
N LYS C 116 -10.14 -21.92 -13.82
CA LYS C 116 -10.43 -23.19 -14.45
C LYS C 116 -9.45 -24.26 -13.99
N ILE C 117 -9.98 -25.40 -13.55
CA ILE C 117 -9.15 -26.54 -13.21
C ILE C 117 -9.66 -27.81 -13.88
N ARG C 118 -8.75 -28.54 -14.51
CA ARG C 118 -9.12 -29.82 -15.14
C ARG C 118 -8.00 -30.85 -14.96
N LEU C 119 -8.40 -32.10 -14.80
CA LEU C 119 -7.44 -33.20 -14.74
C LEU C 119 -7.19 -33.69 -16.16
N SER C 120 -5.93 -33.87 -16.53
CA SER C 120 -5.57 -34.32 -17.86
C SER C 120 -6.18 -35.68 -18.16
N THR C 121 -6.51 -35.92 -19.42
CA THR C 121 -7.09 -37.20 -19.82
C THR C 121 -6.01 -38.20 -20.22
N GLN C 122 -4.83 -37.70 -20.58
CA GLN C 122 -3.70 -38.56 -20.91
C GLN C 122 -2.59 -38.53 -19.85
N ASN C 123 -1.79 -39.58 -19.79
CA ASN C 123 -0.67 -39.65 -18.85
C ASN C 123 0.53 -38.85 -19.33
N VAL C 124 1.19 -38.16 -18.40
CA VAL C 124 2.31 -37.28 -18.75
C VAL C 124 3.58 -38.11 -18.94
N ILE C 125 3.61 -39.28 -18.32
CA ILE C 125 4.74 -40.19 -18.40
C ILE C 125 4.23 -41.61 -18.57
N ASN C 126 4.90 -42.40 -19.41
CA ASN C 126 4.60 -43.81 -19.52
C ASN C 126 5.36 -44.56 -18.42
N ALA C 127 4.64 -44.91 -17.36
CA ALA C 127 5.26 -45.47 -16.16
C ALA C 127 5.87 -46.84 -16.39
N GLU C 128 5.22 -47.66 -17.19
CA GLU C 128 5.69 -49.02 -17.47
C GLU C 128 7.06 -49.02 -18.15
N LYS C 129 7.30 -48.03 -19.00
CA LYS C 129 8.55 -47.96 -19.77
C LYS C 129 9.59 -47.03 -19.15
N ALA C 130 9.25 -46.43 -18.01
CA ALA C 130 10.13 -45.47 -17.34
C ALA C 130 11.46 -46.09 -16.91
N PRO C 131 12.52 -45.26 -16.80
CA PRO C 131 13.86 -45.71 -16.40
C PRO C 131 13.91 -46.55 -15.13
N GLY C 132 14.68 -47.63 -15.17
CA GLY C 132 14.89 -48.47 -14.01
C GLY C 132 14.21 -49.81 -14.15
N GLY C 133 14.39 -50.45 -15.31
CA GLY C 133 13.74 -51.71 -15.61
C GLY C 133 12.25 -51.51 -15.87
N PRO C 134 11.61 -52.46 -16.56
CA PRO C 134 10.18 -52.40 -16.80
C PRO C 134 9.40 -52.50 -15.48
N TYR C 135 8.34 -51.71 -15.35
CA TYR C 135 7.55 -51.70 -14.12
C TYR C 135 6.14 -52.23 -14.35
N ARG C 136 5.60 -52.92 -13.36
CA ARG C 136 4.17 -53.18 -13.32
C ARG C 136 3.53 -52.07 -12.50
N LEU C 137 2.31 -51.68 -12.85
CA LEU C 137 1.64 -50.58 -12.16
C LEU C 137 0.88 -51.08 -10.94
N GLY C 138 1.44 -50.85 -9.77
CA GLY C 138 0.89 -51.36 -8.53
C GLY C 138 -0.49 -50.85 -8.16
N THR C 139 -1.18 -51.59 -7.30
CA THR C 139 -2.53 -51.26 -6.86
C THR C 139 -2.69 -51.69 -5.41
N SER C 140 -3.77 -51.26 -4.78
CA SER C 140 -4.00 -51.60 -3.37
C SER C 140 -5.48 -51.68 -3.02
N GLY C 141 -5.80 -52.59 -2.10
CA GLY C 141 -7.16 -52.74 -1.61
C GLY C 141 -7.60 -51.54 -0.80
N SER C 142 -6.64 -50.72 -0.38
CA SER C 142 -6.93 -49.50 0.36
C SER C 142 -7.65 -48.47 -0.52
N CYS C 143 -7.53 -48.64 -1.83
CA CYS C 143 -8.10 -47.70 -2.79
C CYS C 143 -9.20 -48.35 -3.64
N PRO C 144 -10.33 -48.69 -3.06
CA PRO C 144 -11.37 -49.38 -3.83
C PRO C 144 -12.17 -48.47 -4.77
N ASN C 145 -12.98 -49.15 -5.57
CA ASN C 145 -13.73 -48.54 -6.62
C ASN C 145 -15.13 -49.11 -6.53
N ALA C 146 -16.11 -48.46 -7.14
CA ALA C 146 -17.45 -49.01 -7.17
C ALA C 146 -17.49 -50.35 -7.92
N THR C 147 -16.54 -50.54 -8.85
CA THR C 147 -16.45 -51.75 -9.67
C THR C 147 -15.14 -52.52 -9.46
N SER C 148 -14.44 -52.24 -8.36
CA SER C 148 -13.20 -52.95 -8.07
C SER C 148 -12.81 -52.89 -6.59
N ARG C 149 -12.11 -53.92 -6.13
CA ARG C 149 -11.66 -53.98 -4.74
C ARG C 149 -10.34 -53.24 -4.57
N SER C 150 -9.65 -53.02 -5.68
CA SER C 150 -8.30 -52.45 -5.63
C SER C 150 -8.06 -51.43 -6.73
N GLY C 151 -7.11 -50.53 -6.47
CA GLY C 151 -6.78 -49.46 -7.40
C GLY C 151 -5.69 -48.57 -6.83
N PHE C 152 -5.65 -47.32 -7.28
CA PHE C 152 -4.64 -46.37 -6.83
C PHE C 152 -4.96 -44.97 -7.34
N PHE C 153 -4.28 -43.97 -6.78
CA PHE C 153 -4.48 -42.58 -7.19
C PHE C 153 -4.29 -42.39 -8.69
N ALA C 154 -5.22 -41.68 -9.30
CA ALA C 154 -5.18 -41.44 -10.74
C ALA C 154 -3.98 -40.60 -11.14
N THR C 155 -3.48 -39.81 -10.20
CA THR C 155 -2.41 -38.86 -10.47
C THR C 155 -1.03 -39.52 -10.43
N MET C 156 -0.94 -40.73 -9.88
CA MET C 156 0.33 -41.41 -9.73
C MET C 156 0.31 -42.87 -10.18
N ALA C 157 1.49 -43.42 -10.39
CA ALA C 157 1.64 -44.83 -10.72
C ALA C 157 2.66 -45.49 -9.81
N TRP C 158 2.22 -46.50 -9.06
CA TRP C 158 3.11 -47.24 -8.18
C TRP C 158 4.03 -48.13 -9.01
N ALA C 159 5.17 -47.58 -9.42
CA ALA C 159 6.11 -48.29 -10.29
C ALA C 159 6.97 -49.27 -9.51
N VAL C 160 6.66 -50.56 -9.63
CA VAL C 160 7.42 -51.62 -8.97
C VAL C 160 8.01 -52.57 -10.00
N PRO C 161 9.31 -52.90 -9.86
CA PRO C 161 10.07 -53.72 -10.83
C PRO C 161 9.39 -55.04 -11.20
N LYS C 162 9.21 -55.26 -12.48
CA LYS C 162 8.61 -56.45 -13.00
C LYS C 162 9.46 -57.65 -12.77
N ASP C 163 10.74 -57.43 -12.99
CA ASP C 163 11.69 -58.51 -13.13
C ASP C 163 12.03 -59.20 -11.87
N ASN C 164 12.21 -60.55 -11.96
CA ASN C 164 12.84 -61.24 -10.85
C ASN C 164 14.29 -60.84 -10.80
N ASN C 165 14.88 -61.02 -9.62
CA ASN C 165 16.25 -60.63 -9.40
C ASN C 165 16.39 -59.11 -9.50
N LYS C 166 15.31 -58.44 -9.11
CA LYS C 166 15.25 -56.99 -8.94
C LYS C 166 16.26 -56.64 -7.89
N THR C 167 16.85 -55.46 -8.01
CA THR C 167 17.92 -55.08 -7.14
C THR C 167 17.97 -53.57 -6.97
N ALA C 168 18.89 -53.11 -6.14
CA ALA C 168 19.09 -51.69 -5.90
C ALA C 168 19.43 -50.98 -7.20
N THR C 169 19.14 -49.69 -7.27
CA THR C 169 19.44 -48.92 -8.46
C THR C 169 20.05 -47.56 -8.15
N ASN C 170 20.91 -47.08 -9.05
CA ASN C 170 21.38 -45.70 -9.00
C ASN C 170 20.19 -44.76 -9.18
N PRO C 171 20.33 -43.50 -8.72
CA PRO C 171 19.28 -42.51 -8.94
C PRO C 171 19.01 -42.29 -10.43
N LEU C 172 17.77 -42.51 -10.86
CA LEU C 172 17.39 -42.32 -12.26
C LEU C 172 16.65 -41.00 -12.44
N THR C 173 16.69 -40.45 -13.65
CA THR C 173 16.05 -39.17 -13.94
C THR C 173 14.96 -39.29 -15.00
N VAL C 174 13.77 -38.76 -14.70
CA VAL C 174 12.73 -38.61 -15.72
C VAL C 174 12.43 -37.13 -15.94
N GLU C 175 12.23 -36.75 -17.20
CA GLU C 175 11.71 -35.43 -17.52
C GLU C 175 10.19 -35.49 -17.49
N VAL C 176 9.57 -34.47 -16.92
CA VAL C 176 8.12 -34.35 -16.95
C VAL C 176 7.72 -33.19 -17.85
N PRO C 177 7.26 -33.50 -19.07
CA PRO C 177 6.94 -32.47 -20.05
C PRO C 177 5.69 -31.70 -19.68
N HIS C 178 5.57 -30.48 -20.16
CA HIS C 178 4.36 -29.68 -19.98
C HIS C 178 3.37 -30.05 -21.09
N ILE C 179 2.22 -30.61 -20.70
CA ILE C 179 1.26 -31.11 -21.68
C ILE C 179 -0.06 -30.33 -21.70
N CYS C 180 -0.13 -29.26 -20.93
CA CYS C 180 -1.29 -28.37 -20.96
C CYS C 180 -1.13 -27.34 -22.07
N THR C 181 -2.09 -26.42 -22.18
CA THR C 181 -2.02 -25.36 -23.19
C THR C 181 -1.01 -24.31 -22.80
N LYS C 182 -0.77 -23.35 -23.70
CA LYS C 182 0.13 -22.25 -23.42
C LYS C 182 -0.45 -21.30 -22.37
N GLU C 183 -1.73 -21.46 -22.09
CA GLU C 183 -2.44 -20.58 -21.15
C GLU C 183 -2.56 -21.21 -19.77
N GLU C 184 -2.09 -22.45 -19.64
CA GLU C 184 -2.33 -23.22 -18.42
C GLU C 184 -1.07 -23.56 -17.64
N ASP C 185 -1.18 -23.52 -16.31
CA ASP C 185 -0.15 -24.07 -15.44
C ASP C 185 -0.41 -25.57 -15.29
N GLN C 186 0.68 -26.32 -15.13
CA GLN C 186 0.55 -27.74 -14.87
C GLN C 186 1.02 -28.04 -13.45
N ILE C 187 0.15 -28.65 -12.65
CA ILE C 187 0.53 -29.08 -11.32
C ILE C 187 0.72 -30.60 -11.29
N THR C 188 1.98 -31.01 -11.19
CA THR C 188 2.36 -32.41 -11.30
C THR C 188 2.45 -33.07 -9.94
N VAL C 189 1.69 -34.16 -9.75
CA VAL C 189 1.70 -34.88 -8.48
C VAL C 189 2.57 -36.14 -8.58
N TRP C 190 3.46 -36.31 -7.61
CA TRP C 190 4.36 -37.45 -7.59
C TRP C 190 4.70 -37.79 -6.14
N GLY C 191 5.39 -38.89 -5.91
CA GLY C 191 5.74 -39.30 -4.57
C GLY C 191 6.49 -40.61 -4.50
N PHE C 192 6.57 -41.20 -3.31
CA PHE C 192 7.24 -42.48 -3.15
C PHE C 192 6.66 -43.36 -2.05
N HIS C 193 6.71 -44.66 -2.28
CA HIS C 193 6.26 -45.66 -1.31
C HIS C 193 7.45 -46.23 -0.55
N SER C 194 7.27 -46.45 0.74
CA SER C 194 8.29 -47.12 1.55
C SER C 194 7.64 -48.15 2.46
N ASP C 195 8.45 -49.03 3.04
CA ASP C 195 7.93 -50.14 3.84
C ASP C 195 8.98 -50.62 4.84
N ASP C 196 8.76 -51.80 5.41
CA ASP C 196 9.75 -52.38 6.31
C ASP C 196 10.76 -53.21 5.51
N LYS C 197 11.81 -53.67 6.18
CA LYS C 197 12.94 -54.33 5.50
C LYS C 197 12.55 -55.46 4.55
N THR C 198 11.79 -56.43 5.04
CA THR C 198 11.41 -57.58 4.21
C THR C 198 10.55 -57.18 3.02
N GLN C 199 9.49 -56.42 3.28
CA GLN C 199 8.59 -55.98 2.21
C GLN C 199 9.32 -55.17 1.14
N MET C 200 10.30 -54.37 1.57
CA MET C 200 11.14 -53.64 0.62
C MET C 200 11.91 -54.59 -0.29
N LYS C 201 12.52 -55.61 0.29
CA LYS C 201 13.24 -56.64 -0.48
C LYS C 201 12.35 -57.31 -1.52
N ASN C 202 11.16 -57.73 -1.09
CA ASN C 202 10.19 -58.33 -1.98
C ASN C 202 9.83 -57.42 -3.15
N LEU C 203 9.39 -56.20 -2.83
CA LEU C 203 8.93 -55.26 -3.85
C LEU C 203 10.04 -54.70 -4.73
N TYR C 204 11.18 -54.36 -4.13
CA TYR C 204 12.18 -53.56 -4.83
C TYR C 204 13.57 -54.17 -4.91
N GLY C 205 13.85 -55.16 -4.06
CA GLY C 205 15.15 -55.79 -4.02
C GLY C 205 16.20 -54.95 -3.30
N ASP C 206 15.74 -54.11 -2.38
CA ASP C 206 16.63 -53.26 -1.59
C ASP C 206 15.90 -52.84 -0.31
N SER C 207 16.56 -53.00 0.83
CA SER C 207 15.95 -52.66 2.12
C SER C 207 16.52 -51.37 2.71
N ASN C 208 17.39 -50.72 1.96
CA ASN C 208 17.99 -49.46 2.39
C ASN C 208 17.08 -48.28 2.06
N PRO C 209 17.23 -47.17 2.80
CA PRO C 209 16.45 -45.96 2.48
C PRO C 209 16.73 -45.46 1.06
N GLN C 210 15.68 -45.00 0.39
CA GLN C 210 15.80 -44.52 -0.99
C GLN C 210 15.76 -42.99 -1.02
N LYS C 211 16.41 -42.41 -2.02
CA LYS C 211 16.51 -40.95 -2.13
C LYS C 211 15.75 -40.41 -3.34
N PHE C 212 15.17 -39.22 -3.20
CA PHE C 212 14.36 -38.61 -4.25
C PHE C 212 14.57 -37.10 -4.33
N THR C 213 14.64 -36.57 -5.55
CA THR C 213 14.79 -35.13 -5.74
C THR C 213 13.97 -34.64 -6.93
N SER C 214 13.24 -33.55 -6.73
CA SER C 214 12.50 -32.93 -7.83
C SER C 214 13.05 -31.55 -8.13
N SER C 215 12.96 -31.15 -9.39
CA SER C 215 13.37 -29.81 -9.77
C SER C 215 12.40 -29.23 -10.79
N ALA C 216 11.80 -28.09 -10.44
CA ALA C 216 10.90 -27.39 -11.35
C ALA C 216 10.89 -25.91 -11.02
N ASN C 217 10.87 -25.08 -12.06
CA ASN C 217 10.79 -23.63 -11.91
C ASN C 217 11.80 -23.03 -10.94
N GLY C 218 13.01 -23.60 -10.91
CA GLY C 218 14.06 -23.09 -10.04
C GLY C 218 13.99 -23.60 -8.62
N VAL C 219 12.98 -24.41 -8.32
CA VAL C 219 12.85 -24.98 -6.98
C VAL C 219 13.29 -26.45 -6.91
N THR C 220 14.19 -26.74 -5.97
CA THR C 220 14.63 -28.11 -5.74
C THR C 220 14.18 -28.61 -4.36
N THR C 221 13.69 -29.84 -4.32
CA THR C 221 13.31 -30.48 -3.06
C THR C 221 13.98 -31.85 -2.95
N HIS C 222 14.42 -32.21 -1.76
CA HIS C 222 15.11 -33.48 -1.55
C HIS C 222 14.46 -34.31 -0.45
N TYR C 223 14.27 -35.60 -0.71
CA TYR C 223 13.65 -36.50 0.25
C TYR C 223 14.43 -37.81 0.43
N VAL C 224 14.48 -38.28 1.67
CA VAL C 224 15.03 -39.59 1.98
C VAL C 224 13.96 -40.41 2.70
N SER C 225 13.81 -41.67 2.31
CA SER C 225 12.70 -42.49 2.80
C SER C 225 12.97 -43.05 4.19
N GLN C 226 11.96 -43.72 4.74
CA GLN C 226 12.06 -44.34 6.06
C GLN C 226 11.74 -45.82 5.97
N ILE C 227 12.56 -46.65 6.62
CA ILE C 227 12.35 -48.10 6.61
C ILE C 227 11.79 -48.60 7.95
N GLY C 228 10.48 -48.85 7.98
CA GLY C 228 9.83 -49.31 9.19
C GLY C 228 9.62 -48.23 10.23
N GLY C 229 8.99 -48.60 11.34
CA GLY C 229 8.77 -47.68 12.45
C GLY C 229 7.98 -46.45 12.06
N PHE C 230 6.93 -46.67 11.26
CA PHE C 230 6.14 -45.58 10.73
C PHE C 230 5.15 -45.08 11.77
N PRO C 231 4.72 -43.81 11.66
CA PRO C 231 3.63 -43.34 12.51
C PRO C 231 2.32 -44.00 12.10
N ASP C 232 1.34 -44.01 12.99
CA ASP C 232 0.07 -44.69 12.75
C ASP C 232 -0.64 -44.20 11.49
N GLN C 233 -1.35 -45.10 10.82
CA GLN C 233 -2.14 -44.74 9.66
C GLN C 233 -3.25 -43.78 10.06
N THR C 234 -3.56 -42.84 9.19
CA THR C 234 -4.63 -41.88 9.45
C THR C 234 -5.17 -41.33 8.15
N GLU C 235 -6.42 -40.88 8.19
CA GLU C 235 -7.08 -40.31 7.02
C GLU C 235 -7.04 -41.21 5.78
N ASP C 236 -6.98 -42.52 5.99
CA ASP C 236 -6.85 -43.46 4.88
C ASP C 236 -8.06 -44.37 4.71
N GLY C 237 -7.85 -45.53 4.10
CA GLY C 237 -8.93 -46.43 3.75
C GLY C 237 -9.34 -47.46 4.78
N GLY C 238 -8.63 -47.52 5.90
CA GLY C 238 -9.02 -48.40 7.00
C GLY C 238 -8.27 -49.73 7.08
N LEU C 239 -7.65 -50.14 5.97
CA LEU C 239 -6.89 -51.39 5.97
C LEU C 239 -5.49 -51.22 6.55
N PRO C 240 -5.10 -52.15 7.44
CA PRO C 240 -3.74 -52.14 7.99
C PRO C 240 -2.71 -52.35 6.88
N GLN C 241 -1.68 -51.53 6.86
CA GLN C 241 -0.59 -51.68 5.92
C GLN C 241 0.72 -51.53 6.68
N SER C 242 1.78 -52.15 6.18
CA SER C 242 3.07 -52.08 6.85
C SER C 242 3.90 -50.91 6.35
N GLY C 243 3.50 -50.37 5.20
CA GLY C 243 4.20 -49.25 4.60
C GLY C 243 3.40 -47.96 4.51
N ARG C 244 4.03 -46.91 4.00
CA ARG C 244 3.41 -45.60 3.85
C ARG C 244 3.90 -44.96 2.56
N ILE C 245 3.12 -44.02 2.03
CA ILE C 245 3.61 -43.21 0.92
C ILE C 245 3.82 -41.77 1.35
N VAL C 246 4.75 -41.10 0.67
CA VAL C 246 4.95 -39.68 0.83
C VAL C 246 4.63 -39.06 -0.52
N VAL C 247 3.86 -37.98 -0.52
CA VAL C 247 3.37 -37.38 -1.75
C VAL C 247 3.67 -35.89 -1.79
N ASP C 248 4.00 -35.39 -2.98
CA ASP C 248 4.37 -34.00 -3.17
C ASP C 248 3.78 -33.51 -4.49
N TYR C 249 3.91 -32.22 -4.76
CA TYR C 249 3.54 -31.69 -6.07
C TYR C 249 4.57 -30.65 -6.53
N MET C 250 4.68 -30.48 -7.85
CA MET C 250 5.51 -29.42 -8.39
C MET C 250 4.78 -28.67 -9.50
N VAL C 251 4.89 -27.34 -9.46
CA VAL C 251 4.20 -26.49 -10.41
C VAL C 251 5.09 -26.20 -11.60
N GLN C 252 4.54 -26.40 -12.80
CA GLN C 252 5.28 -26.12 -14.03
C GLN C 252 4.55 -25.09 -14.86
N LYS C 253 5.19 -23.93 -15.07
CA LYS C 253 4.63 -22.89 -15.92
C LYS C 253 4.64 -23.39 -17.37
N PRO C 254 3.81 -22.77 -18.24
CA PRO C 254 3.73 -23.22 -19.63
C PRO C 254 5.09 -23.28 -20.34
N GLY C 255 5.40 -24.42 -20.94
CA GLY C 255 6.64 -24.60 -21.66
C GLY C 255 7.81 -24.96 -20.77
N LYS C 256 7.52 -25.29 -19.52
CA LYS C 256 8.57 -25.66 -18.57
C LYS C 256 8.54 -27.15 -18.22
N THR C 257 9.62 -27.84 -18.55
CA THR C 257 9.78 -29.23 -18.17
C THR C 257 10.30 -29.32 -16.74
N GLY C 258 9.74 -30.26 -15.97
CA GLY C 258 10.22 -30.55 -14.63
C GLY C 258 10.95 -31.89 -14.63
N THR C 259 11.76 -32.14 -13.62
CA THR C 259 12.46 -33.42 -13.51
C THR C 259 12.31 -34.03 -12.14
N ILE C 260 12.37 -35.36 -12.09
CA ILE C 260 12.35 -36.10 -10.85
C ILE C 260 13.49 -37.12 -10.89
N VAL C 261 14.32 -37.10 -9.87
CA VAL C 261 15.40 -38.07 -9.76
C VAL C 261 15.03 -39.03 -8.65
N TYR C 262 15.00 -40.31 -8.96
CA TYR C 262 14.40 -41.29 -8.05
C TYR C 262 15.14 -42.62 -7.97
N GLN C 263 14.80 -43.40 -6.96
CA GLN C 263 15.25 -44.77 -6.85
C GLN C 263 14.05 -45.70 -6.75
N ARG C 264 14.10 -46.66 -5.83
CA ARG C 264 13.02 -47.63 -5.70
C ARG C 264 11.84 -47.09 -4.90
N GLY C 265 10.63 -47.45 -5.30
CA GLY C 265 9.43 -47.04 -4.61
C GLY C 265 8.77 -45.82 -5.21
N ILE C 266 9.28 -45.38 -6.36
CA ILE C 266 8.81 -44.16 -7.00
C ILE C 266 7.34 -44.24 -7.41
N LEU C 267 6.60 -43.17 -7.13
CA LEU C 267 5.24 -43.02 -7.61
C LEU C 267 5.23 -41.98 -8.71
N LEU C 268 5.38 -42.44 -9.95
CA LEU C 268 5.50 -41.55 -11.10
C LEU C 268 4.18 -40.85 -11.42
N PRO C 269 4.26 -39.58 -11.82
CA PRO C 269 3.06 -38.80 -12.19
C PRO C 269 2.35 -39.39 -13.40
N GLN C 270 1.03 -39.30 -13.41
CA GLN C 270 0.23 -39.83 -14.51
C GLN C 270 -0.68 -38.74 -15.05
N LYS C 271 -1.89 -38.67 -14.52
CA LYS C 271 -2.80 -37.58 -14.85
C LYS C 271 -2.35 -36.34 -14.06
N VAL C 272 -2.21 -35.22 -14.76
CA VAL C 272 -1.79 -33.98 -14.12
C VAL C 272 -2.91 -32.94 -14.14
N TRP C 273 -2.79 -31.93 -13.30
CA TRP C 273 -3.77 -30.85 -13.26
C TRP C 273 -3.38 -29.77 -14.25
N CYS C 274 -4.37 -29.28 -14.99
CA CYS C 274 -4.17 -28.16 -15.90
C CYS C 274 -5.06 -27.01 -15.43
N ALA C 275 -4.45 -25.86 -15.17
CA ALA C 275 -5.14 -24.77 -14.50
C ALA C 275 -4.82 -23.41 -15.09
N SER C 276 -5.85 -22.58 -15.28
CA SER C 276 -5.66 -21.25 -15.84
C SER C 276 -6.55 -20.21 -15.16
N GLY C 277 -6.17 -18.95 -15.29
CA GLY C 277 -6.95 -17.85 -14.75
C GLY C 277 -6.76 -17.65 -13.26
N ARG C 278 -7.62 -16.81 -12.69
CA ARG C 278 -7.57 -16.54 -11.26
C ARG C 278 -8.97 -16.52 -10.66
N SER C 279 -9.10 -17.12 -9.48
CA SER C 279 -10.34 -17.07 -8.73
C SER C 279 -10.13 -16.19 -7.50
N LYS C 280 -11.14 -15.42 -7.13
CA LYS C 280 -11.08 -14.62 -5.92
C LYS C 280 -11.33 -15.51 -4.71
N VAL C 281 -10.32 -15.62 -3.85
CA VAL C 281 -10.37 -16.55 -2.72
C VAL C 281 -10.44 -15.84 -1.38
N ILE C 282 -11.38 -16.26 -0.54
CA ILE C 282 -11.44 -15.82 0.85
C ILE C 282 -11.77 -17.01 1.75
N LYS C 283 -11.40 -16.92 3.02
CA LYS C 283 -11.75 -17.93 4.01
C LYS C 283 -13.25 -17.89 4.31
N GLY C 284 -13.83 -19.07 4.53
CA GLY C 284 -15.24 -19.17 4.87
C GLY C 284 -15.62 -20.57 5.33
N SER C 285 -16.91 -20.81 5.43
CA SER C 285 -17.44 -22.10 5.77
C SER C 285 -18.51 -22.56 4.82
N LEU C 286 -18.69 -23.90 4.88
CA LEU C 286 -19.70 -24.53 4.04
C LEU C 286 -20.88 -24.96 4.91
N PRO C 287 -22.12 -24.89 4.35
CA PRO C 287 -22.51 -24.71 2.94
C PRO C 287 -22.85 -23.28 2.54
N LEU C 288 -22.96 -23.08 1.24
CA LEU C 288 -23.39 -21.78 0.76
C LEU C 288 -24.91 -21.72 0.75
N ILE C 289 -25.44 -20.74 1.46
CA ILE C 289 -26.88 -20.57 1.59
C ILE C 289 -27.32 -19.20 1.07
N GLY C 290 -27.95 -19.18 -0.13
CA GLY C 290 -28.53 -17.97 -0.66
C GLY C 290 -27.57 -17.11 -1.46
N GLU C 291 -28.01 -15.88 -1.76
CA GLU C 291 -27.19 -14.91 -2.47
C GLU C 291 -26.83 -13.74 -1.56
N ALA C 292 -25.67 -13.14 -1.81
CA ALA C 292 -25.27 -11.92 -1.12
C ALA C 292 -24.49 -11.02 -2.07
N ASP C 293 -24.47 -9.73 -1.76
CA ASP C 293 -23.72 -8.76 -2.56
C ASP C 293 -22.24 -8.93 -2.30
N CYS C 294 -21.94 -9.33 -1.07
CA CYS C 294 -20.58 -9.30 -0.57
C CYS C 294 -20.32 -10.51 0.32
N LEU C 295 -19.15 -11.12 0.15
CA LEU C 295 -18.71 -12.17 1.06
C LEU C 295 -17.57 -11.64 1.92
N HIS C 296 -17.69 -11.82 3.23
CA HIS C 296 -16.78 -11.19 4.18
C HIS C 296 -16.29 -12.25 5.17
N GLU C 297 -14.98 -12.32 5.37
CA GLU C 297 -14.38 -13.38 6.17
C GLU C 297 -14.88 -13.47 7.61
N LYS C 298 -15.25 -12.34 8.19
CA LYS C 298 -15.69 -12.32 9.58
C LYS C 298 -17.20 -12.29 9.76
N TYR C 299 -17.92 -11.87 8.72
CA TYR C 299 -19.36 -11.70 8.83
C TYR C 299 -20.14 -12.61 7.88
N GLY C 300 -19.43 -13.27 6.98
CA GLY C 300 -20.08 -14.14 6.01
C GLY C 300 -20.77 -13.31 4.94
N GLY C 301 -21.86 -13.83 4.39
CA GLY C 301 -22.62 -13.11 3.38
C GLY C 301 -23.35 -11.91 3.94
N LEU C 302 -23.34 -10.80 3.14
CA LEU C 302 -24.07 -9.61 3.55
C LEU C 302 -24.44 -8.74 2.35
N ASN C 303 -25.53 -7.98 2.48
CA ASN C 303 -25.99 -7.13 1.39
C ASN C 303 -25.63 -5.69 1.66
N LYS C 304 -25.33 -4.96 0.59
CA LYS C 304 -24.83 -3.60 0.75
C LYS C 304 -25.96 -2.59 0.88
N SER C 305 -26.12 -1.99 2.03
CA SER C 305 -27.04 -0.86 2.21
C SER C 305 -26.26 0.45 2.27
N LYS C 306 -25.71 0.75 3.45
CA LYS C 306 -24.87 1.93 3.63
C LYS C 306 -23.56 1.79 2.86
N PRO C 307 -22.95 2.93 2.50
CA PRO C 307 -21.69 2.88 1.74
C PRO C 307 -20.50 2.40 2.57
N TYR C 308 -20.51 2.66 3.87
CA TYR C 308 -19.39 2.28 4.73
C TYR C 308 -19.83 1.31 5.82
N TYR C 309 -18.86 0.71 6.51
CA TYR C 309 -19.18 -0.14 7.65
C TYR C 309 -18.12 -0.08 8.75
N THR C 310 -18.55 -0.32 9.98
CA THR C 310 -17.66 -0.39 11.12
C THR C 310 -17.60 -1.80 11.68
N GLY C 311 -16.60 -2.08 12.49
CA GLY C 311 -16.42 -3.41 13.04
C GLY C 311 -15.03 -3.94 12.76
N GLU C 312 -14.93 -5.24 12.50
CA GLU C 312 -13.64 -5.86 12.23
C GLU C 312 -13.36 -5.95 10.73
N HIS C 313 -12.29 -5.31 10.31
CA HIS C 313 -11.85 -5.37 8.92
C HIS C 313 -11.22 -6.73 8.62
N ALA C 314 -11.50 -7.24 7.44
CA ALA C 314 -10.95 -8.50 6.98
C ALA C 314 -11.09 -8.55 5.47
N LYS C 315 -10.54 -9.59 4.85
CA LYS C 315 -10.68 -9.77 3.41
C LYS C 315 -12.17 -9.94 3.04
N ALA C 316 -12.55 -9.36 1.91
CA ALA C 316 -13.94 -9.36 1.48
C ALA C 316 -14.05 -9.16 -0.03
N ILE C 317 -14.92 -9.93 -0.68
CA ILE C 317 -15.08 -9.86 -2.12
C ILE C 317 -16.52 -9.53 -2.55
N GLY C 318 -16.66 -8.86 -3.68
CA GLY C 318 -17.96 -8.53 -4.25
C GLY C 318 -18.32 -7.06 -4.16
N ASN C 319 -19.62 -6.79 -4.14
CA ASN C 319 -20.14 -5.43 -3.99
C ASN C 319 -20.23 -5.08 -2.51
N CYS C 320 -19.15 -4.56 -1.95
CA CYS C 320 -19.01 -4.45 -0.51
C CYS C 320 -18.99 -3.01 -0.01
N PRO C 321 -19.41 -2.81 1.25
CA PRO C 321 -19.23 -1.50 1.89
C PRO C 321 -17.77 -1.32 2.28
N ILE C 322 -17.31 -0.08 2.37
CA ILE C 322 -15.91 0.21 2.67
C ILE C 322 -15.70 0.40 4.18
N TRP C 323 -14.67 -0.24 4.72
CA TRP C 323 -14.40 -0.18 6.15
C TRP C 323 -13.92 1.20 6.60
N VAL C 324 -14.42 1.66 7.74
CA VAL C 324 -13.97 2.91 8.34
C VAL C 324 -13.74 2.73 9.85
N LYS C 325 -12.94 3.61 10.44
CA LYS C 325 -12.56 3.50 11.83
C LYS C 325 -13.69 3.86 12.80
N THR C 326 -14.53 4.82 12.40
CA THR C 326 -15.59 5.33 13.27
C THR C 326 -16.92 5.43 12.51
N PRO C 327 -18.05 5.40 13.24
CA PRO C 327 -19.36 5.52 12.58
C PRO C 327 -19.66 6.93 12.07
N LEU C 328 -19.24 7.23 10.84
CA LEU C 328 -19.45 8.55 10.25
C LEU C 328 -20.92 8.85 10.00
N LYS C 329 -21.26 10.14 10.07
CA LYS C 329 -22.61 10.59 9.77
C LYS C 329 -22.55 11.84 8.91
N LEU C 330 -23.51 11.98 8.02
CA LEU C 330 -23.64 13.20 7.23
C LEU C 330 -24.72 14.08 7.85
N ALA C 331 -24.32 15.42 8.06
CA ALA C 331 -25.28 16.38 8.63
C ALA C 331 -26.50 16.46 7.75
N ASN C 332 -27.66 16.34 8.37
CA ASN C 332 -28.90 16.53 7.65
C ASN C 332 -29.87 17.34 8.49
N GLY C 333 -29.39 18.50 8.89
CA GLY C 333 -30.17 19.41 9.71
C GLY C 333 -29.38 20.67 9.93
N THR C 334 -29.72 21.38 10.94
CA THR C 334 -29.01 22.61 11.26
C THR C 334 -28.29 22.47 12.60
N LYS C 335 -27.25 23.26 12.78
CA LYS C 335 -26.50 23.30 14.03
C LYS C 335 -27.43 23.70 15.17
N TYR C 336 -27.18 23.17 16.35
CA TYR C 336 -28.03 23.43 17.51
C TYR C 336 -28.14 24.92 17.86
N ARG C 337 -29.35 25.35 18.19
CA ARG C 337 -29.60 26.72 18.65
C ARG C 337 -30.51 26.74 19.87
N PRO C 338 -30.14 27.54 20.88
CA PRO C 338 -31.01 27.70 22.05
C PRO C 338 -32.31 28.36 21.62
N PRO C 339 -33.46 27.86 22.12
CA PRO C 339 -34.76 28.47 21.83
C PRO C 339 -34.77 29.95 22.22
N ALA C 340 -35.25 30.80 21.31
CA ALA C 340 -35.31 32.23 21.56
C ALA C 340 -36.67 32.66 22.11
N LYS C 341 -36.65 33.54 23.10
CA LYS C 341 -37.89 34.01 23.72
C LYS C 341 -37.91 35.54 23.85
N LEU C 342 -39.11 36.08 24.09
CA LEU C 342 -39.29 37.54 24.15
C LEU C 342 -38.79 38.15 25.45
N LEU C 343 -39.41 37.80 26.56
CA LEU C 343 -39.07 38.41 27.84
C LEU C 343 -38.56 37.39 28.86
N PHE D 2 -19.95 32.02 12.22
CA PHE D 2 -19.03 33.09 12.57
C PHE D 2 -19.47 34.41 11.95
N PHE D 3 -20.05 34.32 10.76
CA PHE D 3 -20.54 35.51 10.06
C PHE D 3 -21.63 36.18 10.89
N GLY D 4 -22.66 35.41 11.22
CA GLY D 4 -23.74 35.88 12.06
C GLY D 4 -23.30 36.40 13.42
N ALA D 5 -22.34 35.71 14.02
CA ALA D 5 -21.78 36.13 15.30
C ALA D 5 -21.19 37.54 15.22
N ILE D 6 -20.41 37.79 14.18
CA ILE D 6 -19.77 39.09 14.00
C ILE D 6 -20.79 40.13 13.54
N ALA D 7 -21.72 39.69 12.69
CA ALA D 7 -22.67 40.60 12.06
C ALA D 7 -23.86 40.89 12.97
N GLY D 8 -23.89 40.25 14.13
CA GLY D 8 -24.94 40.47 15.09
C GLY D 8 -26.25 39.80 14.74
N PHE D 9 -26.19 38.75 13.92
CA PHE D 9 -27.39 37.96 13.61
C PHE D 9 -27.83 37.26 14.90
N LEU D 10 -29.14 37.02 15.01
CA LEU D 10 -29.67 36.33 16.17
C LEU D 10 -29.04 34.95 16.34
N GLU D 11 -28.41 34.74 17.49
CA GLU D 11 -27.72 33.48 17.76
C GLU D 11 -28.67 32.38 18.27
N GLY D 12 -29.89 32.78 18.63
CA GLY D 12 -30.88 31.82 19.06
C GLY D 12 -31.72 31.30 17.91
N GLY D 13 -32.60 30.35 18.19
CA GLY D 13 -33.46 29.79 17.17
C GLY D 13 -34.91 29.75 17.61
N TRP D 14 -35.80 29.42 16.68
CA TRP D 14 -37.24 29.46 16.96
C TRP D 14 -37.88 28.09 16.85
N GLU D 15 -38.30 27.55 18.00
CA GLU D 15 -38.96 26.25 18.06
C GLU D 15 -40.24 26.19 17.22
N GLY D 16 -40.87 27.34 17.03
CA GLY D 16 -42.07 27.44 16.20
C GLY D 16 -41.85 27.06 14.76
N MET D 17 -40.62 27.23 14.28
CA MET D 17 -40.28 26.90 12.90
C MET D 17 -40.24 25.39 12.72
N ILE D 18 -41.37 24.81 12.32
CA ILE D 18 -41.55 23.36 12.29
C ILE D 18 -41.51 22.79 10.87
N ALA D 19 -42.08 23.53 9.92
CA ALA D 19 -42.21 23.04 8.55
C ALA D 19 -40.93 23.18 7.73
N GLY D 20 -39.83 23.60 8.36
CA GLY D 20 -38.59 23.83 7.65
C GLY D 20 -37.42 24.22 8.54
N TRP D 21 -36.29 24.52 7.91
CA TRP D 21 -35.04 24.76 8.63
C TRP D 21 -34.74 26.25 8.84
N HIS D 22 -35.03 27.06 7.83
CA HIS D 22 -34.84 28.50 7.94
C HIS D 22 -36.05 29.23 7.38
N GLY D 23 -36.22 30.47 7.81
CA GLY D 23 -37.37 31.26 7.38
C GLY D 23 -37.40 32.63 8.02
N TYR D 24 -38.60 33.08 8.40
CA TYR D 24 -38.77 34.44 8.87
C TYR D 24 -39.53 34.54 10.19
N THR D 25 -39.25 35.59 10.94
CA THR D 25 -40.06 35.95 12.11
C THR D 25 -40.54 37.39 11.97
N SER D 26 -41.72 37.68 12.52
CA SER D 26 -42.23 39.05 12.53
C SER D 26 -42.49 39.50 13.97
N HIS D 27 -42.13 40.75 14.25
CA HIS D 27 -42.21 41.28 15.61
C HIS D 27 -43.01 42.56 15.66
N GLY D 28 -44.16 42.51 16.33
CA GLY D 28 -45.02 43.67 16.46
C GLY D 28 -46.05 43.50 17.57
N ALA D 29 -47.22 44.09 17.38
CA ALA D 29 -48.26 44.09 18.40
C ALA D 29 -48.93 42.72 18.52
N HIS D 30 -48.70 41.86 17.53
CA HIS D 30 -49.24 40.51 17.54
C HIS D 30 -48.39 39.63 18.44
N GLY D 31 -47.22 40.14 18.82
CA GLY D 31 -46.25 39.37 19.56
C GLY D 31 -45.12 38.90 18.66
N VAL D 32 -45.17 37.64 18.24
CA VAL D 32 -44.14 37.08 17.38
C VAL D 32 -44.65 35.92 16.53
N ALA D 33 -44.62 36.10 15.22
CA ALA D 33 -45.02 35.05 14.28
C ALA D 33 -43.79 34.39 13.65
N VAL D 34 -43.92 33.10 13.31
CA VAL D 34 -42.82 32.34 12.71
C VAL D 34 -43.28 31.53 11.51
N ALA D 35 -42.58 31.65 10.40
CA ALA D 35 -42.87 30.83 9.22
C ALA D 35 -41.60 30.32 8.54
N ALA D 36 -41.58 29.02 8.28
CA ALA D 36 -40.45 28.41 7.59
C ALA D 36 -40.52 28.69 6.09
N ASP D 37 -39.36 28.95 5.49
CA ASP D 37 -39.28 29.13 4.05
C ASP D 37 -38.93 27.78 3.42
N LEU D 38 -39.82 27.29 2.57
CA LEU D 38 -39.67 25.94 2.02
C LEU D 38 -38.65 25.86 0.89
N LYS D 39 -38.47 26.96 0.16
CA LYS D 39 -37.50 27.02 -0.91
C LYS D 39 -36.09 26.83 -0.37
N SER D 40 -35.77 27.62 0.65
CA SER D 40 -34.45 27.58 1.28
C SER D 40 -34.18 26.22 1.92
N THR D 41 -35.22 25.65 2.53
CA THR D 41 -35.09 24.34 3.18
C THR D 41 -34.83 23.24 2.15
N GLN D 42 -35.55 23.31 1.03
CA GLN D 42 -35.40 22.32 -0.03
C GLN D 42 -34.00 22.37 -0.66
N GLU D 43 -33.52 23.60 -0.90
CA GLU D 43 -32.17 23.81 -1.42
C GLU D 43 -31.10 23.12 -0.58
N ALA D 44 -31.17 23.33 0.74
CA ALA D 44 -30.23 22.70 1.66
C ALA D 44 -30.33 21.18 1.60
N ILE D 45 -31.56 20.68 1.58
CA ILE D 45 -31.81 19.23 1.56
C ILE D 45 -31.27 18.58 0.29
N ASN D 46 -31.41 19.28 -0.83
CA ASN D 46 -30.92 18.75 -2.10
C ASN D 46 -29.41 18.72 -2.18
N LYS D 47 -28.77 19.75 -1.62
CA LYS D 47 -27.32 19.80 -1.55
C LYS D 47 -26.79 18.62 -0.76
N ILE D 48 -27.39 18.37 0.40
CA ILE D 48 -27.02 17.27 1.26
C ILE D 48 -27.25 15.93 0.54
N THR D 49 -28.36 15.84 -0.19
CA THR D 49 -28.69 14.64 -0.94
C THR D 49 -27.66 14.36 -2.03
N LYS D 50 -27.29 15.40 -2.77
CA LYS D 50 -26.26 15.28 -3.79
C LYS D 50 -24.94 14.89 -3.15
N ASN D 51 -24.68 15.48 -1.98
CA ASN D 51 -23.46 15.21 -1.24
C ASN D 51 -23.41 13.75 -0.83
N LEU D 52 -24.54 13.22 -0.36
CA LEU D 52 -24.65 11.79 -0.03
C LEU D 52 -24.36 10.90 -1.23
N ASN D 53 -24.92 11.25 -2.39
CA ASN D 53 -24.66 10.48 -3.60
C ASN D 53 -23.18 10.44 -3.97
N SER D 54 -22.52 11.59 -3.91
CA SER D 54 -21.11 11.70 -4.23
C SER D 54 -20.24 10.81 -3.36
N LEU D 55 -20.51 10.80 -2.05
CA LEU D 55 -19.77 9.97 -1.12
C LEU D 55 -20.02 8.48 -1.35
N SER D 56 -21.18 8.16 -1.91
CA SER D 56 -21.57 6.78 -2.14
C SER D 56 -21.04 6.24 -3.46
N GLU D 57 -20.46 7.12 -4.27
CA GLU D 57 -19.96 6.73 -5.58
C GLU D 57 -18.54 6.19 -5.56
N LEU D 58 -17.82 6.43 -4.47
CA LEU D 58 -16.44 5.98 -4.33
C LEU D 58 -16.33 4.45 -4.39
N GLU D 59 -15.44 3.95 -5.23
CA GLU D 59 -15.20 2.52 -5.34
C GLU D 59 -13.74 2.17 -5.09
N VAL D 60 -13.51 1.14 -4.26
CA VAL D 60 -12.16 0.64 -4.03
C VAL D 60 -12.06 -0.84 -4.34
N LYS D 61 -10.85 -1.30 -4.69
CA LYS D 61 -10.61 -2.69 -5.04
C LYS D 61 -10.91 -3.62 -3.87
N ASN D 62 -11.40 -4.81 -4.16
CA ASN D 62 -11.53 -5.83 -3.11
C ASN D 62 -10.15 -6.23 -2.59
N LEU D 63 -10.10 -6.61 -1.32
CA LEU D 63 -8.93 -7.27 -0.77
C LEU D 63 -9.24 -8.75 -0.57
N GLN D 64 -8.59 -9.62 -1.34
CA GLN D 64 -8.76 -11.05 -1.17
C GLN D 64 -7.42 -11.72 -0.93
N ARG D 65 -7.44 -13.04 -0.78
CA ARG D 65 -6.22 -13.80 -0.56
C ARG D 65 -5.33 -13.78 -1.80
N LEU D 66 -4.03 -14.00 -1.58
CA LEU D 66 -3.12 -14.30 -2.67
C LEU D 66 -3.47 -15.70 -3.17
N SER D 67 -3.52 -15.87 -4.48
CA SER D 67 -3.88 -17.16 -5.05
C SER D 67 -2.74 -18.17 -4.98
N GLY D 68 -1.51 -17.68 -4.94
CA GLY D 68 -0.35 -18.54 -4.99
C GLY D 68 0.34 -18.84 -3.67
N ALA D 69 0.12 -17.98 -2.69
CA ALA D 69 0.77 -18.15 -1.38
C ALA D 69 -0.02 -19.08 -0.47
N MET D 70 0.58 -20.22 -0.15
CA MET D 70 -0.08 -21.23 0.68
C MET D 70 0.30 -21.04 2.15
N ASP D 71 -0.64 -21.36 3.04
CA ASP D 71 -0.35 -21.39 4.47
C ASP D 71 0.82 -22.32 4.76
N GLU D 72 1.56 -22.01 5.83
CA GLU D 72 2.73 -22.80 6.25
C GLU D 72 3.93 -22.65 5.31
N LEU D 73 3.73 -22.97 4.04
CA LEU D 73 4.79 -22.86 3.04
C LEU D 73 5.29 -21.42 2.86
N HIS D 74 4.37 -20.45 2.88
CA HIS D 74 4.72 -19.06 2.60
C HIS D 74 4.24 -18.09 3.69
N ASN D 75 4.51 -18.43 4.95
CA ASN D 75 4.06 -17.58 6.07
C ASN D 75 4.61 -16.17 6.01
N GLU D 76 5.89 -16.04 5.68
CA GLU D 76 6.54 -14.75 5.55
C GLU D 76 5.83 -13.84 4.56
N ILE D 77 5.60 -14.36 3.35
CA ILE D 77 4.81 -13.65 2.34
C ILE D 77 3.42 -13.26 2.86
N LEU D 78 2.76 -14.19 3.53
CA LEU D 78 1.41 -13.94 4.05
C LEU D 78 1.37 -12.88 5.14
N GLU D 79 2.47 -12.74 5.89
CA GLU D 79 2.55 -11.67 6.88
C GLU D 79 2.58 -10.30 6.21
N LEU D 80 3.35 -10.20 5.13
CA LEU D 80 3.44 -8.96 4.37
C LEU D 80 2.10 -8.64 3.73
N ASP D 81 1.43 -9.68 3.22
CA ASP D 81 0.10 -9.55 2.63
C ASP D 81 -0.90 -8.99 3.64
N GLU D 82 -0.84 -9.51 4.86
CA GLU D 82 -1.67 -9.01 5.95
C GLU D 82 -1.37 -7.53 6.23
N LYS D 83 -0.09 -7.16 6.14
CA LYS D 83 0.32 -5.78 6.33
C LYS D 83 -0.22 -4.81 5.26
N VAL D 84 -0.22 -5.23 4.02
CA VAL D 84 -0.71 -4.46 2.93
C VAL D 84 -2.20 -4.19 3.05
N ASP D 85 -2.96 -5.20 3.41
CA ASP D 85 -4.39 -5.10 3.66
C ASP D 85 -4.69 -4.08 4.76
N ASP D 86 -3.95 -4.19 5.86
CA ASP D 86 -4.15 -3.32 7.01
C ASP D 86 -3.89 -1.86 6.67
N LEU D 87 -2.80 -1.61 5.94
CA LEU D 87 -2.43 -0.25 5.57
C LEU D 87 -3.42 0.33 4.57
N ARG D 88 -3.96 -0.51 3.71
CA ARG D 88 -4.98 -0.10 2.77
C ARG D 88 -6.23 0.36 3.50
N ALA D 89 -6.72 -0.48 4.41
CA ALA D 89 -7.91 -0.16 5.18
C ALA D 89 -7.70 1.15 5.95
N ASP D 90 -6.50 1.32 6.48
CA ASP D 90 -6.15 2.47 7.27
C ASP D 90 -6.16 3.75 6.42
N THR D 91 -5.51 3.69 5.27
CA THR D 91 -5.35 4.84 4.40
C THR D 91 -6.67 5.35 3.81
N ILE D 92 -7.46 4.43 3.25
CA ILE D 92 -8.76 4.78 2.68
C ILE D 92 -9.72 5.31 3.74
N SER D 93 -9.67 4.71 4.92
CA SER D 93 -10.44 5.21 6.06
C SER D 93 -10.17 6.68 6.34
N SER D 94 -8.89 7.05 6.40
CA SER D 94 -8.50 8.43 6.62
C SER D 94 -9.02 9.33 5.50
N GLN D 95 -8.92 8.86 4.27
CA GLN D 95 -9.36 9.64 3.12
C GLN D 95 -10.89 9.84 3.14
N ILE D 96 -11.61 8.81 3.55
CA ILE D 96 -13.06 8.91 3.65
C ILE D 96 -13.48 9.88 4.77
N GLU D 97 -12.82 9.78 5.92
CA GLU D 97 -13.08 10.70 7.03
C GLU D 97 -12.86 12.14 6.61
N LEU D 98 -11.85 12.35 5.75
CA LEU D 98 -11.55 13.68 5.25
C LEU D 98 -12.66 14.20 4.35
N ALA D 99 -13.12 13.36 3.46
CA ALA D 99 -14.18 13.72 2.56
C ALA D 99 -15.45 14.05 3.29
N VAL D 100 -15.77 13.24 4.28
CA VAL D 100 -16.92 13.46 5.11
C VAL D 100 -16.82 14.74 5.92
N LEU D 101 -15.65 15.00 6.44
CA LEU D 101 -15.41 16.20 7.20
C LEU D 101 -15.61 17.44 6.40
N LEU D 102 -15.11 17.46 5.19
CA LEU D 102 -15.29 18.58 4.31
C LEU D 102 -16.73 18.76 3.96
N SER D 103 -17.43 17.67 3.74
CA SER D 103 -18.87 17.72 3.49
C SER D 103 -19.60 18.42 4.62
N ASN D 104 -19.39 17.93 5.84
CA ASN D 104 -20.03 18.50 7.02
C ASN D 104 -19.64 19.95 7.27
N GLU D 105 -18.38 20.27 7.06
CA GLU D 105 -17.90 21.64 7.16
C GLU D 105 -18.71 22.53 6.20
N GLY D 106 -18.90 22.05 4.98
CA GLY D 106 -19.68 22.76 3.98
C GLY D 106 -21.12 23.00 4.37
N ILE D 107 -21.79 21.96 4.86
CA ILE D 107 -23.20 22.03 5.23
C ILE D 107 -23.46 23.02 6.37
N ILE D 108 -22.67 22.92 7.43
CA ILE D 108 -22.82 23.80 8.59
C ILE D 108 -22.51 25.26 8.25
N ASN D 109 -21.47 25.47 7.44
CA ASN D 109 -21.06 26.82 7.06
C ASN D 109 -22.06 27.58 6.21
N SER D 110 -22.82 26.86 5.39
CA SER D 110 -23.72 27.49 4.44
C SER D 110 -24.99 28.05 5.11
N GLU D 111 -25.19 27.73 6.38
CA GLU D 111 -26.36 28.20 7.12
C GLU D 111 -26.52 29.71 7.05
N ASP D 112 -25.47 30.43 7.41
CA ASP D 112 -25.51 31.90 7.37
C ASP D 112 -25.70 32.40 5.93
N GLU D 113 -25.29 31.60 4.96
CA GLU D 113 -25.47 31.97 3.55
C GLU D 113 -26.93 31.84 3.12
N HIS D 114 -27.64 30.87 3.68
CA HIS D 114 -29.08 30.74 3.46
C HIS D 114 -29.82 31.95 4.02
N LEU D 115 -29.42 32.40 5.20
CA LEU D 115 -30.03 33.58 5.81
C LEU D 115 -29.79 34.82 4.95
N LEU D 116 -28.53 35.00 4.53
CA LEU D 116 -28.16 36.12 3.66
C LEU D 116 -29.00 36.12 2.38
N ALA D 117 -29.24 34.93 1.83
CA ALA D 117 -30.08 34.80 0.65
C ALA D 117 -31.55 35.11 0.95
N LEU D 118 -32.03 34.63 2.09
CA LEU D 118 -33.41 34.87 2.49
C LEU D 118 -33.68 36.36 2.75
N GLU D 119 -32.61 37.08 3.08
CA GLU D 119 -32.69 38.51 3.36
C GLU D 119 -32.90 39.28 2.07
N ARG D 120 -32.27 38.82 0.99
CA ARG D 120 -32.45 39.41 -0.32
C ARG D 120 -33.88 39.22 -0.81
N LYS D 121 -34.42 38.03 -0.57
CA LYS D 121 -35.78 37.71 -0.99
C LYS D 121 -36.77 38.59 -0.23
N LEU D 122 -36.50 38.78 1.06
CA LEU D 122 -37.36 39.57 1.92
C LEU D 122 -37.32 41.04 1.53
N LYS D 123 -36.12 41.51 1.16
CA LYS D 123 -35.92 42.92 0.82
C LYS D 123 -36.76 43.36 -0.38
N LYS D 124 -36.81 42.51 -1.40
CA LYS D 124 -37.57 42.82 -2.61
C LYS D 124 -39.07 42.84 -2.35
N MET D 125 -39.55 41.87 -1.56
CA MET D 125 -40.97 41.75 -1.29
C MET D 125 -41.51 42.89 -0.42
N LEU D 126 -40.71 43.35 0.54
CA LEU D 126 -41.15 44.42 1.43
C LEU D 126 -41.27 45.76 0.73
N GLY D 127 -40.53 45.93 -0.36
CA GLY D 127 -40.57 47.17 -1.11
C GLY D 127 -39.63 48.23 -0.55
N PRO D 128 -39.50 49.36 -1.26
CA PRO D 128 -38.55 50.43 -0.93
C PRO D 128 -38.92 51.28 0.28
N SER D 129 -40.05 51.02 0.93
CA SER D 129 -40.42 51.79 2.11
C SER D 129 -39.90 51.19 3.40
N ALA D 130 -39.45 49.94 3.34
CA ALA D 130 -38.86 49.28 4.51
C ALA D 130 -37.39 49.66 4.62
N VAL D 131 -36.86 49.67 5.84
CA VAL D 131 -35.45 50.01 6.04
C VAL D 131 -34.62 48.83 6.52
N ASP D 132 -33.43 48.69 5.94
CA ASP D 132 -32.53 47.58 6.25
C ASP D 132 -31.65 47.91 7.45
N ILE D 133 -31.73 47.10 8.49
CA ILE D 133 -30.95 47.32 9.70
C ILE D 133 -29.54 46.74 9.58
N GLY D 134 -29.42 45.63 8.88
CA GLY D 134 -28.13 45.01 8.63
C GLY D 134 -27.89 43.72 9.39
N ASN D 135 -28.74 43.43 10.37
CA ASN D 135 -28.60 42.21 11.17
C ASN D 135 -29.59 41.15 10.71
N GLY D 136 -30.03 41.23 9.46
CA GLY D 136 -31.00 40.30 8.93
C GLY D 136 -32.42 40.74 9.18
N CYS D 137 -32.58 41.97 9.68
CA CYS D 137 -33.89 42.47 10.05
C CYS D 137 -34.27 43.72 9.27
N PHE D 138 -35.56 43.83 8.96
CA PHE D 138 -36.09 45.01 8.27
C PHE D 138 -37.20 45.67 9.08
N GLU D 139 -37.19 47.00 9.10
CA GLU D 139 -38.26 47.76 9.76
C GLU D 139 -39.31 48.18 8.73
N THR D 140 -40.58 47.86 9.02
CA THR D 140 -41.66 48.12 8.07
C THR D 140 -42.65 49.19 8.55
N LYS D 141 -43.40 49.78 7.61
CA LYS D 141 -44.40 50.79 7.92
C LYS D 141 -45.71 50.15 8.37
N HIS D 142 -45.85 48.85 8.09
CA HIS D 142 -47.11 48.16 8.32
C HIS D 142 -46.98 47.06 9.36
N LYS D 143 -48.12 46.59 9.84
CA LYS D 143 -48.17 45.46 10.76
C LYS D 143 -48.08 44.17 9.95
N CYS D 144 -47.39 43.18 10.50
CA CYS D 144 -47.31 41.88 9.84
C CYS D 144 -47.59 40.75 10.84
N ASN D 145 -48.83 40.28 10.91
CA ASN D 145 -49.15 39.17 11.80
C ASN D 145 -48.78 37.85 11.12
N GLN D 146 -49.19 36.74 11.72
CA GLN D 146 -48.90 35.43 11.18
C GLN D 146 -49.36 35.28 9.73
N THR D 147 -50.54 35.83 9.41
CA THR D 147 -51.13 35.74 8.07
C THR D 147 -50.26 36.45 7.04
N CYS D 148 -49.74 37.62 7.42
CA CYS D 148 -48.84 38.38 6.56
C CYS D 148 -47.50 37.68 6.37
N LEU D 149 -46.93 37.22 7.47
CA LEU D 149 -45.64 36.53 7.45
C LEU D 149 -45.71 35.26 6.60
N ASP D 150 -46.82 34.55 6.68
CA ASP D 150 -47.01 33.33 5.89
C ASP D 150 -47.00 33.59 4.39
N ARG D 151 -47.50 34.75 3.99
CA ARG D 151 -47.51 35.12 2.57
C ARG D 151 -46.13 35.55 2.11
N ILE D 152 -45.33 36.05 3.04
CA ILE D 152 -43.94 36.38 2.76
C ILE D 152 -43.17 35.10 2.46
N ALA D 153 -43.36 34.10 3.32
CA ALA D 153 -42.74 32.79 3.15
C ALA D 153 -43.16 32.13 1.84
N ALA D 154 -44.32 32.53 1.31
CA ALA D 154 -44.83 31.94 0.08
C ALA D 154 -44.47 32.77 -1.14
N GLY D 155 -43.91 33.95 -0.90
CA GLY D 155 -43.50 34.82 -1.98
C GLY D 155 -44.66 35.55 -2.64
N THR D 156 -45.82 35.52 -2.00
CA THR D 156 -47.02 36.13 -2.55
C THR D 156 -47.28 37.53 -1.99
N PHE D 157 -46.53 37.90 -0.96
CA PHE D 157 -46.71 39.19 -0.28
C PHE D 157 -46.62 40.38 -1.23
N ASN D 158 -47.61 41.27 -1.12
CA ASN D 158 -47.63 42.50 -1.90
C ASN D 158 -47.78 43.72 -0.99
N ALA D 159 -46.83 44.64 -1.08
CA ALA D 159 -46.85 45.84 -0.24
C ALA D 159 -47.95 46.81 -0.66
N GLY D 160 -48.48 46.61 -1.86
CA GLY D 160 -49.54 47.47 -2.38
C GLY D 160 -50.81 47.33 -1.57
N GLU D 161 -51.00 46.17 -0.94
CA GLU D 161 -52.17 45.92 -0.11
C GLU D 161 -52.18 46.80 1.14
N PHE D 162 -51.02 47.33 1.50
CA PHE D 162 -50.92 48.25 2.63
C PHE D 162 -50.70 49.68 2.14
N SER D 163 -51.01 49.90 0.86
CA SER D 163 -50.81 51.20 0.21
C SER D 163 -49.36 51.67 0.28
N LEU D 164 -48.43 50.72 0.11
CA LEU D 164 -47.00 51.01 0.13
C LEU D 164 -46.39 50.69 -1.24
N PRO D 165 -45.31 51.41 -1.60
CA PRO D 165 -44.63 51.18 -2.88
C PRO D 165 -44.06 49.76 -3.00
N THR D 166 -43.98 49.27 -4.24
CA THR D 166 -43.45 47.94 -4.51
C THR D 166 -42.44 47.97 -5.64
N PHE D 167 -41.57 46.96 -5.67
CA PHE D 167 -40.71 46.74 -6.82
C PHE D 167 -41.43 45.81 -7.79
N ASP D 168 -41.44 46.16 -9.07
CA ASP D 168 -42.00 45.28 -10.08
C ASP D 168 -40.91 44.35 -10.60
N SER D 169 -41.31 43.16 -11.07
CA SER D 169 -40.37 42.18 -11.61
C SER D 169 -40.26 42.30 -13.12
N LEU D 170 -39.05 42.11 -13.64
CA LEU D 170 -38.82 42.13 -15.08
C LEU D 170 -39.52 40.93 -15.73
N ASN D 171 -40.03 41.14 -16.94
CA ASN D 171 -40.70 40.08 -17.68
C ASN D 171 -39.73 39.14 -18.38
N ASP E 1 -18.39 62.32 8.13
CA ASP E 1 -17.19 61.51 8.02
C ASP E 1 -17.45 60.20 7.27
N ARG E 2 -16.39 59.51 6.91
CA ARG E 2 -16.52 58.20 6.28
C ARG E 2 -15.92 57.10 7.17
N ILE E 3 -16.70 56.05 7.37
CA ILE E 3 -16.26 54.93 8.21
C ILE E 3 -16.23 53.65 7.39
N CYS E 4 -15.13 52.92 7.47
CA CYS E 4 -14.90 51.78 6.59
C CYS E 4 -14.39 50.56 7.35
N THR E 5 -14.62 49.37 6.78
CA THR E 5 -14.00 48.15 7.29
C THR E 5 -12.59 48.04 6.73
N GLY E 6 -11.68 47.45 7.50
CA GLY E 6 -10.30 47.31 7.04
C GLY E 6 -9.56 46.15 7.66
N ILE E 7 -8.41 45.82 7.08
CA ILE E 7 -7.57 44.73 7.56
C ILE E 7 -6.18 45.26 7.89
N THR E 8 -5.57 44.72 8.95
CA THR E 8 -4.26 45.15 9.39
C THR E 8 -3.16 44.93 8.35
N SER E 9 -2.04 45.61 8.54
CA SER E 9 -0.86 45.42 7.73
C SER E 9 0.34 45.25 8.65
N SER E 10 1.09 44.18 8.45
CA SER E 10 2.25 43.88 9.27
C SER E 10 3.25 43.11 8.44
N ASN E 11 4.45 42.93 9.00
CA ASN E 11 5.48 42.12 8.34
C ASN E 11 4.95 40.73 8.07
N SER E 12 5.11 40.27 6.83
CA SER E 12 4.56 38.99 6.42
C SER E 12 5.59 38.11 5.72
N PRO E 13 6.58 37.62 6.47
CA PRO E 13 7.68 36.84 5.88
C PRO E 13 7.31 35.39 5.63
N HIS E 14 6.19 34.94 6.21
CA HIS E 14 5.80 33.53 6.13
C HIS E 14 4.96 33.24 4.89
N VAL E 15 5.16 32.05 4.31
CA VAL E 15 4.44 31.67 3.10
C VAL E 15 3.65 30.38 3.29
N VAL E 16 2.41 30.38 2.82
CA VAL E 16 1.61 29.17 2.75
C VAL E 16 1.00 28.99 1.36
N LYS E 17 0.71 27.75 1.01
CA LYS E 17 0.12 27.42 -0.29
C LYS E 17 -1.41 27.44 -0.22
N THR E 18 -2.03 28.00 -1.25
CA THR E 18 -3.48 27.93 -1.41
C THR E 18 -3.82 27.30 -2.76
N ALA E 19 -5.08 26.91 -2.91
CA ALA E 19 -5.53 26.32 -4.17
C ALA E 19 -5.81 27.36 -5.25
N THR E 20 -6.35 28.52 -4.86
CA THR E 20 -6.79 29.51 -5.84
C THR E 20 -5.94 30.78 -5.93
N GLN E 21 -5.01 30.96 -5.00
CA GLN E 21 -4.17 32.15 -5.00
C GLN E 21 -2.68 31.84 -5.04
N GLY E 22 -2.33 30.56 -5.21
CA GLY E 22 -0.95 30.13 -5.19
C GLY E 22 -0.31 30.32 -3.83
N GLU E 23 1.00 30.54 -3.80
CA GLU E 23 1.69 30.84 -2.56
C GLU E 23 1.41 32.28 -2.16
N VAL E 24 1.06 32.47 -0.85
CA VAL E 24 0.79 33.84 -0.42
C VAL E 24 1.57 34.13 0.86
N ASN E 25 1.91 35.41 1.08
CA ASN E 25 2.59 35.81 2.34
C ASN E 25 1.55 36.10 3.41
N VAL E 26 1.82 35.68 4.64
CA VAL E 26 0.90 35.91 5.75
C VAL E 26 1.65 36.46 6.94
N THR E 27 0.90 37.09 7.89
CA THR E 27 1.50 37.75 9.04
C THR E 27 1.99 36.76 10.10
N GLY E 28 1.36 35.60 10.15
CA GLY E 28 1.72 34.59 11.14
C GLY E 28 1.32 33.18 10.74
N VAL E 29 2.06 32.19 11.24
CA VAL E 29 1.77 30.79 10.97
C VAL E 29 1.95 29.92 12.21
N ILE E 30 1.35 28.73 12.15
CA ILE E 30 1.61 27.69 13.13
C ILE E 30 2.36 26.56 12.43
N PRO E 31 3.64 26.38 12.79
CA PRO E 31 4.40 25.27 12.18
C PRO E 31 3.81 23.93 12.56
N LEU E 32 3.70 23.02 11.60
CA LEU E 32 3.11 21.72 11.85
C LEU E 32 4.18 20.63 11.89
N THR E 33 5.41 20.98 11.55
CA THR E 33 6.49 20.00 11.46
C THR E 33 7.75 20.45 12.17
N THR E 34 8.55 19.47 12.61
CA THR E 34 9.91 19.72 13.05
C THR E 34 10.81 18.68 12.41
N THR E 35 12.12 18.95 12.40
CA THR E 35 13.08 17.93 12.02
C THR E 35 13.73 17.39 13.28
N PRO E 36 13.51 16.10 13.58
CA PRO E 36 14.05 15.49 14.80
C PRO E 36 15.57 15.43 14.76
N THR E 37 16.19 15.30 15.93
CA THR E 37 17.63 15.12 16.01
C THR E 37 17.95 13.70 16.45
N LYS E 38 19.12 13.20 16.06
CA LYS E 38 19.50 11.84 16.36
C LYS E 38 19.86 11.68 17.83
N SER E 39 19.12 10.81 18.51
CA SER E 39 19.31 10.56 19.93
C SER E 39 19.53 9.08 20.21
N HIS E 40 19.85 8.74 21.44
CA HIS E 40 20.00 7.35 21.83
C HIS E 40 18.62 6.71 21.83
N PHE E 41 18.57 5.39 21.75
CA PHE E 41 17.29 4.71 21.83
C PHE E 41 16.85 4.62 23.28
N ALA E 42 15.61 4.17 23.50
CA ALA E 42 15.03 4.21 24.84
C ALA E 42 13.88 3.24 24.96
N ASN E 43 13.26 3.23 26.14
CA ASN E 43 12.06 2.43 26.36
C ASN E 43 10.84 3.09 25.75
N LEU E 44 9.94 2.28 25.22
CA LEU E 44 8.71 2.79 24.63
C LEU E 44 7.69 3.04 25.74
N LYS E 45 7.30 4.29 25.91
CA LYS E 45 6.31 4.66 26.92
C LYS E 45 5.03 3.84 26.77
N GLY E 46 4.66 3.14 27.83
CA GLY E 46 3.45 2.33 27.85
C GLY E 46 3.66 0.91 27.36
N THR E 47 4.89 0.57 27.01
CA THR E 47 5.19 -0.75 26.47
C THR E 47 6.56 -1.28 26.88
N LYS E 48 6.57 -2.44 27.53
CA LYS E 48 7.81 -3.14 27.88
C LYS E 48 8.67 -3.33 26.64
N THR E 49 9.92 -2.90 26.70
CA THR E 49 10.79 -2.89 25.52
C THR E 49 11.99 -3.82 25.65
N ARG E 50 12.06 -4.82 24.78
CA ARG E 50 13.10 -5.85 24.81
C ARG E 50 14.40 -5.42 24.14
N GLY E 51 15.51 -5.68 24.81
CA GLY E 51 16.83 -5.45 24.23
C GLY E 51 17.54 -6.78 24.05
N LYS E 52 18.21 -7.23 25.10
CA LYS E 52 18.78 -8.58 25.12
C LYS E 52 17.66 -9.56 25.42
N LEU E 53 17.75 -10.76 24.86
CA LEU E 53 16.73 -11.78 25.09
C LEU E 53 16.63 -12.14 26.57
N CYS E 54 17.79 -12.35 27.19
CA CYS E 54 17.87 -12.66 28.62
C CYS E 54 18.81 -11.66 29.28
N PRO E 55 18.26 -10.55 29.77
CA PRO E 55 19.07 -9.46 30.34
C PRO E 55 19.82 -9.85 31.61
N THR E 56 19.27 -10.78 32.39
CA THR E 56 19.96 -11.26 33.58
C THR E 56 21.19 -12.12 33.26
N CYS E 57 21.24 -12.69 32.06
CA CYS E 57 22.37 -13.52 31.65
C CYS E 57 23.55 -12.66 31.19
N LEU E 58 24.51 -12.44 32.10
CA LEU E 58 25.64 -11.60 31.76
C LEU E 58 26.71 -12.36 31.01
N ASN E 59 27.49 -11.63 30.22
CA ASN E 59 28.50 -12.22 29.34
C ASN E 59 27.95 -13.24 28.37
N CYS E 60 26.69 -13.05 27.99
CA CYS E 60 26.00 -13.91 27.05
C CYS E 60 25.54 -13.04 25.89
N THR E 61 25.64 -13.55 24.71
CA THR E 61 25.02 -12.91 23.56
C THR E 61 23.64 -13.49 23.35
N ASP E 62 22.78 -12.76 22.62
CA ASP E 62 21.46 -13.26 22.26
C ASP E 62 21.50 -14.61 21.54
N LEU E 63 22.50 -14.79 20.66
CA LEU E 63 22.69 -16.07 20.00
C LEU E 63 23.12 -17.17 20.97
N ASP E 64 24.01 -16.83 21.91
CA ASP E 64 24.41 -17.77 22.96
C ASP E 64 23.20 -18.28 23.72
N VAL E 65 22.33 -17.35 24.09
CA VAL E 65 21.09 -17.66 24.81
C VAL E 65 20.17 -18.55 23.98
N ALA E 66 20.02 -18.20 22.70
CA ALA E 66 19.10 -18.91 21.81
C ALA E 66 19.54 -20.35 21.58
N LEU E 67 20.85 -20.58 21.58
CA LEU E 67 21.40 -21.92 21.39
C LEU E 67 21.42 -22.73 22.69
N GLY E 68 21.19 -22.05 23.82
CA GLY E 68 21.18 -22.71 25.11
C GLY E 68 22.59 -23.02 25.60
N ARG E 69 23.49 -22.07 25.41
CA ARG E 69 24.85 -22.19 25.91
C ARG E 69 24.83 -22.26 27.43
N PRO E 70 25.70 -23.12 28.00
CA PRO E 70 25.88 -23.18 29.46
C PRO E 70 26.22 -21.79 30.02
N MET E 71 25.58 -21.44 31.14
CA MET E 71 25.63 -20.10 31.76
C MET E 71 24.64 -19.12 31.14
N CYS E 72 24.11 -19.45 29.98
CA CYS E 72 23.25 -18.54 29.24
C CYS E 72 21.81 -19.04 29.16
N VAL E 73 21.38 -19.77 30.19
CA VAL E 73 20.01 -20.23 30.29
C VAL E 73 19.33 -19.52 31.45
N GLY E 74 18.33 -18.70 31.13
CA GLY E 74 17.66 -17.91 32.15
C GLY E 74 16.30 -17.43 31.69
N VAL E 75 15.81 -16.37 32.32
CA VAL E 75 14.48 -15.87 32.03
C VAL E 75 14.50 -14.94 30.81
N THR E 76 13.58 -15.19 29.89
CA THR E 76 13.41 -14.35 28.71
C THR E 76 12.05 -13.67 28.75
N PRO E 77 12.02 -12.45 29.32
CA PRO E 77 10.78 -11.70 29.57
C PRO E 77 9.97 -11.47 28.31
N SER E 78 8.66 -11.34 28.47
CA SER E 78 7.78 -10.99 27.36
C SER E 78 7.88 -9.50 27.05
N ALA E 79 7.58 -9.14 25.81
CA ALA E 79 7.67 -7.74 25.38
C ALA E 79 6.86 -7.51 24.10
N LYS E 80 6.17 -6.38 24.04
CA LYS E 80 5.37 -6.05 22.86
C LYS E 80 6.15 -5.17 21.91
N ALA E 81 7.35 -4.76 22.32
CA ALA E 81 8.26 -4.04 21.44
C ALA E 81 9.69 -4.54 21.65
N SER E 82 10.45 -4.65 20.56
CA SER E 82 11.82 -5.15 20.64
C SER E 82 12.78 -4.36 19.74
N ILE E 83 14.03 -4.29 20.17
CA ILE E 83 15.08 -3.64 19.40
C ILE E 83 16.04 -4.66 18.79
N LEU E 84 16.19 -4.60 17.46
CA LEU E 84 17.13 -5.46 16.76
C LEU E 84 18.49 -4.78 16.68
N HIS E 85 19.42 -5.20 17.53
CA HIS E 85 20.70 -4.51 17.66
C HIS E 85 21.84 -5.26 16.96
N GLU E 86 21.57 -6.51 16.58
CA GLU E 86 22.56 -7.31 15.86
C GLU E 86 21.98 -7.84 14.55
N VAL E 87 22.38 -7.24 13.43
CA VAL E 87 21.96 -7.74 12.13
C VAL E 87 22.63 -9.08 11.82
N ARG E 88 23.83 -9.28 12.37
CA ARG E 88 24.51 -10.57 12.28
C ARG E 88 24.98 -11.02 13.66
N PRO E 89 24.07 -11.60 14.45
CA PRO E 89 24.33 -12.03 15.83
C PRO E 89 25.49 -13.03 15.91
N VAL E 90 26.38 -12.81 16.86
CA VAL E 90 27.54 -13.68 17.05
C VAL E 90 27.41 -14.51 18.32
N THR E 91 28.16 -15.60 18.38
CA THR E 91 28.32 -16.37 19.62
C THR E 91 29.54 -15.86 20.36
N SER E 92 29.65 -16.20 21.64
CA SER E 92 30.82 -15.80 22.43
C SER E 92 31.27 -16.91 23.37
N GLY E 93 31.21 -18.15 22.91
CA GLY E 93 31.63 -19.28 23.72
C GLY E 93 31.23 -20.64 23.17
N CYS E 94 31.42 -21.66 24.01
CA CYS E 94 31.08 -23.05 23.68
C CYS E 94 31.77 -23.58 22.42
N PHE E 95 31.24 -24.66 21.87
CA PHE E 95 31.89 -25.38 20.78
C PHE E 95 31.85 -24.59 19.46
N PRO E 96 32.96 -24.60 18.71
CA PRO E 96 33.10 -23.85 17.46
C PRO E 96 32.05 -24.19 16.42
N ILE E 97 31.42 -23.16 15.85
CA ILE E 97 30.35 -23.32 14.89
C ILE E 97 30.74 -22.72 13.56
N MET E 98 30.43 -23.41 12.46
CA MET E 98 30.55 -22.81 11.13
C MET E 98 29.22 -22.12 10.78
N HIS E 99 29.04 -20.92 11.34
CA HIS E 99 27.75 -20.21 11.32
C HIS E 99 27.13 -19.98 9.95
N ASP E 100 27.93 -19.44 9.03
CA ASP E 100 27.41 -18.99 7.73
C ASP E 100 26.99 -20.11 6.80
N ARG E 101 27.12 -21.35 7.23
CA ARG E 101 26.73 -22.49 6.40
C ARG E 101 25.24 -22.78 6.54
N THR E 102 24.59 -22.07 7.45
CA THR E 102 23.15 -22.16 7.65
C THR E 102 22.56 -20.78 7.92
N LYS E 103 21.29 -20.77 8.29
CA LYS E 103 20.58 -19.53 8.63
C LYS E 103 20.61 -19.27 10.13
N ILE E 104 21.48 -19.99 10.85
CA ILE E 104 21.46 -20.04 12.31
C ILE E 104 21.63 -18.69 13.03
N ARG E 105 22.42 -17.79 12.46
CA ARG E 105 22.68 -16.50 13.09
C ARG E 105 21.40 -15.70 13.35
N GLN E 106 20.39 -15.89 12.49
CA GLN E 106 19.17 -15.11 12.59
C GLN E 106 18.17 -15.64 13.62
N LEU E 107 18.47 -16.80 14.20
CA LEU E 107 17.61 -17.40 15.23
C LEU E 107 17.15 -16.47 16.35
N PRO E 108 18.09 -15.75 17.00
CA PRO E 108 17.62 -14.86 18.07
C PRO E 108 16.75 -13.71 17.55
N ASN E 109 17.00 -13.23 16.34
CA ASN E 109 16.17 -12.19 15.74
C ASN E 109 14.76 -12.68 15.42
N LEU E 110 14.65 -13.97 15.10
CA LEU E 110 13.33 -14.57 14.88
C LEU E 110 12.55 -14.65 16.19
N LEU E 111 13.24 -15.05 17.26
CA LEU E 111 12.64 -15.17 18.58
C LEU E 111 12.09 -13.83 19.09
N ARG E 112 12.84 -12.77 18.87
CA ARG E 112 12.49 -11.45 19.40
C ARG E 112 11.25 -10.86 18.73
N GLY E 113 10.84 -11.43 17.60
CA GLY E 113 9.66 -10.98 16.89
C GLY E 113 8.37 -11.50 17.52
N TYR E 114 8.51 -12.47 18.42
CA TYR E 114 7.39 -12.98 19.18
C TYR E 114 7.26 -12.17 20.47
N GLU E 115 6.06 -12.12 21.03
CA GLU E 115 5.86 -11.45 22.31
C GLU E 115 6.43 -12.28 23.45
N LYS E 116 6.00 -13.54 23.54
CA LYS E 116 6.46 -14.44 24.60
C LYS E 116 7.41 -15.50 24.06
N ILE E 117 8.56 -15.65 24.70
CA ILE E 117 9.49 -16.72 24.36
C ILE E 117 9.93 -17.49 25.60
N ARG E 118 9.88 -18.81 25.53
CA ARG E 118 10.34 -19.66 26.61
C ARG E 118 11.03 -20.92 26.09
N LEU E 119 12.06 -21.36 26.79
CA LEU E 119 12.72 -22.62 26.47
C LEU E 119 12.01 -23.75 27.21
N SER E 120 11.69 -24.82 26.48
CA SER E 120 10.97 -25.94 27.07
C SER E 120 11.73 -26.56 28.24
N THR E 121 10.99 -27.10 29.20
CA THR E 121 11.60 -27.73 30.37
C THR E 121 11.88 -29.22 30.13
N GLN E 122 11.16 -29.81 29.17
CA GLN E 122 11.37 -31.21 28.82
C GLN E 122 12.06 -31.35 27.47
N ASN E 123 12.73 -32.48 27.28
CA ASN E 123 13.37 -32.76 25.99
C ASN E 123 12.33 -33.26 24.98
N VAL E 124 12.45 -32.81 23.75
CA VAL E 124 11.48 -33.16 22.72
C VAL E 124 11.75 -34.56 22.18
N ILE E 125 12.99 -35.01 22.32
CA ILE E 125 13.41 -36.33 21.87
C ILE E 125 14.33 -36.95 22.91
N ASN E 126 14.20 -38.26 23.14
CA ASN E 126 15.12 -38.99 24.00
C ASN E 126 16.33 -39.39 23.18
N ALA E 127 17.43 -38.65 23.35
CA ALA E 127 18.61 -38.80 22.51
C ALA E 127 19.31 -40.14 22.70
N GLU E 128 19.37 -40.61 23.94
CA GLU E 128 20.03 -41.87 24.25
C GLU E 128 19.38 -43.06 23.54
N LYS E 129 18.06 -43.00 23.40
CA LYS E 129 17.31 -44.11 22.81
C LYS E 129 16.98 -43.89 21.33
N ALA E 130 17.42 -42.78 20.77
CA ALA E 130 17.13 -42.43 19.38
C ALA E 130 17.72 -43.44 18.40
N PRO E 131 17.12 -43.56 17.20
CA PRO E 131 17.56 -44.49 16.15
C PRO E 131 19.05 -44.43 15.82
N GLY E 132 19.66 -45.61 15.66
CA GLY E 132 21.05 -45.70 15.26
C GLY E 132 21.95 -46.17 16.38
N GLY E 133 21.52 -47.23 17.07
CA GLY E 133 22.25 -47.74 18.22
C GLY E 133 22.09 -46.82 19.41
N PRO E 134 22.31 -47.34 20.62
CA PRO E 134 22.25 -46.50 21.83
C PRO E 134 23.36 -45.46 21.82
N TYR E 135 23.06 -44.24 22.24
CA TYR E 135 24.03 -43.16 22.24
C TYR E 135 24.37 -42.70 23.65
N ARG E 136 25.62 -42.31 23.87
CA ARG E 136 25.95 -41.53 25.04
C ARG E 136 25.88 -40.05 24.66
N LEU E 137 25.48 -39.20 25.60
CA LEU E 137 25.31 -37.78 25.33
C LEU E 137 26.62 -37.02 25.50
N GLY E 138 27.23 -36.66 24.38
CA GLY E 138 28.53 -36.04 24.38
C GLY E 138 28.62 -34.70 25.08
N THR E 139 29.83 -34.34 25.46
CA THR E 139 30.09 -33.11 26.20
C THR E 139 31.45 -32.57 25.78
N SER E 140 31.75 -31.32 26.13
CA SER E 140 33.02 -30.73 25.74
C SER E 140 33.51 -29.66 26.72
N GLY E 141 34.84 -29.60 26.88
CA GLY E 141 35.46 -28.60 27.72
C GLY E 141 35.29 -27.19 27.19
N SER E 142 34.91 -27.08 25.93
CA SER E 142 34.66 -25.79 25.29
C SER E 142 33.42 -25.10 25.88
N CYS E 143 32.55 -25.90 26.51
CA CYS E 143 31.29 -25.38 27.04
C CYS E 143 31.20 -25.50 28.57
N PRO E 144 31.98 -24.69 29.30
CA PRO E 144 31.98 -24.76 30.76
C PRO E 144 30.76 -24.09 31.43
N ASN E 145 30.67 -24.33 32.74
CA ASN E 145 29.60 -23.91 33.64
C ASN E 145 30.33 -23.37 34.85
N ALA E 146 29.65 -22.57 35.65
CA ALA E 146 30.22 -22.11 36.92
C ALA E 146 30.51 -23.31 37.84
N THR E 147 29.80 -24.45 37.66
CA THR E 147 29.98 -25.62 38.50
C THR E 147 30.44 -26.86 37.71
N SER E 148 30.99 -26.65 36.52
CA SER E 148 31.51 -27.75 35.71
C SER E 148 32.54 -27.29 34.68
N ARG E 149 33.46 -28.19 34.34
CA ARG E 149 34.50 -27.87 33.35
C ARG E 149 34.01 -28.17 31.94
N SER E 150 32.97 -28.98 31.83
CA SER E 150 32.50 -29.47 30.54
C SER E 150 30.98 -29.50 30.45
N GLY E 151 30.47 -29.43 29.22
CA GLY E 151 29.04 -29.42 28.98
C GLY E 151 28.73 -29.32 27.50
N PHE E 152 27.55 -28.80 27.17
CA PHE E 152 27.11 -28.68 25.78
C PHE E 152 25.83 -27.86 25.71
N PHE E 153 25.46 -27.42 24.50
CA PHE E 153 24.25 -26.64 24.29
C PHE E 153 23.01 -27.35 24.82
N ALA E 154 22.18 -26.62 25.56
CA ALA E 154 20.99 -27.20 26.16
C ALA E 154 19.97 -27.63 25.11
N THR E 155 20.04 -27.01 23.94
CA THR E 155 19.06 -27.25 22.89
C THR E 155 19.36 -28.50 22.07
N MET E 156 20.57 -29.02 22.20
CA MET E 156 21.00 -30.17 21.41
C MET E 156 21.68 -31.26 22.23
N ALA E 157 21.75 -32.45 21.66
CA ALA E 157 22.46 -33.55 22.30
C ALA E 157 23.45 -34.18 21.33
N TRP E 158 24.73 -34.16 21.70
CA TRP E 158 25.78 -34.74 20.88
C TRP E 158 25.68 -36.27 20.94
N ALA E 159 24.91 -36.85 20.04
CA ALA E 159 24.66 -38.29 20.03
C ALA E 159 25.80 -39.10 19.42
N VAL E 160 26.60 -39.75 20.25
CA VAL E 160 27.69 -40.60 19.78
C VAL E 160 27.51 -42.04 20.24
N PRO E 161 27.70 -43.00 19.31
CA PRO E 161 27.47 -44.44 19.54
C PRO E 161 28.16 -44.99 20.79
N LYS E 162 27.40 -45.67 21.63
CA LYS E 162 27.90 -46.22 22.89
C LYS E 162 28.82 -47.41 22.66
N ASP E 163 28.35 -48.24 21.77
CA ASP E 163 28.87 -49.56 21.58
C ASP E 163 30.20 -49.54 20.89
N ASN E 164 31.07 -50.35 21.45
CA ASN E 164 32.22 -50.61 20.62
C ASN E 164 31.79 -51.33 19.39
N ASN E 165 32.66 -51.31 18.39
CA ASN E 165 32.37 -51.90 17.12
C ASN E 165 31.29 -51.10 16.39
N LYS E 166 31.30 -49.80 16.68
CA LYS E 166 30.45 -48.81 16.04
C LYS E 166 30.84 -48.76 14.59
N THR E 167 29.93 -48.48 13.73
CA THR E 167 30.17 -48.48 12.30
C THR E 167 29.31 -47.45 11.57
N ALA E 168 29.41 -47.44 10.25
CA ALA E 168 28.61 -46.56 9.41
C ALA E 168 27.14 -46.95 9.50
N THR E 169 26.25 -46.00 9.22
CA THR E 169 24.83 -46.28 9.26
C THR E 169 24.07 -45.67 8.09
N ASN E 170 23.00 -46.35 7.66
CA ASN E 170 22.04 -45.78 6.73
C ASN E 170 21.40 -44.54 7.34
N PRO E 171 20.85 -43.66 6.49
CA PRO E 171 20.10 -42.50 7.00
C PRO E 171 18.89 -42.92 7.84
N LEU E 172 18.86 -42.48 9.09
CA LEU E 172 17.74 -42.76 9.99
C LEU E 172 16.81 -41.55 10.10
N THR E 173 15.55 -41.79 10.43
CA THR E 173 14.56 -40.73 10.54
C THR E 173 13.99 -40.61 11.96
N VAL E 174 14.00 -39.39 12.50
CA VAL E 174 13.27 -39.13 13.74
C VAL E 174 12.15 -38.13 13.49
N GLU E 175 11.01 -38.36 14.13
CA GLU E 175 9.95 -37.36 14.16
C GLU E 175 10.19 -36.44 15.34
N VAL E 176 10.02 -35.14 15.11
CA VAL E 176 10.10 -34.17 16.20
C VAL E 176 8.71 -33.62 16.49
N PRO E 177 8.08 -34.11 17.56
CA PRO E 177 6.70 -33.73 17.87
C PRO E 177 6.59 -32.28 18.33
N HIS E 178 5.43 -31.69 18.16
CA HIS E 178 5.17 -30.37 18.68
C HIS E 178 4.74 -30.51 20.14
N ILE E 179 5.52 -29.96 21.06
CA ILE E 179 5.27 -30.16 22.48
C ILE E 179 4.86 -28.86 23.19
N CYS E 180 4.69 -27.79 22.43
CA CYS E 180 4.20 -26.53 22.97
C CYS E 180 2.67 -26.51 23.00
N THR E 181 2.09 -25.38 23.41
CA THR E 181 0.63 -25.26 23.44
C THR E 181 0.07 -25.08 22.04
N LYS E 182 -1.25 -25.05 21.92
CA LYS E 182 -1.91 -24.83 20.63
C LYS E 182 -1.71 -23.39 20.16
N GLU E 183 -1.26 -22.52 21.06
CA GLU E 183 -1.09 -21.10 20.76
C GLU E 183 0.35 -20.75 20.43
N GLU E 184 1.24 -21.74 20.52
CA GLU E 184 2.67 -21.47 20.39
C GLU E 184 3.33 -22.11 19.17
N ASP E 185 4.27 -21.38 18.59
CA ASP E 185 5.16 -21.95 17.59
C ASP E 185 6.31 -22.64 18.30
N GLN E 186 6.82 -23.71 17.70
CA GLN E 186 7.99 -24.38 18.23
C GLN E 186 9.16 -24.18 17.28
N ILE E 187 10.25 -23.62 17.80
CA ILE E 187 11.46 -23.48 17.01
C ILE E 187 12.48 -24.52 17.48
N THR E 188 12.71 -25.52 16.63
CA THR E 188 13.54 -26.66 16.98
C THR E 188 14.97 -26.48 16.50
N VAL E 189 15.92 -26.59 17.42
CA VAL E 189 17.33 -26.45 17.08
C VAL E 189 18.03 -27.81 16.99
N TRP E 190 18.76 -28.01 15.89
CA TRP E 190 19.46 -29.26 15.65
C TRP E 190 20.70 -28.98 14.83
N GLY E 191 21.54 -29.99 14.63
CA GLY E 191 22.75 -29.83 13.86
C GLY E 191 23.58 -31.09 13.80
N PHE E 192 24.84 -30.95 13.38
CA PHE E 192 25.73 -32.11 13.31
C PHE E 192 27.20 -31.76 13.55
N HIS E 193 27.91 -32.70 14.17
CA HIS E 193 29.34 -32.55 14.42
C HIS E 193 30.15 -33.32 13.38
N SER E 194 31.26 -32.73 12.95
CA SER E 194 32.19 -33.42 12.06
C SER E 194 33.63 -33.19 12.52
N ASP E 195 34.55 -33.97 11.97
CA ASP E 195 35.94 -33.92 12.42
C ASP E 195 36.88 -34.41 11.32
N ASP E 196 38.12 -34.73 11.69
CA ASP E 196 39.07 -35.29 10.73
C ASP E 196 38.93 -36.81 10.70
N LYS E 197 39.58 -37.45 9.73
CA LYS E 197 39.39 -38.88 9.47
C LYS E 197 39.52 -39.78 10.71
N THR E 198 40.62 -39.65 11.43
CA THR E 198 40.87 -40.50 12.60
C THR E 198 39.82 -40.27 13.69
N GLN E 199 39.60 -39.02 14.06
CA GLN E 199 38.61 -38.70 15.10
C GLN E 199 37.21 -39.17 14.71
N MET E 200 36.88 -39.08 13.42
CA MET E 200 35.61 -39.61 12.92
C MET E 200 35.49 -41.11 13.16
N LYS E 201 36.54 -41.86 12.80
CA LYS E 201 36.59 -43.30 13.02
C LYS E 201 36.40 -43.65 14.50
N ASN E 202 37.15 -42.97 15.36
CA ASN E 202 37.03 -43.16 16.81
C ASN E 202 35.62 -42.92 17.31
N LEU E 203 35.07 -41.75 17.02
CA LEU E 203 33.76 -41.35 17.52
C LEU E 203 32.59 -42.14 16.89
N TYR E 204 32.64 -42.36 15.59
CA TYR E 204 31.46 -42.84 14.87
C TYR E 204 31.67 -44.13 14.08
N GLY E 205 32.92 -44.49 13.84
CA GLY E 205 33.24 -45.69 13.08
C GLY E 205 33.06 -45.50 11.58
N ASP E 206 33.21 -44.25 11.13
CA ASP E 206 33.11 -43.92 9.72
C ASP E 206 33.84 -42.59 9.46
N SER E 207 34.70 -42.57 8.45
CA SER E 207 35.48 -41.38 8.14
C SER E 207 34.98 -40.67 6.88
N ASN E 208 33.88 -41.16 6.32
CA ASN E 208 33.27 -40.56 5.15
C ASN E 208 32.33 -39.42 5.54
N PRO E 209 32.09 -38.47 4.61
CA PRO E 209 31.12 -37.40 4.87
C PRO E 209 29.73 -37.96 5.16
N GLN E 210 29.04 -37.32 6.10
CA GLN E 210 27.69 -37.75 6.48
C GLN E 210 26.64 -36.80 5.90
N LYS E 211 25.45 -37.32 5.68
CA LYS E 211 24.37 -36.55 5.07
C LYS E 211 23.21 -36.31 6.03
N PHE E 212 22.58 -35.13 5.92
CA PHE E 212 21.50 -34.75 6.83
C PHE E 212 20.38 -34.00 6.09
N THR E 213 19.14 -34.30 6.44
CA THR E 213 18.01 -33.61 5.83
C THR E 213 16.90 -33.34 6.85
N SER E 214 16.39 -32.12 6.86
CA SER E 214 15.26 -31.78 7.72
C SER E 214 14.04 -31.41 6.88
N SER E 215 12.86 -31.71 7.42
CA SER E 215 11.63 -31.33 6.75
C SER E 215 10.60 -30.84 7.76
N ALA E 216 10.15 -29.60 7.59
CA ALA E 216 9.11 -29.05 8.44
C ALA E 216 8.35 -27.97 7.70
N ASN E 217 7.03 -27.97 7.87
CA ASN E 217 6.16 -26.96 7.27
C ASN E 217 6.37 -26.77 5.76
N GLY E 218 6.66 -27.87 5.07
CA GLY E 218 6.82 -27.83 3.63
C GLY E 218 8.22 -27.44 3.17
N VAL E 219 9.11 -27.13 4.11
CA VAL E 219 10.47 -26.75 3.76
C VAL E 219 11.47 -27.89 4.00
N THR E 220 12.25 -28.22 2.97
CA THR E 220 13.29 -29.23 3.10
C THR E 220 14.68 -28.61 2.97
N THR E 221 15.59 -29.02 3.84
CA THR E 221 16.98 -28.57 3.76
C THR E 221 17.90 -29.78 3.75
N HIS E 222 18.97 -29.71 2.96
CA HIS E 222 19.90 -30.83 2.83
C HIS E 222 21.34 -30.40 3.13
N TYR E 223 22.04 -31.20 3.91
CA TYR E 223 23.43 -30.91 4.28
C TYR E 223 24.36 -32.11 4.11
N VAL E 224 25.57 -31.83 3.64
CA VAL E 224 26.62 -32.84 3.58
C VAL E 224 27.81 -32.32 4.38
N SER E 225 28.39 -33.18 5.20
CA SER E 225 29.42 -32.76 6.14
C SER E 225 30.79 -32.62 5.48
N GLN E 226 31.76 -32.13 6.25
CA GLN E 226 33.12 -31.95 5.77
C GLN E 226 34.10 -32.70 6.66
N ILE E 227 35.03 -33.42 6.05
CA ILE E 227 36.03 -34.18 6.79
C ILE E 227 37.40 -33.51 6.76
N GLY E 228 37.75 -32.81 7.84
CA GLY E 228 39.02 -32.11 7.93
C GLY E 228 39.06 -30.81 7.12
N GLY E 229 40.19 -30.10 7.23
CA GLY E 229 40.41 -28.87 6.50
C GLY E 229 39.40 -27.78 6.80
N PHE E 230 39.06 -27.64 8.07
CA PHE E 230 38.04 -26.70 8.51
C PHE E 230 38.57 -25.27 8.55
N PRO E 231 37.68 -24.28 8.43
CA PRO E 231 38.10 -22.89 8.64
C PRO E 231 38.41 -22.66 10.12
N ASP E 232 39.17 -21.61 10.42
CA ASP E 232 39.62 -21.34 11.78
C ASP E 232 38.47 -21.20 12.76
N GLN E 233 38.70 -21.64 14.00
CA GLN E 233 37.71 -21.49 15.05
C GLN E 233 37.48 -20.02 15.33
N THR E 234 36.23 -19.66 15.60
CA THR E 234 35.89 -18.28 15.90
C THR E 234 34.61 -18.21 16.73
N GLU E 235 34.45 -17.13 17.49
CA GLU E 235 33.29 -16.93 18.34
C GLU E 235 33.01 -18.10 19.28
N ASP E 236 34.05 -18.83 19.66
CA ASP E 236 33.87 -20.02 20.48
C ASP E 236 34.48 -19.86 21.88
N GLY E 237 34.83 -20.99 22.50
CA GLY E 237 35.30 -21.00 23.87
C GLY E 237 36.79 -20.85 24.08
N GLY E 238 37.56 -20.83 22.99
CA GLY E 238 38.99 -20.59 23.08
C GLY E 238 39.85 -21.83 23.01
N LEU E 239 39.26 -22.99 23.29
CA LEU E 239 40.01 -24.25 23.24
C LEU E 239 40.14 -24.77 21.83
N PRO E 240 41.35 -25.17 21.43
CA PRO E 240 41.58 -25.76 20.10
C PRO E 240 40.82 -27.08 19.96
N GLN E 241 40.14 -27.24 18.83
CA GLN E 241 39.44 -28.47 18.53
C GLN E 241 39.75 -28.85 17.09
N SER E 242 39.67 -30.14 16.79
CA SER E 242 39.97 -30.62 15.44
C SER E 242 38.72 -30.66 14.57
N GLY E 243 37.55 -30.62 15.20
CA GLY E 243 36.29 -30.66 14.48
C GLY E 243 35.44 -29.41 14.63
N ARG E 244 34.29 -29.41 13.95
CA ARG E 244 33.35 -28.29 13.98
C ARG E 244 31.92 -28.81 13.98
N ILE E 245 31.00 -28.00 14.46
CA ILE E 245 29.59 -28.33 14.32
C ILE E 245 28.91 -27.36 13.37
N VAL E 246 27.86 -27.85 12.73
CA VAL E 246 26.98 -27.01 11.91
C VAL E 246 25.63 -27.06 12.58
N VAL E 247 24.98 -25.92 12.74
CA VAL E 247 23.73 -25.83 13.48
C VAL E 247 22.65 -25.13 12.66
N ASP E 248 21.41 -25.60 12.79
CA ASP E 248 20.30 -25.07 12.04
C ASP E 248 19.07 -25.04 12.94
N TYR E 249 17.98 -24.46 12.44
CA TYR E 249 16.71 -24.52 13.15
C TYR E 249 15.56 -24.75 12.18
N MET E 250 14.48 -25.33 12.67
CA MET E 250 13.26 -25.44 11.87
C MET E 250 12.04 -25.04 12.68
N VAL E 251 11.15 -24.28 12.05
CA VAL E 251 9.97 -23.76 12.72
C VAL E 251 8.80 -24.71 12.52
N GLN E 252 8.14 -25.07 13.62
CA GLN E 252 6.99 -25.95 13.55
C GLN E 252 5.75 -25.26 14.10
N LYS E 253 4.76 -25.05 13.24
CA LYS E 253 3.49 -24.48 13.67
C LYS E 253 2.78 -25.48 14.56
N PRO E 254 1.83 -25.01 15.39
CA PRO E 254 1.14 -25.90 16.33
C PRO E 254 0.50 -27.12 15.66
N GLY E 255 0.80 -28.30 16.19
CA GLY E 255 0.25 -29.54 15.67
C GLY E 255 0.96 -30.09 14.46
N LYS E 256 2.14 -29.51 14.17
CA LYS E 256 2.93 -29.97 13.02
C LYS E 256 4.20 -30.67 13.47
N THR E 257 4.31 -31.95 13.11
CA THR E 257 5.53 -32.72 13.39
C THR E 257 6.59 -32.43 12.34
N GLY E 258 7.84 -32.29 12.79
CA GLY E 258 8.96 -32.13 11.88
C GLY E 258 9.78 -33.40 11.81
N THR E 259 10.59 -33.55 10.77
CA THR E 259 11.45 -34.73 10.66
C THR E 259 12.90 -34.34 10.40
N ILE E 260 13.79 -35.21 10.87
CA ILE E 260 15.22 -35.08 10.61
C ILE E 260 15.75 -36.44 10.18
N VAL E 261 16.42 -36.46 9.05
CA VAL E 261 17.05 -37.67 8.55
C VAL E 261 18.55 -37.49 8.69
N TYR E 262 19.20 -38.44 9.38
CA TYR E 262 20.59 -38.22 9.78
C TYR E 262 21.45 -39.48 9.70
N GLN E 263 22.76 -39.26 9.78
CA GLN E 263 23.72 -40.34 9.94
C GLN E 263 24.55 -40.11 11.19
N ARG E 264 25.86 -40.28 11.08
CA ARG E 264 26.74 -40.12 12.24
C ARG E 264 27.09 -38.66 12.51
N GLY E 265 27.19 -38.30 13.80
CA GLY E 265 27.56 -36.96 14.19
C GLY E 265 26.36 -36.07 14.49
N ILE E 266 25.17 -36.67 14.51
CA ILE E 266 23.93 -35.92 14.70
C ILE E 266 23.85 -35.22 16.06
N LEU E 267 23.40 -33.97 16.04
CA LEU E 267 23.10 -33.24 17.26
C LEU E 267 21.58 -33.13 17.38
N LEU E 268 20.98 -34.09 18.06
CA LEU E 268 19.53 -34.16 18.18
C LEU E 268 18.96 -33.07 19.07
N PRO E 269 17.80 -32.51 18.69
CA PRO E 269 17.14 -31.48 19.48
C PRO E 269 16.74 -31.97 20.86
N GLN E 270 16.83 -31.07 21.85
CA GLN E 270 16.48 -31.41 23.22
C GLN E 270 15.47 -30.41 23.75
N LYS E 271 15.96 -29.35 24.39
CA LYS E 271 15.08 -28.26 24.80
C LYS E 271 14.77 -27.42 23.57
N VAL E 272 13.48 -27.14 23.36
CA VAL E 272 13.05 -26.34 22.23
C VAL E 272 12.46 -25.01 22.68
N TRP E 273 12.37 -24.06 21.75
CA TRP E 273 11.77 -22.77 22.05
C TRP E 273 10.27 -22.82 21.79
N CYS E 274 9.51 -22.27 22.72
CA CYS E 274 8.07 -22.13 22.55
C CYS E 274 7.73 -20.64 22.53
N ALA E 275 7.08 -20.20 21.46
CA ALA E 275 6.89 -18.77 21.23
C ALA E 275 5.50 -18.44 20.72
N SER E 276 4.91 -17.37 21.27
CA SER E 276 3.57 -16.94 20.88
C SER E 276 3.46 -15.42 20.79
N GLY E 277 2.46 -14.96 20.05
CA GLY E 277 2.19 -13.53 19.93
C GLY E 277 3.11 -12.83 18.95
N ARG E 278 3.06 -11.51 18.96
CA ARG E 278 3.91 -10.70 18.09
C ARG E 278 4.49 -9.51 18.84
N SER E 279 5.77 -9.24 18.61
CA SER E 279 6.42 -8.06 19.16
C SER E 279 6.71 -7.08 18.03
N LYS E 280 6.56 -5.79 18.31
CA LYS E 280 6.90 -4.75 17.34
C LYS E 280 8.41 -4.55 17.29
N VAL E 281 9.01 -4.85 16.14
CA VAL E 281 10.46 -4.83 16.01
C VAL E 281 10.94 -3.73 15.07
N ILE E 282 11.94 -2.97 15.52
CA ILE E 282 12.65 -2.03 14.67
C ILE E 282 14.14 -2.11 14.95
N LYS E 283 14.96 -1.71 13.99
CA LYS E 283 16.40 -1.64 14.17
C LYS E 283 16.75 -0.54 15.15
N GLY E 284 17.73 -0.80 16.01
CA GLY E 284 18.21 0.18 16.98
C GLY E 284 19.49 -0.25 17.65
N SER E 285 19.93 0.52 18.65
CA SER E 285 21.14 0.20 19.37
C SER E 285 20.95 0.14 20.89
N LEU E 286 21.89 -0.50 21.57
CA LEU E 286 21.85 -0.65 23.02
C LEU E 286 22.91 0.27 23.63
N PRO E 287 22.61 0.85 24.80
CA PRO E 287 21.54 0.51 25.75
C PRO E 287 20.34 1.46 25.65
N LEU E 288 19.22 1.01 26.19
CA LEU E 288 18.02 1.84 26.24
C LEU E 288 18.08 2.80 27.41
N ILE E 289 18.04 4.10 27.09
CA ILE E 289 18.18 5.13 28.10
C ILE E 289 16.93 6.02 28.17
N GLY E 290 16.12 5.81 29.20
CA GLY E 290 14.98 6.67 29.47
C GLY E 290 13.70 6.24 28.77
N GLU E 291 12.72 7.14 28.77
CA GLU E 291 11.45 6.91 28.10
C GLU E 291 11.28 7.84 26.90
N ALA E 292 10.56 7.37 25.89
CA ALA E 292 10.19 8.21 24.76
C ALA E 292 8.80 7.82 24.26
N ASP E 293 8.14 8.74 23.56
CA ASP E 293 6.82 8.48 22.99
C ASP E 293 6.96 7.57 21.81
N CYS E 294 8.08 7.71 21.12
CA CYS E 294 8.28 7.10 19.81
C CYS E 294 9.70 6.61 19.65
N LEU E 295 9.85 5.41 19.09
CA LEU E 295 11.16 4.90 18.72
C LEU E 295 11.28 4.91 17.20
N HIS E 296 12.36 5.50 16.71
CA HIS E 296 12.53 5.75 15.28
C HIS E 296 13.91 5.25 14.86
N GLU E 297 13.95 4.46 13.79
CA GLU E 297 15.18 3.80 13.38
C GLU E 297 16.35 4.75 13.07
N LYS E 298 16.04 5.95 12.62
CA LYS E 298 17.09 6.88 12.24
C LYS E 298 17.38 7.95 13.30
N TYR E 299 16.44 8.18 14.19
CA TYR E 299 16.59 9.25 15.17
C TYR E 299 16.62 8.75 16.61
N GLY E 300 16.30 7.47 16.80
CA GLY E 300 16.24 6.90 18.13
C GLY E 300 14.98 7.35 18.84
N GLY E 301 15.06 7.51 20.18
CA GLY E 301 13.91 7.93 20.97
C GLY E 301 13.57 9.38 20.72
N LEU E 302 12.28 9.71 20.65
CA LEU E 302 11.84 11.09 20.52
C LEU E 302 10.42 11.26 21.06
N ASN E 303 10.11 12.46 21.53
CA ASN E 303 8.80 12.73 22.10
C ASN E 303 7.98 13.55 21.11
N LYS E 304 6.68 13.30 21.10
CA LYS E 304 5.81 13.91 20.10
C LYS E 304 5.31 15.29 20.50
N SER E 305 5.77 16.31 19.78
CA SER E 305 5.22 17.66 19.92
C SER E 305 4.29 17.97 18.74
N LYS E 306 4.89 18.35 17.62
CA LYS E 306 4.16 18.61 16.38
C LYS E 306 3.51 17.32 15.82
N PRO E 307 2.43 17.48 15.05
CA PRO E 307 1.73 16.32 14.47
C PRO E 307 2.53 15.64 13.35
N TYR E 308 3.35 16.41 12.64
CA TYR E 308 4.11 15.88 11.52
C TYR E 308 5.61 16.07 11.73
N TYR E 309 6.42 15.44 10.88
CA TYR E 309 7.86 15.65 10.91
C TYR E 309 8.49 15.55 9.52
N THR E 310 9.60 16.26 9.33
CA THR E 310 10.36 16.18 8.09
C THR E 310 11.72 15.54 8.34
N GLY E 311 12.38 15.12 7.26
CA GLY E 311 13.66 14.45 7.39
C GLY E 311 13.65 13.10 6.70
N GLU E 312 14.33 12.13 7.30
CA GLU E 312 14.39 10.79 6.72
C GLU E 312 13.32 9.88 7.29
N HIS E 313 12.45 9.38 6.40
CA HIS E 313 11.44 8.42 6.79
C HIS E 313 12.08 7.06 7.00
N ALA E 314 11.62 6.36 8.03
CA ALA E 314 12.10 5.01 8.33
C ALA E 314 11.06 4.36 9.23
N LYS E 315 11.25 3.09 9.54
CA LYS E 315 10.35 2.39 10.45
C LYS E 315 10.36 3.05 11.82
N ALA E 316 9.19 3.13 12.44
CA ALA E 316 9.03 3.80 13.72
C ALA E 316 7.81 3.30 14.46
N ILE E 317 7.96 3.06 15.76
CA ILE E 317 6.87 2.51 16.57
C ILE E 317 6.49 3.40 17.75
N GLY E 318 5.22 3.35 18.14
CA GLY E 318 4.74 4.10 19.29
C GLY E 318 3.85 5.27 18.91
N ASN E 319 3.82 6.27 19.79
CA ASN E 319 3.08 7.50 19.56
C ASN E 319 3.93 8.47 18.75
N CYS E 320 3.87 8.36 17.43
CA CYS E 320 4.82 9.03 16.55
C CYS E 320 4.19 10.13 15.70
N PRO E 321 4.98 11.15 15.33
CA PRO E 321 4.52 12.12 14.35
C PRO E 321 4.52 11.50 12.96
N ILE E 322 3.68 12.00 12.06
CA ILE E 322 3.55 11.44 10.72
C ILE E 322 4.48 12.14 9.75
N TRP E 323 5.20 11.36 8.95
CA TRP E 323 6.18 11.91 8.02
C TRP E 323 5.52 12.64 6.86
N VAL E 324 6.09 13.78 6.49
CA VAL E 324 5.64 14.55 5.33
C VAL E 324 6.83 15.01 4.50
N LYS E 325 6.58 15.31 3.23
CA LYS E 325 7.63 15.68 2.28
C LYS E 325 8.20 17.08 2.52
N THR E 326 7.36 18.01 2.98
CA THR E 326 7.76 19.40 3.14
C THR E 326 7.35 19.94 4.51
N PRO E 327 8.05 20.98 4.99
CA PRO E 327 7.68 21.58 6.27
C PRO E 327 6.38 22.40 6.18
N LEU E 328 5.24 21.73 6.35
CA LEU E 328 3.93 22.35 6.22
C LEU E 328 3.65 23.36 7.33
N LYS E 329 2.86 24.38 7.01
CA LYS E 329 2.46 25.39 7.99
C LYS E 329 0.96 25.69 7.88
N LEU E 330 0.34 25.99 9.02
CA LEU E 330 -1.03 26.44 9.04
C LEU E 330 -1.06 27.96 9.20
N ALA E 331 -1.84 28.65 8.30
CA ALA E 331 -1.97 30.12 8.40
C ALA E 331 -2.54 30.53 9.75
N ASN E 332 -1.88 31.46 10.40
CA ASN E 332 -2.40 32.03 11.66
C ASN E 332 -2.21 33.55 11.61
N GLY E 333 -2.79 34.15 10.59
CA GLY E 333 -2.72 35.58 10.39
C GLY E 333 -3.52 35.95 9.17
N THR E 334 -3.20 37.10 8.59
CA THR E 334 -3.85 37.56 7.38
C THR E 334 -2.88 37.64 6.22
N LYS E 335 -3.41 37.55 5.01
CA LYS E 335 -2.61 37.67 3.80
C LYS E 335 -1.95 39.05 3.77
N TYR E 336 -0.75 39.13 3.19
CA TYR E 336 -0.01 40.39 3.15
C TYR E 336 -0.76 41.52 2.46
N ARG E 337 -0.68 42.71 3.05
CA ARG E 337 -1.25 43.92 2.47
C ARG E 337 -0.28 45.09 2.55
N PRO E 338 -0.12 45.83 1.45
CA PRO E 338 0.71 47.03 1.46
C PRO E 338 0.09 48.06 2.39
N PRO E 339 0.92 48.73 3.22
CA PRO E 339 0.44 49.79 4.11
C PRO E 339 -0.27 50.90 3.32
N ALA E 340 -1.44 51.31 3.81
CA ALA E 340 -2.23 52.34 3.13
C ALA E 340 -1.95 53.73 3.69
N LYS E 341 -1.82 54.70 2.80
CA LYS E 341 -1.54 56.09 3.21
C LYS E 341 -2.44 57.08 2.48
N LEU E 342 -2.51 58.31 3.02
CA LEU E 342 -3.41 59.33 2.51
C LEU E 342 -2.99 59.98 1.20
N LEU E 343 -1.87 60.69 1.21
CA LEU E 343 -1.45 61.44 0.03
C LEU E 343 -0.10 60.98 -0.51
N PHE F 2 -10.66 37.89 -4.07
CA PHE F 2 -11.28 38.16 -5.36
C PHE F 2 -12.54 38.99 -5.20
N PHE F 3 -13.25 38.76 -4.09
CA PHE F 3 -14.47 39.49 -3.79
C PHE F 3 -14.19 40.98 -3.64
N GLY F 4 -13.28 41.31 -2.72
CA GLY F 4 -12.88 42.69 -2.49
C GLY F 4 -12.30 43.38 -3.71
N ALA F 5 -11.50 42.66 -4.48
CA ALA F 5 -10.92 43.18 -5.72
C ALA F 5 -12.00 43.63 -6.70
N ILE F 6 -13.01 42.80 -6.89
CA ILE F 6 -14.10 43.11 -7.81
C ILE F 6 -15.02 44.17 -7.21
N ALA F 7 -15.23 44.09 -5.90
CA ALA F 7 -16.20 44.95 -5.23
C ALA F 7 -15.61 46.32 -4.89
N GLY F 8 -14.34 46.50 -5.18
CA GLY F 8 -13.67 47.76 -4.94
C GLY F 8 -13.31 48.00 -3.48
N PHE F 9 -13.18 46.93 -2.70
CA PHE F 9 -12.71 47.06 -1.32
C PHE F 9 -11.25 47.52 -1.33
N LEU F 10 -10.86 48.24 -0.28
CA LEU F 10 -9.48 48.71 -0.16
C LEU F 10 -8.51 47.53 -0.17
N GLU F 11 -7.59 47.54 -1.12
CA GLU F 11 -6.63 46.45 -1.27
C GLU F 11 -5.42 46.60 -0.35
N GLY F 12 -5.27 47.77 0.26
CA GLY F 12 -4.20 48.00 1.21
C GLY F 12 -4.61 47.69 2.63
N GLY F 13 -3.67 47.79 3.56
CA GLY F 13 -3.94 47.53 4.95
C GLY F 13 -3.42 48.64 5.85
N TRP F 14 -3.79 48.58 7.14
CA TRP F 14 -3.46 49.63 8.07
C TRP F 14 -2.52 49.16 9.18
N GLU F 15 -1.29 49.65 9.15
CA GLU F 15 -0.29 49.30 10.16
C GLU F 15 -0.71 49.68 11.58
N GLY F 16 -1.56 50.70 11.69
CA GLY F 16 -2.07 51.13 12.97
C GLY F 16 -2.88 50.05 13.66
N MET F 17 -3.49 49.17 12.88
CA MET F 17 -4.30 48.08 13.42
C MET F 17 -3.40 47.04 14.07
N ILE F 18 -3.17 47.20 15.37
CA ILE F 18 -2.17 46.41 16.09
C ILE F 18 -2.82 45.36 17.00
N ALA F 19 -3.93 45.73 17.62
CA ALA F 19 -4.59 44.87 18.60
C ALA F 19 -5.44 43.77 17.98
N GLY F 20 -5.40 43.64 16.66
CA GLY F 20 -6.22 42.66 15.98
C GLY F 20 -5.98 42.56 14.48
N TRP F 21 -6.77 41.75 13.81
CA TRP F 21 -6.54 41.44 12.40
C TRP F 21 -7.42 42.26 11.47
N HIS F 22 -8.67 42.48 11.86
CA HIS F 22 -9.59 43.31 11.09
C HIS F 22 -10.36 44.25 12.00
N GLY F 23 -10.87 45.33 11.42
CA GLY F 23 -11.59 46.33 12.18
C GLY F 23 -12.06 47.49 11.34
N TYR F 24 -11.94 48.69 11.87
CA TYR F 24 -12.51 49.86 11.22
C TYR F 24 -11.54 51.02 11.10
N THR F 25 -11.75 51.84 10.07
CA THR F 25 -11.06 53.12 9.95
C THR F 25 -12.08 54.24 9.83
N SER F 26 -11.74 55.43 10.34
CA SER F 26 -12.60 56.60 10.18
C SER F 26 -11.84 57.71 9.47
N HIS F 27 -12.52 58.39 8.56
CA HIS F 27 -11.88 59.39 7.72
C HIS F 27 -12.60 60.74 7.78
N GLY F 28 -11.94 61.74 8.36
CA GLY F 28 -12.51 63.06 8.47
C GLY F 28 -11.49 64.14 8.77
N ALA F 29 -11.89 65.16 9.52
CA ALA F 29 -11.03 66.29 9.82
C ALA F 29 -9.95 65.92 10.83
N HIS F 30 -10.13 64.78 11.49
CA HIS F 30 -9.15 64.28 12.45
C HIS F 30 -8.00 63.62 11.71
N GLY F 31 -8.20 63.41 10.41
CA GLY F 31 -7.25 62.67 9.60
C GLY F 31 -7.73 61.25 9.35
N VAL F 32 -7.15 60.31 10.10
CA VAL F 32 -7.52 58.90 9.95
C VAL F 32 -7.26 58.11 11.23
N ALA F 33 -8.34 57.57 11.80
CA ALA F 33 -8.23 56.71 12.99
C ALA F 33 -8.37 55.24 12.62
N VAL F 34 -7.75 54.37 13.41
CA VAL F 34 -7.79 52.94 13.18
C VAL F 34 -8.10 52.18 14.46
N ALA F 35 -9.09 51.29 14.41
CA ALA F 35 -9.42 50.46 15.56
C ALA F 35 -9.70 49.01 15.18
N ALA F 36 -9.02 48.09 15.86
CA ALA F 36 -9.22 46.67 15.64
C ALA F 36 -10.49 46.17 16.31
N ASP F 37 -11.21 45.29 15.63
CA ASP F 37 -12.38 44.65 16.21
C ASP F 37 -11.94 43.31 16.79
N LEU F 38 -12.12 43.16 18.10
CA LEU F 38 -11.60 41.98 18.79
C LEU F 38 -12.49 40.75 18.60
N LYS F 39 -13.78 40.97 18.38
CA LYS F 39 -14.71 39.88 18.17
C LYS F 39 -14.36 39.13 16.88
N SER F 40 -14.19 39.88 15.80
CA SER F 40 -13.86 39.31 14.51
C SER F 40 -12.50 38.61 14.54
N THR F 41 -11.54 39.21 15.24
CA THR F 41 -10.20 38.64 15.36
C THR F 41 -10.22 37.32 16.15
N GLN F 42 -11.02 37.29 17.22
CA GLN F 42 -11.14 36.09 18.04
C GLN F 42 -11.80 34.95 17.27
N GLU F 43 -12.83 35.27 16.51
CA GLU F 43 -13.51 34.31 15.65
C GLU F 43 -12.54 33.61 14.69
N ALA F 44 -11.73 34.39 14.01
CA ALA F 44 -10.72 33.85 13.09
C ALA F 44 -9.73 32.96 13.82
N ILE F 45 -9.28 33.42 14.98
CA ILE F 45 -8.30 32.69 15.78
C ILE F 45 -8.84 31.34 16.27
N ASN F 46 -10.12 31.32 16.63
CA ASN F 46 -10.75 30.09 17.10
C ASN F 46 -10.93 29.06 16.00
N LYS F 47 -11.31 29.53 14.81
CA LYS F 47 -11.46 28.67 13.64
C LYS F 47 -10.14 28.00 13.32
N ILE F 48 -9.07 28.79 13.30
CA ILE F 48 -7.73 28.27 13.04
C ILE F 48 -7.31 27.27 14.11
N THR F 49 -7.65 27.55 15.36
CA THR F 49 -7.32 26.66 16.47
C THR F 49 -8.04 25.32 16.34
N LYS F 50 -9.33 25.38 16.01
CA LYS F 50 -10.11 24.19 15.77
C LYS F 50 -9.53 23.43 14.58
N ASN F 51 -9.12 24.17 13.57
CA ASN F 51 -8.54 23.61 12.36
C ASN F 51 -7.25 22.84 12.70
N LEU F 52 -6.43 23.44 13.56
CA LEU F 52 -5.22 22.79 14.06
C LEU F 52 -5.51 21.49 14.78
N ASN F 53 -6.52 21.50 15.65
CA ASN F 53 -6.92 20.30 16.38
C ASN F 53 -7.33 19.17 15.42
N SER F 54 -8.13 19.52 14.42
CA SER F 54 -8.60 18.55 13.44
C SER F 54 -7.45 17.87 12.69
N LEU F 55 -6.46 18.66 12.26
CA LEU F 55 -5.29 18.12 11.58
C LEU F 55 -4.44 17.25 12.49
N SER F 56 -4.50 17.51 13.79
CA SER F 56 -3.68 16.78 14.75
C SER F 56 -4.35 15.49 15.22
N GLU F 57 -5.60 15.27 14.82
CA GLU F 57 -6.34 14.10 15.25
C GLU F 57 -6.11 12.89 14.36
N LEU F 58 -5.56 13.12 13.17
CA LEU F 58 -5.28 12.04 12.23
C LEU F 58 -4.30 11.02 12.81
N GLU F 59 -4.68 9.75 12.75
CA GLU F 59 -3.81 8.67 13.21
C GLU F 59 -3.59 7.64 12.10
N VAL F 60 -2.33 7.25 11.92
CA VAL F 60 -1.99 6.17 10.99
C VAL F 60 -1.20 5.07 11.69
N LYS F 61 -1.29 3.85 11.15
CA LYS F 61 -0.62 2.69 11.72
C LYS F 61 0.90 2.84 11.71
N ASN F 62 1.57 2.29 12.71
CA ASN F 62 3.03 2.22 12.68
C ASN F 62 3.52 1.37 11.53
N LEU F 63 4.68 1.70 11.01
CA LEU F 63 5.40 0.83 10.10
C LEU F 63 6.58 0.22 10.85
N GLN F 64 6.53 -1.08 11.09
CA GLN F 64 7.62 -1.77 11.76
C GLN F 64 8.12 -2.91 10.90
N ARG F 65 9.12 -3.64 11.40
CA ARG F 65 9.65 -4.79 10.68
C ARG F 65 8.64 -5.92 10.60
N LEU F 66 8.79 -6.77 9.59
CA LEU F 66 8.09 -8.04 9.56
C LEU F 66 8.70 -8.93 10.65
N SER F 67 7.85 -9.63 11.38
CA SER F 67 8.35 -10.48 12.46
C SER F 67 8.97 -11.76 11.94
N GLY F 68 8.53 -12.20 10.76
CA GLY F 68 8.95 -13.48 10.23
C GLY F 68 10.04 -13.44 9.18
N ALA F 69 10.21 -12.30 8.53
CA ALA F 69 11.19 -12.20 7.45
C ALA F 69 12.58 -11.85 7.98
N MET F 70 13.51 -12.79 7.83
CA MET F 70 14.87 -12.64 8.33
C MET F 70 15.78 -12.07 7.25
N ASP F 71 16.76 -11.27 7.67
CA ASP F 71 17.79 -10.77 6.76
C ASP F 71 18.49 -11.93 6.06
N GLU F 72 18.95 -11.68 4.84
CA GLU F 72 19.66 -12.67 4.02
C GLU F 72 18.76 -13.80 3.52
N LEU F 73 18.10 -14.49 4.45
CA LEU F 73 17.19 -15.57 4.10
C LEU F 73 16.01 -15.11 3.24
N HIS F 74 15.47 -13.92 3.54
CA HIS F 74 14.28 -13.43 2.85
C HIS F 74 14.46 -12.03 2.28
N ASN F 75 15.58 -11.78 1.60
CA ASN F 75 15.86 -10.46 1.06
C ASN F 75 14.80 -9.96 0.08
N GLU F 76 14.36 -10.83 -0.81
CA GLU F 76 13.33 -10.49 -1.79
C GLU F 76 12.06 -9.95 -1.12
N ILE F 77 11.54 -10.69 -0.14
CA ILE F 77 10.41 -10.23 0.66
C ILE F 77 10.69 -8.87 1.32
N LEU F 78 11.88 -8.71 1.88
CA LEU F 78 12.23 -7.47 2.57
C LEU F 78 12.33 -6.29 1.62
N GLU F 79 12.64 -6.55 0.35
CA GLU F 79 12.63 -5.48 -0.64
C GLU F 79 11.21 -4.99 -0.90
N LEU F 80 10.27 -5.93 -0.99
CA LEU F 80 8.87 -5.60 -1.18
C LEU F 80 8.33 -4.85 0.03
N ASP F 81 8.74 -5.30 1.21
CA ASP F 81 8.35 -4.65 2.47
C ASP F 81 8.81 -3.19 2.50
N GLU F 82 10.04 -2.96 2.07
CA GLU F 82 10.59 -1.61 1.95
C GLU F 82 9.77 -0.77 0.96
N LYS F 83 9.34 -1.39 -0.14
CA LYS F 83 8.50 -0.74 -1.12
C LYS F 83 7.14 -0.33 -0.54
N VAL F 84 6.53 -1.23 0.24
CA VAL F 84 5.27 -0.94 0.90
C VAL F 84 5.36 0.25 1.87
N ASP F 85 6.41 0.25 2.68
CA ASP F 85 6.67 1.37 3.60
C ASP F 85 6.78 2.69 2.84
N ASP F 86 7.56 2.68 1.77
CA ASP F 86 7.83 3.88 0.98
C ASP F 86 6.55 4.45 0.34
N LEU F 87 5.73 3.57 -0.22
CA LEU F 87 4.51 4.01 -0.88
C LEU F 87 3.50 4.55 0.13
N ARG F 88 3.50 3.96 1.32
CA ARG F 88 2.65 4.41 2.41
C ARG F 88 3.02 5.83 2.82
N ALA F 89 4.31 6.05 3.07
CA ALA F 89 4.79 7.37 3.46
C ALA F 89 4.44 8.40 2.40
N ASP F 90 4.55 7.99 1.13
CA ASP F 90 4.27 8.86 0.00
C ASP F 90 2.80 9.25 -0.05
N THR F 91 1.93 8.26 0.04
CA THR F 91 0.49 8.46 -0.08
C THR F 91 -0.10 9.31 1.04
N ILE F 92 0.22 8.97 2.28
CA ILE F 92 -0.27 9.71 3.44
C ILE F 92 0.24 11.15 3.44
N SER F 93 1.50 11.32 3.04
CA SER F 93 2.06 12.66 2.87
C SER F 93 1.23 13.52 1.92
N SER F 94 0.88 12.97 0.76
CA SER F 94 0.06 13.66 -0.21
C SER F 94 -1.32 14.01 0.35
N GLN F 95 -1.92 13.07 1.07
CA GLN F 95 -3.23 13.27 1.65
C GLN F 95 -3.20 14.39 2.69
N ILE F 96 -2.12 14.41 3.49
CA ILE F 96 -1.94 15.45 4.50
C ILE F 96 -1.74 16.83 3.86
N GLU F 97 -0.91 16.89 2.83
CA GLU F 97 -0.68 18.14 2.10
C GLU F 97 -1.98 18.69 1.54
N LEU F 98 -2.86 17.79 1.11
CA LEU F 98 -4.16 18.19 0.59
C LEU F 98 -5.03 18.78 1.69
N ALA F 99 -5.03 18.12 2.85
CA ALA F 99 -5.77 18.58 4.02
C ALA F 99 -5.32 19.98 4.45
N VAL F 100 -4.00 20.17 4.50
CA VAL F 100 -3.42 21.45 4.90
C VAL F 100 -3.71 22.52 3.85
N LEU F 101 -3.62 22.14 2.58
CA LEU F 101 -3.91 23.05 1.47
C LEU F 101 -5.33 23.61 1.58
N LEU F 102 -6.30 22.72 1.78
CA LEU F 102 -7.70 23.13 1.89
C LEU F 102 -7.95 23.99 3.12
N SER F 103 -7.29 23.66 4.22
CA SER F 103 -7.36 24.48 5.43
C SER F 103 -6.91 25.91 5.14
N ASN F 104 -5.72 26.06 4.57
CA ASN F 104 -5.17 27.36 4.25
C ASN F 104 -6.01 28.13 3.23
N GLU F 105 -6.52 27.42 2.22
CA GLU F 105 -7.42 28.02 1.25
C GLU F 105 -8.64 28.61 1.97
N GLY F 106 -9.19 27.85 2.91
CA GLY F 106 -10.31 28.29 3.72
C GLY F 106 -10.03 29.54 4.53
N ILE F 107 -8.91 29.54 5.24
CA ILE F 107 -8.53 30.66 6.11
C ILE F 107 -8.35 31.98 5.35
N ILE F 108 -7.58 31.93 4.26
CA ILE F 108 -7.30 33.12 3.46
C ILE F 108 -8.58 33.67 2.80
N ASN F 109 -9.42 32.77 2.31
CA ASN F 109 -10.64 33.16 1.62
C ASN F 109 -11.67 33.85 2.51
N SER F 110 -11.68 33.50 3.79
CA SER F 110 -12.69 34.01 4.71
C SER F 110 -12.46 35.46 5.12
N GLU F 111 -11.30 36.01 4.78
CA GLU F 111 -10.96 37.38 5.14
C GLU F 111 -12.02 38.38 4.68
N ASP F 112 -12.37 38.34 3.39
CA ASP F 112 -13.38 39.22 2.85
C ASP F 112 -14.75 38.97 3.50
N GLU F 113 -14.96 37.76 3.99
CA GLU F 113 -16.22 37.45 4.68
C GLU F 113 -16.28 38.09 6.06
N HIS F 114 -15.12 38.20 6.72
CA HIS F 114 -15.04 38.94 7.97
C HIS F 114 -15.37 40.42 7.77
N LEU F 115 -14.87 40.97 6.67
CA LEU F 115 -15.16 42.37 6.34
C LEU F 115 -16.66 42.55 6.11
N LEU F 116 -17.23 41.67 5.31
CA LEU F 116 -18.67 41.67 5.03
C LEU F 116 -19.50 41.61 6.31
N ALA F 117 -19.05 40.79 7.25
CA ALA F 117 -19.73 40.67 8.54
C ALA F 117 -19.56 41.93 9.39
N LEU F 118 -18.35 42.48 9.40
CA LEU F 118 -18.06 43.71 10.15
C LEU F 118 -18.85 44.90 9.61
N GLU F 119 -19.20 44.83 8.33
CA GLU F 119 -19.94 45.88 7.66
C GLU F 119 -21.39 45.88 8.15
N ARG F 120 -21.92 44.68 8.38
CA ARG F 120 -23.26 44.53 8.92
C ARG F 120 -23.34 45.09 10.34
N LYS F 121 -22.31 44.82 11.12
CA LYS F 121 -22.25 45.28 12.51
C LYS F 121 -22.20 46.80 12.55
N LEU F 122 -21.43 47.38 11.64
CA LEU F 122 -21.25 48.82 11.56
C LEU F 122 -22.54 49.52 11.12
N LYS F 123 -23.26 48.89 10.19
CA LYS F 123 -24.47 49.46 9.61
C LYS F 123 -25.56 49.69 10.67
N LYS F 124 -25.73 48.72 11.56
CA LYS F 124 -26.74 48.81 12.60
C LYS F 124 -26.39 49.89 13.62
N MET F 125 -25.11 49.98 13.98
CA MET F 125 -24.66 50.94 14.99
C MET F 125 -24.75 52.38 14.50
N LEU F 126 -24.45 52.60 13.22
CA LEU F 126 -24.47 53.95 12.66
C LEU F 126 -25.89 54.52 12.55
N GLY F 127 -26.87 53.63 12.47
CA GLY F 127 -28.25 54.05 12.35
C GLY F 127 -28.68 54.34 10.93
N PRO F 128 -29.98 54.61 10.74
CA PRO F 128 -30.58 54.79 9.40
C PRO F 128 -30.25 56.13 8.74
N SER F 129 -29.49 56.98 9.39
CA SER F 129 -29.10 58.27 8.79
C SER F 129 -27.78 58.17 8.01
N ALA F 130 -27.06 57.07 8.21
CA ALA F 130 -25.80 56.85 7.49
C ALA F 130 -26.08 56.27 6.11
N VAL F 131 -25.19 56.54 5.16
CA VAL F 131 -25.37 56.04 3.80
C VAL F 131 -24.37 54.95 3.42
N ASP F 132 -24.88 53.88 2.83
CA ASP F 132 -24.06 52.73 2.43
C ASP F 132 -23.52 52.95 1.02
N ILE F 133 -22.20 52.99 0.88
CA ILE F 133 -21.58 53.22 -0.42
C ILE F 133 -21.44 51.91 -1.21
N GLY F 134 -21.17 50.82 -0.50
CA GLY F 134 -21.09 49.51 -1.12
C GLY F 134 -19.69 48.93 -1.17
N ASN F 135 -18.68 49.76 -0.90
CA ASN F 135 -17.29 49.32 -0.92
C ASN F 135 -16.76 49.05 0.48
N GLY F 136 -17.66 48.79 1.41
CA GLY F 136 -17.29 48.56 2.80
C GLY F 136 -17.23 49.84 3.61
N CYS F 137 -17.69 50.93 3.00
CA CYS F 137 -17.63 52.24 3.63
C CYS F 137 -19.01 52.87 3.80
N PHE F 138 -19.17 53.60 4.90
CA PHE F 138 -20.42 54.31 5.17
C PHE F 138 -20.17 55.81 5.34
N GLU F 139 -21.07 56.62 4.79
CA GLU F 139 -21.01 58.07 4.95
C GLU F 139 -21.89 58.52 6.10
N THR F 140 -21.32 59.27 7.04
CA THR F 140 -22.05 59.68 8.24
C THR F 140 -22.28 61.20 8.31
N LYS F 141 -23.27 61.59 9.10
CA LYS F 141 -23.60 63.01 9.31
C LYS F 141 -22.69 63.64 10.36
N HIS F 142 -22.03 62.80 11.14
CA HIS F 142 -21.26 63.26 12.29
C HIS F 142 -19.77 63.00 12.13
N LYS F 143 -18.97 63.63 12.98
CA LYS F 143 -17.54 63.40 13.02
C LYS F 143 -17.27 62.15 13.85
N CYS F 144 -16.29 61.37 13.44
CA CYS F 144 -15.87 60.19 14.21
C CYS F 144 -14.36 60.16 14.37
N ASN F 145 -13.86 60.69 15.48
CA ASN F 145 -12.41 60.66 15.73
C ASN F 145 -12.03 59.31 16.35
N GLN F 146 -10.79 59.18 16.80
CA GLN F 146 -10.32 57.92 17.40
C GLN F 146 -11.21 57.46 18.56
N THR F 147 -11.68 58.38 19.39
CA THR F 147 -12.52 58.06 20.53
C THR F 147 -13.86 57.48 20.08
N CYS F 148 -14.40 58.04 19.01
CA CYS F 148 -15.65 57.55 18.44
C CYS F 148 -15.48 56.15 17.84
N LEU F 149 -14.41 55.96 17.09
CA LEU F 149 -14.11 54.66 16.47
C LEU F 149 -13.95 53.56 17.50
N ASP F 150 -13.31 53.89 18.62
CA ASP F 150 -13.05 52.91 19.68
C ASP F 150 -14.35 52.36 20.26
N ARG F 151 -15.38 53.21 20.31
CA ARG F 151 -16.67 52.79 20.81
C ARG F 151 -17.43 51.96 19.77
N ILE F 152 -17.14 52.20 18.50
CA ILE F 152 -17.70 51.38 17.43
C ILE F 152 -17.11 49.98 17.51
N ALA F 153 -15.79 49.90 17.62
CA ALA F 153 -15.10 48.63 17.74
C ALA F 153 -15.54 47.87 19.00
N ALA F 154 -16.06 48.61 19.99
CA ALA F 154 -16.48 48.01 21.24
C ALA F 154 -17.98 47.71 21.23
N GLY F 155 -18.66 48.18 20.19
CA GLY F 155 -20.09 47.93 20.05
C GLY F 155 -20.93 48.81 20.96
N THR F 156 -20.32 49.83 21.55
CA THR F 156 -21.01 50.70 22.50
C THR F 156 -21.51 51.98 21.85
N PHE F 157 -21.08 52.24 20.61
CA PHE F 157 -21.43 53.46 19.89
C PHE F 157 -22.94 53.69 19.82
N ASN F 158 -23.36 54.91 20.17
CA ASN F 158 -24.76 55.30 20.08
C ASN F 158 -24.91 56.56 19.24
N ALA F 159 -25.72 56.48 18.19
CA ALA F 159 -25.93 57.62 17.29
C ALA F 159 -26.76 58.72 17.95
N GLY F 160 -27.44 58.38 19.03
CA GLY F 160 -28.27 59.33 19.75
C GLY F 160 -27.44 60.45 20.36
N GLU F 161 -26.19 60.15 20.67
CA GLU F 161 -25.27 61.14 21.24
C GLU F 161 -24.96 62.26 20.26
N PHE F 162 -25.19 62.01 18.98
CA PHE F 162 -25.00 63.03 17.95
C PHE F 162 -26.36 63.52 17.47
N SER F 163 -27.39 63.25 18.28
CA SER F 163 -28.76 63.61 17.95
C SER F 163 -29.22 63.00 16.63
N LEU F 164 -28.81 61.75 16.38
CA LEU F 164 -29.16 61.04 15.18
C LEU F 164 -30.01 59.81 15.52
N PRO F 165 -30.90 59.40 14.59
CA PRO F 165 -31.75 58.23 14.81
C PRO F 165 -30.96 56.94 15.00
N THR F 166 -31.53 56.01 15.77
CA THR F 166 -30.88 54.73 16.01
C THR F 166 -31.85 53.57 15.81
N PHE F 167 -31.29 52.40 15.56
CA PHE F 167 -32.07 51.17 15.57
C PHE F 167 -32.05 50.60 16.98
N ASP F 168 -33.21 50.21 17.48
CA ASP F 168 -33.26 49.52 18.78
C ASP F 168 -33.08 48.03 18.56
N SER F 169 -32.55 47.34 19.57
CA SER F 169 -32.36 45.90 19.48
C SER F 169 -33.55 45.18 20.08
N LEU F 170 -33.94 44.07 19.46
CA LEU F 170 -35.05 43.28 19.98
C LEU F 170 -34.68 42.66 21.32
N ASN F 171 -35.66 42.60 22.22
CA ASN F 171 -35.45 41.97 23.51
C ASN F 171 -35.58 40.46 23.38
N ILE F 172 -34.44 39.77 23.32
CA ILE F 172 -34.45 38.32 23.15
C ILE F 172 -33.55 37.64 24.18
#